data_3L8L
# 
_entry.id   3L8L 
# 
_audit_conform.dict_name       mmcif_pdbx.dic 
_audit_conform.dict_version    5.398 
_audit_conform.dict_location   http://mmcif.pdb.org/dictionaries/ascii/mmcif_pdbx.dic 
# 
loop_
_database_2.database_id 
_database_2.database_code 
_database_2.pdbx_database_accession 
_database_2.pdbx_DOI 
PDB   3L8L         pdb_00003l8l 10.2210/pdb3l8l/pdb 
RCSB  RCSB056969   ?            ?                   
WWPDB D_1000056969 ?            ?                   
# 
loop_
_pdbx_audit_revision_history.ordinal 
_pdbx_audit_revision_history.data_content_type 
_pdbx_audit_revision_history.major_revision 
_pdbx_audit_revision_history.minor_revision 
_pdbx_audit_revision_history.revision_date 
1  'Structure model' 1 0 2010-07-28 
2  'Structure model' 1 1 2011-06-14 
3  'Structure model' 1 2 2011-07-13 
4  'Structure model' 1 3 2011-07-27 
5  'Structure model' 1 4 2012-03-28 
6  'Structure model' 1 5 2012-12-12 
7  'Structure model' 1 6 2013-02-13 
8  'Structure model' 1 7 2023-09-06 
9  'Structure model' 2 0 2023-11-15 
10 'Structure model' 2 1 2024-11-06 
# 
_pdbx_audit_revision_details.ordinal             1 
_pdbx_audit_revision_details.revision_ordinal    1 
_pdbx_audit_revision_details.data_content_type   'Structure model' 
_pdbx_audit_revision_details.provider            repository 
_pdbx_audit_revision_details.type                'Initial release' 
_pdbx_audit_revision_details.description         ? 
_pdbx_audit_revision_details.details             ? 
# 
loop_
_pdbx_audit_revision_group.ordinal 
_pdbx_audit_revision_group.revision_ordinal 
_pdbx_audit_revision_group.data_content_type 
_pdbx_audit_revision_group.group 
1  2  'Structure model' 'Version format compliance' 
2  3  'Structure model' 'Version format compliance' 
3  4  'Structure model' 'Atomic model'              
4  4  'Structure model' 'Database references'       
5  4  'Structure model' 'Derived calculations'      
6  4  'Structure model' 'Non-polymer description'   
7  4  'Structure model' 'Structure summary'         
8  5  'Structure model' 'Database references'       
9  6  'Structure model' Other                       
10 7  'Structure model' 'Derived calculations'      
11 8  'Structure model' 'Data collection'           
12 8  'Structure model' 'Database references'       
13 8  'Structure model' 'Derived calculations'      
14 8  'Structure model' 'Refinement description'    
15 9  'Structure model' 'Atomic model'              
16 9  'Structure model' 'Data collection'           
17 9  'Structure model' 'Derived calculations'      
18 10 'Structure model' 'Structure summary'         
# 
loop_
_pdbx_audit_revision_category.ordinal 
_pdbx_audit_revision_category.revision_ordinal 
_pdbx_audit_revision_category.data_content_type 
_pdbx_audit_revision_category.category 
1  8  'Structure model' chem_comp_atom                
2  8  'Structure model' chem_comp_bond                
3  8  'Structure model' database_2                    
4  8  'Structure model' pdbx_initial_refinement_model 
5  8  'Structure model' pdbx_struct_conn_angle        
6  8  'Structure model' struct_conn                   
7  8  'Structure model' struct_ref_seq_dif            
8  8  'Structure model' struct_site                   
9  9  'Structure model' atom_site                     
10 9  'Structure model' atom_site_anisotrop           
11 9  'Structure model' chem_comp_atom                
12 9  'Structure model' chem_comp_bond                
13 9  'Structure model' struct_conn                   
14 10 'Structure model' pdbx_entry_details            
15 10 'Structure model' pdbx_modification_feature     
# 
loop_
_pdbx_audit_revision_item.ordinal 
_pdbx_audit_revision_item.revision_ordinal 
_pdbx_audit_revision_item.data_content_type 
_pdbx_audit_revision_item.item 
1  8  'Structure model' '_database_2.pdbx_DOI'                         
2  8  'Structure model' '_database_2.pdbx_database_accession'          
3  8  'Structure model' '_pdbx_struct_conn_angle.ptnr1_auth_asym_id'   
4  8  'Structure model' '_pdbx_struct_conn_angle.ptnr1_auth_comp_id'   
5  8  'Structure model' '_pdbx_struct_conn_angle.ptnr1_auth_seq_id'    
6  8  'Structure model' '_pdbx_struct_conn_angle.ptnr1_label_asym_id'  
7  8  'Structure model' '_pdbx_struct_conn_angle.ptnr1_label_comp_id'  
8  8  'Structure model' '_pdbx_struct_conn_angle.ptnr1_label_seq_id'   
9  8  'Structure model' '_pdbx_struct_conn_angle.ptnr3_auth_asym_id'   
10 8  'Structure model' '_pdbx_struct_conn_angle.ptnr3_auth_comp_id'   
11 8  'Structure model' '_pdbx_struct_conn_angle.ptnr3_auth_seq_id'    
12 8  'Structure model' '_pdbx_struct_conn_angle.ptnr3_label_asym_id'  
13 8  'Structure model' '_pdbx_struct_conn_angle.ptnr3_label_comp_id'  
14 8  'Structure model' '_pdbx_struct_conn_angle.ptnr3_label_seq_id'   
15 8  'Structure model' '_pdbx_struct_conn_angle.value'                
16 8  'Structure model' '_struct_conn.conn_type_id'                    
17 8  'Structure model' '_struct_conn.id'                              
18 8  'Structure model' '_struct_conn.pdbx_dist_value'                 
19 8  'Structure model' '_struct_conn.pdbx_leaving_atom_flag'          
20 8  'Structure model' '_struct_conn.pdbx_ptnr1_label_alt_id'         
21 8  'Structure model' '_struct_conn.pdbx_ptnr2_label_alt_id'         
22 8  'Structure model' '_struct_conn.ptnr1_auth_asym_id'              
23 8  'Structure model' '_struct_conn.ptnr1_auth_comp_id'              
24 8  'Structure model' '_struct_conn.ptnr1_auth_seq_id'               
25 8  'Structure model' '_struct_conn.ptnr1_label_asym_id'             
26 8  'Structure model' '_struct_conn.ptnr1_label_atom_id'             
27 8  'Structure model' '_struct_conn.ptnr1_label_comp_id'             
28 8  'Structure model' '_struct_conn.ptnr1_label_seq_id'              
29 8  'Structure model' '_struct_conn.ptnr2_auth_asym_id'              
30 8  'Structure model' '_struct_conn.ptnr2_auth_comp_id'              
31 8  'Structure model' '_struct_conn.ptnr2_auth_seq_id'               
32 8  'Structure model' '_struct_conn.ptnr2_label_asym_id'             
33 8  'Structure model' '_struct_conn.ptnr2_label_atom_id'             
34 8  'Structure model' '_struct_conn.ptnr2_label_comp_id'             
35 8  'Structure model' '_struct_conn.ptnr2_label_seq_id'              
36 8  'Structure model' '_struct_ref_seq_dif.details'                  
37 8  'Structure model' '_struct_site.pdbx_auth_asym_id'               
38 8  'Structure model' '_struct_site.pdbx_auth_comp_id'               
39 8  'Structure model' '_struct_site.pdbx_auth_seq_id'                
40 9  'Structure model' '_atom_site.auth_atom_id'                      
41 9  'Structure model' '_atom_site.label_atom_id'                     
42 9  'Structure model' '_atom_site_anisotrop.pdbx_auth_atom_id'       
43 9  'Structure model' '_atom_site_anisotrop.pdbx_label_atom_id'      
44 9  'Structure model' '_chem_comp_atom.atom_id'                      
45 9  'Structure model' '_chem_comp_bond.atom_id_1'                    
46 9  'Structure model' '_chem_comp_bond.atom_id_2'                    
47 9  'Structure model' '_struct_conn.pdbx_leaving_atom_flag'          
48 10 'Structure model' '_pdbx_entry_details.has_protein_modification' 
# 
_pdbx_database_status.status_code                     REL 
_pdbx_database_status.entry_id                        3L8L 
_pdbx_database_status.recvd_initial_deposition_date   2009-12-31 
_pdbx_database_status.deposit_site                    RCSB 
_pdbx_database_status.process_site                    RCSB 
_pdbx_database_status.status_code_sf                  REL 
_pdbx_database_status.status_code_mr                  ? 
_pdbx_database_status.SG_entry                        ? 
_pdbx_database_status.status_code_cs                  ? 
_pdbx_database_status.pdb_format_compatible           Y 
_pdbx_database_status.status_code_nmr_data            ? 
_pdbx_database_status.methods_development_category    ? 
# 
loop_
_pdbx_database_related.db_name 
_pdbx_database_related.db_id 
_pdbx_database_related.content_type 
_pdbx_database_related.details 
PDB 1TK2 unspecified 'CRYSTAL STRUCTURE OF GRAMICIDIN S COMPLEXED WITH ALKALINE PROTEINASE SAVINASE' 
PDB 2XDC unspecified 'CRYSTAL STRUCTURE OF GRAMICIDIN A FROM CRYSTALS GROWN IN A LIPID CUBIC PHASE.' 
PDB 1AV2 unspecified 'CRYSTAL STRUCTURE OF GRAMICIDIN A COMPLEXED WITH CESIUM CHLORIDE' 
PDB 1BDW unspecified 'CRYSTAL STRUCTURE OF GRAMICIDIN A FROM BACILLUS BREVIS' 
PDB 1C4D unspecified 'CRYSTAL STRUCTURE OF GRAMICIDIN A COMPLEXED WITH CESIUM CHLORIDE' 
PDB 1GMK unspecified 'CRYSTAL STRUCTURE OF GRAMICIDIN A COMPLRXED WITH POTASSIUM THIOCYANATE' 
PDB 1GRM unspecified 'SOLUTION STRUCTURE OF THE GRAMICIDIN A' 
PDB 1JNO unspecified 'SOLUTION STRUCTURE OF GRAMICIDIN A IN SODIUM DODECYL SULFATE MICELLES' 
PDB 1KQE unspecified 'SOLUTION STRUCTURE OF A LINKED SHORTENED GRAMICIDIN A IN BENZENE/ACETONE 10:1' 
PDB 1MAG unspecified 'SOLID STATE NMR STRUCTURE OF GRAMICIDIN A IN HYDRATED DMPC BILAYERS,' 
PDB 1MIC unspecified 'SOLUTION STRUCTURE OF GRAMICIDIN A IN METHANOL IN THE PRESENCE OF CACL' 
PDB 1NG8 unspecified 'SOLUTION STRUCTURE OF GRAMICIDIN A (W15G) IN SODIUM DODECYL SULFATE MICELLES' 
PDB 1NRM unspecified 'SOLUTION STRUCTURE OF GRAMICIDIN A IN DODECYL PHOSPHOCHOLINE MICELLES' 
PDB 1NRU unspecified 'SOLUTION STRUCTURE OF GRAMICIDIN A IN DODECYL PHOSPHOCHOLINE MICELLES IN THE PRESENCE OF EXCESS NA+' 
PDB 1NT5 unspecified 'SOLUTION STRUCTURE OF GRAMICIDIN A (V1F) IN SODIUM DODECYL SULFATE MICELLES' 
PDB 1JO3 unspecified 'SOLUTION STRUCTURE OF GRAMICIDIN B IN SODIUM DODECYL SULFATE MICELLES' 
PDB 1JO4 unspecified 'SOLUTION STRUCTURE OF GRAMICIDIN C IN SODIUM DODECYL SULFATE MICELLES' 
PDB 1NT6 unspecified 'SOLUTION STRUCTURE OF F1-GRAMICIDIN C IN SODIUM DODECYL SULFATE MICELLES' 
PDB 1TKQ unspecified 
'SOLUTION STRUCTURE OF A LINKED UNSYMMETRIC GRAMICIDIN A IN A MEMBRANE-ISOELECTRICAL SOLVENTS MIXTURE, IN THE PRESENCE OF CSCL' 
PDB 1W5U unspecified 'CRYSTAL STRUCTURE OF GRAMICIDIN D IN ETHANOL' 
PDB 2IZQ unspecified 'CRYSTAL STRUCTURE OF GRAMICIDIN D COMPLEX WITH KI IN METHANOL' 
PDB 1AL4 unspecified 'CRYSTAL STRUCTURE OF GRAMICIDIN D IN N-PROPANOL' 
PDB 1ALX unspecified 'CRYSTAL STRUCTURE OF GRAMICIDIN D IN METHANOL' 
PDB 1ALZ unspecified 'CRYSTAL STRUCTURE OF GRAMICIDIN D IN ETHANOL' 
# 
loop_
_audit_author.name 
_audit_author.pdbx_ordinal 
'Olczak, A.'   1 
'Glowka, M.L.' 2 
'Szczesio, M.' 3 
'Bojarska, J.' 4 
'Wawrzak, Z.'  5 
'Duax, W.L.'   6 
# 
_citation.id                        primary 
_citation.title                     
;The first crystal structure of a gramicidin complex with sodium: high-resolution study of a nonstoichiometric gramicidin D-NaI complex.
;
_citation.journal_abbrev            'Acta Crystallogr.,Sect.D' 
_citation.journal_volume            66 
_citation.page_first                874 
_citation.page_last                 880 
_citation.year                      2010 
_citation.journal_id_ASTM           ABCRE6 
_citation.country                   DK 
_citation.journal_id_ISSN           0907-4449 
_citation.journal_id_CSD            0766 
_citation.book_publisher            ? 
_citation.pdbx_database_id_PubMed   20693686 
_citation.pdbx_database_id_DOI      10.1107/S0907444910019876 
# 
loop_
_citation_author.citation_id 
_citation_author.name 
_citation_author.ordinal 
_citation_author.identifier_ORCID 
primary 'Olczak, A.'   1 ? 
primary 'Glowka, M.L.' 2 ? 
primary 'Szczesio, M.' 3 ? 
primary 'Bojarska, J.' 4 ? 
primary 'Wawrzak, Z.'  5 ? 
primary 'Duax, W.L.'   6 ? 
# 
loop_
_entity.id 
_entity.type 
_entity.src_method 
_entity.pdbx_description 
_entity.formula_weight 
_entity.pdbx_number_of_molecules 
_entity.pdbx_ec 
_entity.pdbx_mutation 
_entity.pdbx_fragment 
_entity.details 
1 polymer     nat 'GRAMICIDIN D' 1882.294 2  ? ? ? ? 
2 polymer     nat 'GRAMICIDIN D' 1843.258 2  ? ? ? ? 
3 non-polymer syn 'SODIUM ION'   22.990   4  ? ? ? ? 
4 non-polymer syn 'IODIDE ION'   126.904  7  ? ? ? ? 
5 non-polymer syn METHANOL       32.042   3  ? ? ? ? 
6 water       nat water          18.015   42 ? ? ? ? 
# 
loop_
_entity_name_com.entity_id 
_entity_name_com.name 
1 'VAL-GRAMICIDIN A' 
2 'VAL-GRAMICIDIN A' 
# 
loop_
_entity_poly.entity_id 
_entity_poly.type 
_entity_poly.nstd_linkage 
_entity_poly.nstd_monomer 
_entity_poly.pdbx_seq_one_letter_code 
_entity_poly.pdbx_seq_one_letter_code_can 
_entity_poly.pdbx_strand_id 
_entity_poly.pdbx_target_identifier 
1 'polypeptide(L)' no yes '(FVA)GA(DLE)A(DVA)V(DVA)W(DLE)W(DLE)W(DLE)W(ETA)' VGALAVVVWLWLWLWX A,C ? 
2 'polypeptide(L)' no yes '(FVA)GA(DLE)A(DVA)V(DVA)W(DLE)F(DLE)W(DLE)W(ETA)' VGALAVVVWLFLWLWX B,D ? 
# 
loop_
_pdbx_entity_nonpoly.entity_id 
_pdbx_entity_nonpoly.name 
_pdbx_entity_nonpoly.comp_id 
3 'SODIUM ION' NA  
4 'IODIDE ION' IOD 
5 METHANOL     MOH 
6 water        HOH 
# 
loop_
_entity_poly_seq.entity_id 
_entity_poly_seq.num 
_entity_poly_seq.mon_id 
_entity_poly_seq.hetero 
1 1  FVA n 
1 2  GLY n 
1 3  ALA n 
1 4  DLE n 
1 5  ALA n 
1 6  DVA n 
1 7  VAL n 
1 8  DVA n 
1 9  TRP n 
1 10 DLE n 
1 11 TRP n 
1 12 DLE n 
1 13 TRP n 
1 14 DLE n 
1 15 TRP n 
1 16 ETA n 
2 1  FVA n 
2 2  GLY n 
2 3  ALA n 
2 4  DLE n 
2 5  ALA n 
2 6  DVA n 
2 7  VAL n 
2 8  DVA n 
2 9  TRP n 
2 10 DLE n 
2 11 PHE y 
2 11 TRP y 
2 12 DLE n 
2 13 TRP n 
2 14 DLE n 
2 15 TRP n 
2 16 ETA n 
# 
loop_
_entity_src_nat.entity_id 
_entity_src_nat.pdbx_src_id 
_entity_src_nat.pdbx_alt_source_flag 
_entity_src_nat.pdbx_beg_seq_num 
_entity_src_nat.pdbx_end_seq_num 
_entity_src_nat.common_name 
_entity_src_nat.pdbx_organism_scientific 
_entity_src_nat.pdbx_ncbi_taxonomy_id 
_entity_src_nat.genus 
_entity_src_nat.species 
_entity_src_nat.strain 
_entity_src_nat.tissue 
_entity_src_nat.tissue_fraction 
_entity_src_nat.pdbx_secretion 
_entity_src_nat.pdbx_fragment 
_entity_src_nat.pdbx_variant 
_entity_src_nat.pdbx_cell_line 
_entity_src_nat.pdbx_atcc 
_entity_src_nat.pdbx_cellular_location 
_entity_src_nat.pdbx_organ 
_entity_src_nat.pdbx_organelle 
_entity_src_nat.pdbx_cell 
_entity_src_nat.pdbx_plasmid_name 
_entity_src_nat.pdbx_plasmid_details 
_entity_src_nat.details 
1 1 sample ? ? ? 'BACILLUS BREVIS' 1393 ? ? ? ? ? ? ? ? ? ? ? ? ? ? ? ? ? 
2 1 sample ? ? ? 'BACILLUS BREVIS' 1393 ? ? ? ? ? ? ? ? ? ? ? ? ? ? ? ? ? 
# 
loop_
_chem_comp.id 
_chem_comp.type 
_chem_comp.mon_nstd_flag 
_chem_comp.name 
_chem_comp.pdbx_synonyms 
_chem_comp.formula 
_chem_comp.formula_weight 
ALA 'L-peptide linking'               y ALANINE           ? 'C3 H7 N O2'    89.093  
DLE 'D-peptide linking'               . D-LEUCINE         ? 'C6 H13 N O2'   131.173 
DVA 'D-peptide linking'               . D-VALINE          ? 'C5 H11 N O2'   117.146 
ETA 'L-peptide COOH carboxy terminus' . ETHANOLAMINE      ? 'C2 H7 N O'     61.083  
FVA 'L-peptide linking'               n N-formyl-L-valine ? 'C6 H11 N O3'   145.156 
GLY 'peptide linking'                 y GLYCINE           ? 'C2 H5 N O2'    75.067  
HOH non-polymer                       . WATER             ? 'H2 O'          18.015  
IOD non-polymer                       . 'IODIDE ION'      ? 'I -1'          126.904 
MOH non-polymer                       . METHANOL          ? 'C H4 O'        32.042  
NA  non-polymer                       . 'SODIUM ION'      ? 'Na 1'          22.990  
PHE 'L-peptide linking'               y PHENYLALANINE     ? 'C9 H11 N O2'   165.189 
TRP 'L-peptide linking'               y TRYPTOPHAN        ? 'C11 H12 N2 O2' 204.225 
VAL 'L-peptide linking'               y VALINE            ? 'C5 H11 N O2'   117.146 
# 
loop_
_pdbx_poly_seq_scheme.asym_id 
_pdbx_poly_seq_scheme.entity_id 
_pdbx_poly_seq_scheme.seq_id 
_pdbx_poly_seq_scheme.mon_id 
_pdbx_poly_seq_scheme.ndb_seq_num 
_pdbx_poly_seq_scheme.pdb_seq_num 
_pdbx_poly_seq_scheme.auth_seq_num 
_pdbx_poly_seq_scheme.pdb_mon_id 
_pdbx_poly_seq_scheme.auth_mon_id 
_pdbx_poly_seq_scheme.pdb_strand_id 
_pdbx_poly_seq_scheme.pdb_ins_code 
_pdbx_poly_seq_scheme.hetero 
A 1 1  FVA 1  1  1  FVA FVA A . n 
A 1 2  GLY 2  2  2  GLY GLY A . n 
A 1 3  ALA 3  3  3  ALA ALA A . n 
A 1 4  DLE 4  4  4  DLE DLE A . n 
A 1 5  ALA 5  5  5  ALA ALA A . n 
A 1 6  DVA 6  6  6  DVA DVA A . n 
A 1 7  VAL 7  7  7  VAL VAL A . n 
A 1 8  DVA 8  8  8  DVA DVA A . n 
A 1 9  TRP 9  9  9  TRP TRP A . n 
A 1 10 DLE 10 10 10 DLE DLE A . n 
A 1 11 TRP 11 11 11 TRP TRP A . n 
A 1 12 DLE 12 12 12 DLE DLE A . n 
A 1 13 TRP 13 13 13 TRP TRP A . n 
A 1 14 DLE 14 14 14 DLE DLE A . n 
A 1 15 TRP 15 15 15 TRP TRP A . n 
A 1 16 ETA 16 16 16 ETA ETA A . n 
B 2 1  FVA 1  1  1  FVA FVA B . n 
B 2 2  GLY 2  2  2  GLY GLY B . n 
B 2 3  ALA 3  3  3  ALA ALA B . n 
B 2 4  DLE 4  4  4  DLE DLE B . n 
B 2 5  ALA 5  5  5  ALA ALA B . n 
B 2 6  DVA 6  6  6  DVA DVA B . n 
B 2 7  VAL 7  7  7  VAL VAL B . n 
B 2 8  DVA 8  8  8  DVA DVA B . n 
B 2 9  TRP 9  9  9  TRP TRP B . n 
B 2 10 DLE 10 10 10 DLE DLE B . n 
B 2 11 PHE 11 11 11 PHE PHE B . y 
B 2 11 TRP 11 11 11 TRP TRP B . y 
B 2 12 DLE 12 12 12 DLE DLE B . n 
B 2 13 TRP 13 13 13 TRP TRP B . n 
B 2 14 DLE 14 14 14 DLE DLE B . n 
B 2 15 TRP 15 15 15 TRP TRP B . n 
B 2 16 ETA 16 16 16 ETA ETA B . n 
C 1 1  FVA 1  1  1  FVA FVA C . n 
C 1 2  GLY 2  2  2  GLY GLY C . n 
C 1 3  ALA 3  3  3  ALA ALA C . n 
C 1 4  DLE 4  4  4  DLE DLE C . n 
C 1 5  ALA 5  5  5  ALA ALA C . n 
C 1 6  DVA 6  6  6  DVA DVA C . n 
C 1 7  VAL 7  7  7  VAL VAL C . n 
C 1 8  DVA 8  8  8  DVA DVA C . n 
C 1 9  TRP 9  9  9  TRP TRP C . n 
C 1 10 DLE 10 10 10 DLE DLE C . n 
C 1 11 TRP 11 11 11 TRP TRP C . n 
C 1 12 DLE 12 12 12 DLE DLE C . n 
C 1 13 TRP 13 13 13 TRP TRP C . n 
C 1 14 DLE 14 14 14 DLE DLE C . n 
C 1 15 TRP 15 15 15 TRP TRP C . n 
C 1 16 ETA 16 16 16 ETA ETA C . n 
D 2 1  FVA 1  1  1  FVA FVA D . n 
D 2 2  GLY 2  2  2  GLY GLY D . n 
D 2 3  ALA 3  3  3  ALA ALA D . n 
D 2 4  DLE 4  4  4  DLE DLE D . n 
D 2 5  ALA 5  5  5  ALA ALA D . n 
D 2 6  DVA 6  6  6  DVA DVA D . n 
D 2 7  VAL 7  7  7  VAL VAL D . n 
D 2 8  DVA 8  8  8  DVA DVA D . n 
D 2 9  TRP 9  9  9  TRP TRP D . n 
D 2 10 DLE 10 10 10 DLE DLE D . n 
D 2 11 PHE 11 11 11 PHE PHE D . y 
D 2 11 TRP 11 11 11 TRP TRP D . y 
D 2 12 DLE 12 12 12 DLE DLE D . n 
D 2 13 TRP 13 13 13 TRP TRP D . n 
D 2 14 DLE 14 14 14 DLE DLE D . n 
D 2 15 TRP 15 15 15 TRP TRP D . n 
D 2 16 ETA 16 16 16 ETA ETA D . n 
# 
loop_
_pdbx_nonpoly_scheme.asym_id 
_pdbx_nonpoly_scheme.entity_id 
_pdbx_nonpoly_scheme.mon_id 
_pdbx_nonpoly_scheme.ndb_seq_num 
_pdbx_nonpoly_scheme.pdb_seq_num 
_pdbx_nonpoly_scheme.auth_seq_num 
_pdbx_nonpoly_scheme.pdb_mon_id 
_pdbx_nonpoly_scheme.auth_mon_id 
_pdbx_nonpoly_scheme.pdb_strand_id 
_pdbx_nonpoly_scheme.pdb_ins_code 
E 3 NA  1  1001 1001 NA  NA  A . 
F 4 IOD 1  1020 1020 IOD IOD A . 
G 4 IOD 1  1021 1021 IOD IOD A . 
H 4 IOD 1  1025 1025 IOD IOD A . 
I 5 MOH 1  3001 3001 MOH MOH A . 
J 3 NA  1  1000 1000 NA  NA  B . 
K 4 IOD 1  1026 1026 IOD IOD B . 
L 5 MOH 1  2000 2000 MOH MOH B . 
M 5 MOH 1  3002 3002 MOH MOH B . 
N 3 NA  1  1011 1011 NA  NA  C . 
O 4 IOD 1  1024 1024 IOD IOD C . 
P 3 NA  1  1010 1010 NA  NA  D . 
Q 4 IOD 1  1022 1022 IOD IOD D . 
R 4 IOD 1  1023 1023 IOD IOD D . 
S 6 HOH 1  2001 2001 HOH HOH A . 
S 6 HOH 2  2002 2002 HOH HOH A . 
S 6 HOH 3  2003 2003 HOH HOH A . 
S 6 HOH 4  2004 2004 HOH HOH A . 
S 6 HOH 5  2005 2005 HOH HOH A . 
T 6 HOH 1  2001 2001 HOH HOH B . 
T 6 HOH 2  2002 2002 HOH HOH B . 
T 6 HOH 3  2003 2003 HOH HOH B . 
T 6 HOH 4  2004 2004 HOH HOH B . 
T 6 HOH 5  2005 2005 HOH HOH B . 
T 6 HOH 6  2006 2006 HOH HOH B . 
T 6 HOH 7  2007 2007 HOH HOH B . 
T 6 HOH 8  2008 2008 HOH HOH B . 
T 6 HOH 9  2009 2009 HOH HOH B . 
T 6 HOH 10 2010 2010 HOH HOH B . 
T 6 HOH 11 2011 2011 HOH HOH B . 
T 6 HOH 12 2012 2012 HOH HOH B . 
T 6 HOH 13 2013 2013 HOH HOH B . 
T 6 HOH 14 2014 2014 HOH HOH B . 
U 6 HOH 1  2001 2001 HOH HOH C . 
U 6 HOH 2  2002 2002 HOH HOH C . 
U 6 HOH 3  2003 2003 HOH HOH C . 
U 6 HOH 4  2004 2004 HOH HOH C . 
U 6 HOH 5  2005 2005 HOH HOH C . 
U 6 HOH 6  2006 2006 HOH HOH C . 
U 6 HOH 7  2007 2007 HOH HOH C . 
U 6 HOH 8  2008 2008 HOH HOH C . 
U 6 HOH 9  2009 2009 HOH HOH C . 
V 6 HOH 1  2001 2001 HOH HOH D . 
V 6 HOH 2  2002 2002 HOH HOH D . 
V 6 HOH 3  2003 2003 HOH HOH D . 
V 6 HOH 4  2004 2004 HOH HOH D . 
V 6 HOH 5  2005 2005 HOH HOH D . 
V 6 HOH 6  2006 2006 HOH HOH D . 
V 6 HOH 7  2007 2007 HOH HOH D . 
V 6 HOH 8  2008 2008 HOH HOH D . 
V 6 HOH 9  2009 2009 HOH HOH D . 
V 6 HOH 10 2010 2010 HOH HOH D . 
V 6 HOH 11 2011 2011 HOH HOH D . 
V 6 HOH 12 2012 2012 HOH HOH D . 
V 6 HOH 13 2013 2013 HOH HOH D . 
V 6 HOH 14 2014 2014 HOH HOH D . 
# 
loop_
_software.name 
_software.classification 
_software.version 
_software.citation_id 
_software.pdbx_ordinal 
AMoRE     phasing          . ? 1 
SHELXL-97 refinement       . ? 2 
DENZO     'data reduction' . ? 3 
SCALEPACK 'data scaling'   . ? 4 
# 
_cell.entry_id           3L8L 
_cell.length_a           29.816 
_cell.length_b           31.255 
_cell.length_c           51.667 
_cell.angle_alpha        90.00 
_cell.angle_beta         90.00 
_cell.angle_gamma        90.00 
_cell.Z_PDB              8 
_cell.pdbx_unique_axis   ? 
# 
_symmetry.entry_id                         3L8L 
_symmetry.space_group_name_H-M             'P 21 21 21' 
_symmetry.pdbx_full_space_group_name_H-M   ? 
_symmetry.cell_setting                     ? 
_symmetry.Int_Tables_number                19 
# 
_exptl.entry_id          3L8L 
_exptl.method            'X-RAY DIFFRACTION' 
_exptl.crystals_number   1 
# 
_exptl_crystal.id                    1 
_exptl_crystal.density_meas          ? 
_exptl_crystal.density_Matthews      1.61 
_exptl_crystal.density_percent_sol   23.72 
_exptl_crystal.description           ? 
# 
_exptl_crystal_grow.crystal_id      1 
_exptl_crystal_grow.method          ? 
_exptl_crystal_grow.temp            ? 
_exptl_crystal_grow.temp_details    ? 
_exptl_crystal_grow.pH              ? 
_exptl_crystal_grow.pdbx_pH_range   ? 
_exptl_crystal_grow.pdbx_details    'BATCH CRYSTALLIZATION WITH 30 MG/ML GRAMICIDIN AND SATURATED NAI IN METHANOL' 
# 
_diffrn.id                     1 
_diffrn.ambient_temp           100 
_diffrn.ambient_temp_details   ? 
_diffrn.crystal_id             1 
# 
_diffrn_detector.diffrn_id              1 
_diffrn_detector.detector               CCD 
_diffrn_detector.type                   'MAR CCD 165 mm' 
_diffrn_detector.pdbx_collection_date   2000 
_diffrn_detector.details                ? 
# 
_diffrn_radiation.diffrn_id                        1 
_diffrn_radiation.wavelength_id                    1 
_diffrn_radiation.pdbx_monochromatic_or_laue_m_l   M 
_diffrn_radiation.monochromator                    ? 
_diffrn_radiation.pdbx_diffrn_protocol             'SINGLE WAVELENGTH' 
_diffrn_radiation.pdbx_scattering_type             x-ray 
# 
_diffrn_radiation_wavelength.id           1 
_diffrn_radiation_wavelength.wavelength   0.918 
_diffrn_radiation_wavelength.wt           1.0 
# 
_diffrn_source.diffrn_id                   1 
_diffrn_source.source                      SYNCHROTRON 
_diffrn_source.type                        'APS BEAMLINE 5ID-B' 
_diffrn_source.pdbx_synchrotron_site       APS 
_diffrn_source.pdbx_synchrotron_beamline   5ID-B 
_diffrn_source.pdbx_wavelength             0.918 
_diffrn_source.pdbx_wavelength_list        ? 
# 
_reflns.pdbx_diffrn_id               1 
_reflns.pdbx_ordinal                 1 
_reflns.entry_id                     3L8L 
_reflns.observed_criterion_sigma_I   2.000 
_reflns.observed_criterion_sigma_F   ? 
_reflns.d_resolution_low             26.740 
_reflns.d_resolution_high            1.250 
_reflns.number_obs                   19883 
_reflns.number_all                   ? 
_reflns.percent_possible_obs         ? 
_reflns.pdbx_Rmerge_I_obs            ? 
_reflns.pdbx_Rsym_value              ? 
_reflns.pdbx_netI_over_sigmaI        ? 
_reflns.B_iso_Wilson_estimate        ? 
_reflns.pdbx_redundancy              ? 
# 
_refine.pdbx_refine_id                           'X-RAY DIFFRACTION' 
_refine.entry_id                                 3L8L 
_refine.pdbx_diffrn_id                           1 
_refine.pdbx_TLS_residual_ADP_flag               ? 
_refine.ls_number_reflns_obs                     ? 
_refine.ls_number_reflns_all                     24628 
_refine.pdbx_ls_sigma_I                          ? 
_refine.pdbx_ls_sigma_F                          0.000 
_refine.pdbx_data_cutoff_high_absF               ? 
_refine.pdbx_data_cutoff_low_absF                ? 
_refine.pdbx_data_cutoff_high_rms_absF           ? 
_refine.ls_d_res_low                             26.74 
_refine.ls_d_res_high                            1.25 
_refine.ls_percent_reflns_obs                    100.0 
_refine.ls_R_factor_obs                          ? 
_refine.ls_R_factor_all                          0.164 
_refine.ls_R_factor_R_work                       ? 
_refine.ls_R_factor_R_free                       ? 
_refine.ls_R_factor_R_free_error                 ? 
_refine.ls_R_factor_R_free_error_details         ? 
_refine.ls_percent_reflns_R_free                 ? 
_refine.ls_number_reflns_R_free                  ? 
_refine.ls_number_parameters                     5345 
_refine.ls_number_restraints                     6738 
_refine.occupancy_min                            ? 
_refine.occupancy_max                            ? 
_refine.correlation_coeff_Fo_to_Fc               ? 
_refine.correlation_coeff_Fo_to_Fc_free          ? 
_refine.B_iso_mean                               ? 
_refine.aniso_B[1][1]                            ? 
_refine.aniso_B[2][2]                            ? 
_refine.aniso_B[3][3]                            ? 
_refine.aniso_B[1][2]                            ? 
_refine.aniso_B[1][3]                            ? 
_refine.aniso_B[2][3]                            ? 
_refine.solvent_model_details                    ? 
_refine.solvent_model_param_ksol                 ? 
_refine.solvent_model_param_bsol                 ? 
_refine.pdbx_solvent_vdw_probe_radii             ? 
_refine.pdbx_solvent_ion_probe_radii             ? 
_refine.pdbx_solvent_shrinkage_radii             ? 
_refine.pdbx_ls_cross_valid_method               'FREE R' 
_refine.details                                  ? 
_refine.pdbx_starting_model                      'PDB ENTRY 1W5U' 
_refine.pdbx_method_to_determine_struct          'MOLECULAR REPLACEMENT' 
_refine.pdbx_isotropic_thermal_model             ? 
_refine.pdbx_stereochemistry_target_values       'ENGH AND HUBER' 
_refine.pdbx_stereochem_target_val_spec_case     ? 
_refine.pdbx_R_Free_selection_details            RANDOM 
_refine.pdbx_overall_ESU_R                       ? 
_refine.pdbx_overall_ESU_R_Free                  ? 
_refine.overall_SU_ML                            ? 
_refine.pdbx_overall_phase_error                 ? 
_refine.overall_SU_B                             ? 
_refine.overall_SU_R_Cruickshank_DPI             ? 
_refine.pdbx_overall_SU_R_free_Cruickshank_DPI   ? 
_refine.pdbx_overall_SU_R_Blow_DPI               ? 
_refine.pdbx_overall_SU_R_free_Blow_DPI          ? 
# 
_refine_analyze.pdbx_refine_id                  'X-RAY DIFFRACTION' 
_refine_analyze.entry_id                        3L8L 
_refine_analyze.Luzzati_coordinate_error_obs    ? 
_refine_analyze.Luzzati_sigma_a_obs             ? 
_refine_analyze.Luzzati_d_res_low_obs           ? 
_refine_analyze.Luzzati_coordinate_error_free   ? 
_refine_analyze.Luzzati_sigma_a_free            ? 
_refine_analyze.Luzzati_d_res_low_free          ? 
_refine_analyze.number_disordered_residues      26 
_refine_analyze.occupancy_sum_hydrogen          556.13 
_refine_analyze.occupancy_sum_non_hydrogen      566.51 
# 
_refine_hist.pdbx_refine_id                   'X-RAY DIFFRACTION' 
_refine_hist.cycle_id                         LAST 
_refine_hist.pdbx_number_atoms_protein        566 
_refine_hist.pdbx_number_atoms_nucleic_acid   0 
_refine_hist.pdbx_number_atoms_ligand         17 
_refine_hist.number_atoms_solvent             42 
_refine_hist.number_atoms_total               625 
_refine_hist.d_res_high                       1.25 
_refine_hist.d_res_low                        26.74 
# 
loop_
_refine_ls_restr.type 
_refine_ls_restr.dev_ideal 
_refine_ls_restr.dev_ideal_target 
_refine_ls_restr.weight 
_refine_ls_restr.number 
_refine_ls_restr.pdbx_refine_id 
_refine_ls_restr.pdbx_restraint_function 
s_bond_d               0.015 ? ? ? 'X-RAY DIFFRACTION' ? 
s_angle_d              0.035 ? ? ? 'X-RAY DIFFRACTION' ? 
s_similar_dist         0.000 ? ? ? 'X-RAY DIFFRACTION' ? 
s_from_restr_planes    0.033 ? ? ? 'X-RAY DIFFRACTION' ? 
s_zero_chiral_vol      0.146 ? ? ? 'X-RAY DIFFRACTION' ? 
s_non_zero_chiral_vol  0.126 ? ? ? 'X-RAY DIFFRACTION' ? 
s_anti_bump_dis_restr  0.000 ? ? ? 'X-RAY DIFFRACTION' ? 
s_rigid_bond_adp_cmpnt 0.006 ? ? ? 'X-RAY DIFFRACTION' ? 
s_similar_adp_cmpnt    0.041 ? ? ? 'X-RAY DIFFRACTION' ? 
s_approx_iso_adps      0.000 ? ? ? 'X-RAY DIFFRACTION' ? 
# 
_pdbx_refine.pdbx_refine_id                              'X-RAY DIFFRACTION' 
_pdbx_refine.entry_id                                    3L8L 
_pdbx_refine.R_factor_all_no_cutoff                      0.164 
_pdbx_refine.R_factor_obs_no_cutoff                      ? 
_pdbx_refine.free_R_factor_no_cutoff                     ? 
_pdbx_refine.free_R_error_no_cutoff                      ? 
_pdbx_refine.free_R_val_test_set_size_perc_no_cutoff     ? 
_pdbx_refine.free_R_val_test_set_ct_no_cutoff            ? 
_pdbx_refine.R_factor_all_4sig_cutoff                    0.153 
_pdbx_refine.R_factor_obs_4sig_cutoff                    ? 
_pdbx_refine.free_R_factor_4sig_cutoff                   ? 
_pdbx_refine.free_R_val_test_set_size_perc_4sig_cutoff   ? 
_pdbx_refine.free_R_val_test_set_ct_4sig_cutoff          ? 
_pdbx_refine.number_reflns_obs_4sig_cutoff               19883 
# 
_struct.entry_id                  3L8L 
_struct.title                     'Gramicidin D complex with sodium iodide' 
_struct.pdbx_model_details        ? 
_struct.pdbx_CASP_flag            ? 
_struct.pdbx_model_type_details   ? 
# 
_struct_keywords.entry_id        3L8L 
_struct_keywords.pdbx_keywords   ANTIBIOTIC 
_struct_keywords.text            
'GRAMICIDIN, ANTIFUNGAL, ANTIBACTERIAL, ANTIBIOTIC, MEMBRANE ION CHANNEL, LINEAR GRAMICIDIN, GRAMICIDIN-NAI COMPLEX' 
# 
loop_
_struct_asym.id 
_struct_asym.pdbx_blank_PDB_chainid_flag 
_struct_asym.pdbx_modified 
_struct_asym.entity_id 
_struct_asym.details 
A N N 1 ? 
B N N 2 ? 
C N N 1 ? 
D N N 2 ? 
E N N 3 ? 
F N N 4 ? 
G N N 4 ? 
H N N 4 ? 
I N N 5 ? 
J N N 3 ? 
K N N 4 ? 
L N N 5 ? 
M N N 5 ? 
N N N 3 ? 
O N N 4 ? 
P N N 3 ? 
Q N N 4 ? 
R N N 4 ? 
S N N 6 ? 
T N N 6 ? 
U N N 6 ? 
V N N 6 ? 
# 
loop_
_struct_ref.id 
_struct_ref.db_name 
_struct_ref.db_code 
_struct_ref.entity_id 
_struct_ref.pdbx_seq_one_letter_code 
_struct_ref.pdbx_align_begin 
_struct_ref.pdbx_db_accession 
_struct_ref.pdbx_db_isoform 
1 NOR NOR00243 1 ? ? NOR00243 ? 
2 NOR NOR00243 2 ? ? NOR00243 ? 
# 
loop_
_struct_ref_seq.align_id 
_struct_ref_seq.ref_id 
_struct_ref_seq.pdbx_PDB_id_code 
_struct_ref_seq.pdbx_strand_id 
_struct_ref_seq.seq_align_beg 
_struct_ref_seq.pdbx_seq_align_beg_ins_code 
_struct_ref_seq.seq_align_end 
_struct_ref_seq.pdbx_seq_align_end_ins_code 
_struct_ref_seq.pdbx_db_accession 
_struct_ref_seq.db_align_beg 
_struct_ref_seq.pdbx_db_align_beg_ins_code 
_struct_ref_seq.db_align_end 
_struct_ref_seq.pdbx_db_align_end_ins_code 
_struct_ref_seq.pdbx_auth_seq_align_beg 
_struct_ref_seq.pdbx_auth_seq_align_end 
1 1 3L8L A 1 ? 16 ? NOR00243 1 ? 16 ? 1 16 
2 2 3L8L B 1 ? 16 ? NOR00243 1 ? 16 ? 1 16 
3 1 3L8L C 1 ? 16 ? NOR00243 1 ? 16 ? 1 16 
4 2 3L8L D 1 ? 16 ? NOR00243 1 ? 16 ? 1 16 
# 
loop_
_struct_ref_seq_dif.align_id 
_struct_ref_seq_dif.pdbx_pdb_id_code 
_struct_ref_seq_dif.mon_id 
_struct_ref_seq_dif.pdbx_pdb_strand_id 
_struct_ref_seq_dif.seq_num 
_struct_ref_seq_dif.pdbx_pdb_ins_code 
_struct_ref_seq_dif.pdbx_seq_db_name 
_struct_ref_seq_dif.pdbx_seq_db_accession_code 
_struct_ref_seq_dif.db_mon_id 
_struct_ref_seq_dif.pdbx_seq_db_seq_num 
_struct_ref_seq_dif.details 
_struct_ref_seq_dif.pdbx_auth_seq_num 
_struct_ref_seq_dif.pdbx_ordinal 
2 3L8L PHE B 11 ? NOR NOR00243 TRP 11 microheterogeneity 11 1 
4 3L8L PHE D 11 ? NOR NOR00243 TRP 11 microheterogeneity 11 2 
# 
loop_
_pdbx_struct_assembly.id 
_pdbx_struct_assembly.details 
_pdbx_struct_assembly.method_details 
_pdbx_struct_assembly.oligomeric_details 
_pdbx_struct_assembly.oligomeric_count 
1 author_and_software_defined_assembly PISA dimeric 2 
2 author_and_software_defined_assembly PISA dimeric 2 
# 
loop_
_pdbx_struct_assembly_prop.biol_id 
_pdbx_struct_assembly_prop.type 
_pdbx_struct_assembly_prop.value 
_pdbx_struct_assembly_prop.details 
1 'ABSA (A^2)' 2450 ? 
1 MORE         -13  ? 
1 'SSA (A^2)'  2930 ? 
2 'ABSA (A^2)' 2380 ? 
2 MORE         -12  ? 
2 'SSA (A^2)'  2900 ? 
# 
loop_
_pdbx_struct_assembly_gen.assembly_id 
_pdbx_struct_assembly_gen.oper_expression 
_pdbx_struct_assembly_gen.asym_id_list 
1 1 A,B,E,F,G,H,I,J,K,L,M,S,T 
2 1 C,D,N,O,P,Q,R,U,V         
# 
_pdbx_struct_oper_list.id                   1 
_pdbx_struct_oper_list.type                 'identity operation' 
_pdbx_struct_oper_list.name                 1_555 
_pdbx_struct_oper_list.symmetry_operation   x,y,z 
_pdbx_struct_oper_list.matrix[1][1]         1.0000000000 
_pdbx_struct_oper_list.matrix[1][2]         0.0000000000 
_pdbx_struct_oper_list.matrix[1][3]         0.0000000000 
_pdbx_struct_oper_list.vector[1]            0.0000000000 
_pdbx_struct_oper_list.matrix[2][1]         0.0000000000 
_pdbx_struct_oper_list.matrix[2][2]         1.0000000000 
_pdbx_struct_oper_list.matrix[2][3]         0.0000000000 
_pdbx_struct_oper_list.vector[2]            0.0000000000 
_pdbx_struct_oper_list.matrix[3][1]         0.0000000000 
_pdbx_struct_oper_list.matrix[3][2]         0.0000000000 
_pdbx_struct_oper_list.matrix[3][3]         1.0000000000 
_pdbx_struct_oper_list.vector[3]            0.0000000000 
# 
_struct_biol.id   1 
# 
loop_
_struct_conn.id 
_struct_conn.conn_type_id 
_struct_conn.pdbx_leaving_atom_flag 
_struct_conn.pdbx_PDB_id 
_struct_conn.ptnr1_label_asym_id 
_struct_conn.ptnr1_label_comp_id 
_struct_conn.ptnr1_label_seq_id 
_struct_conn.ptnr1_label_atom_id 
_struct_conn.pdbx_ptnr1_label_alt_id 
_struct_conn.pdbx_ptnr1_PDB_ins_code 
_struct_conn.pdbx_ptnr1_standard_comp_id 
_struct_conn.ptnr1_symmetry 
_struct_conn.ptnr2_label_asym_id 
_struct_conn.ptnr2_label_comp_id 
_struct_conn.ptnr2_label_seq_id 
_struct_conn.ptnr2_label_atom_id 
_struct_conn.pdbx_ptnr2_label_alt_id 
_struct_conn.pdbx_ptnr2_PDB_ins_code 
_struct_conn.ptnr1_auth_asym_id 
_struct_conn.ptnr1_auth_comp_id 
_struct_conn.ptnr1_auth_seq_id 
_struct_conn.ptnr2_auth_asym_id 
_struct_conn.ptnr2_auth_comp_id 
_struct_conn.ptnr2_auth_seq_id 
_struct_conn.ptnr2_symmetry 
_struct_conn.pdbx_ptnr3_label_atom_id 
_struct_conn.pdbx_ptnr3_label_seq_id 
_struct_conn.pdbx_ptnr3_label_comp_id 
_struct_conn.pdbx_ptnr3_label_asym_id 
_struct_conn.pdbx_ptnr3_label_alt_id 
_struct_conn.pdbx_ptnr3_PDB_ins_code 
_struct_conn.details 
_struct_conn.pdbx_dist_value 
_struct_conn.pdbx_value_order 
_struct_conn.pdbx_role 
covale1  covale both ? A FVA 1  C  ? ? ? 1_555 A GLY 2  N  ? ? A FVA 1    A GLY 2    1_555 ? ? ? ? ? ? ? 1.327 ? ? 
covale2  covale both ? A ALA 3  C  ? ? ? 1_555 A DLE 4  N  ? ? A ALA 3    A DLE 4    1_555 ? ? ? ? ? ? ? 1.311 ? ? 
covale3  covale both ? A DLE 4  C  ? ? ? 1_555 A ALA 5  N  ? ? A DLE 4    A ALA 5    1_555 ? ? ? ? ? ? ? 1.311 ? ? 
covale4  covale both ? A ALA 5  C  ? ? ? 1_555 A DVA 6  N  ? ? A ALA 5    A DVA 6    1_555 ? ? ? ? ? ? ? 1.326 ? ? 
covale5  covale both ? A DVA 6  C  ? ? ? 1_555 A VAL 7  N  ? ? A DVA 6    A VAL 7    1_555 ? ? ? ? ? ? ? 1.314 ? ? 
covale6  covale both ? A VAL 7  C  ? ? ? 1_555 A DVA 8  N  ? ? A VAL 7    A DVA 8    1_555 ? ? ? ? ? ? ? 1.336 ? ? 
covale7  covale both ? A DVA 8  C  ? ? ? 1_555 A TRP 9  N  ? ? A DVA 8    A TRP 9    1_555 ? ? ? ? ? ? ? 1.283 ? ? 
covale8  covale both ? A TRP 9  C  ? ? ? 1_555 A DLE 10 N  ? ? A TRP 9    A DLE 10   1_555 ? ? ? ? ? ? ? 1.339 ? ? 
covale9  covale both ? A DLE 10 C  ? ? ? 1_555 A TRP 11 N  ? ? A DLE 10   A TRP 11   1_555 ? ? ? ? ? ? ? 1.314 ? ? 
covale10 covale both ? A TRP 11 C  ? ? ? 1_555 A DLE 12 N  ? ? A TRP 11   A DLE 12   1_555 ? ? ? ? ? ? ? 1.316 ? ? 
covale11 covale both ? A DLE 12 C  ? ? ? 1_555 A TRP 13 N  ? ? A DLE 12   A TRP 13   1_555 ? ? ? ? ? ? ? 1.335 ? ? 
covale12 covale both ? A TRP 13 C  ? ? ? 1_555 A DLE 14 N  ? ? A TRP 13   A DLE 14   1_555 ? ? ? ? ? ? ? 1.319 ? ? 
covale13 covale both ? A DLE 14 C  ? ? ? 1_555 A TRP 15 N  ? ? A DLE 14   A TRP 15   1_555 ? ? ? ? ? ? ? 1.293 ? ? 
covale14 covale both ? A TRP 15 C  ? ? ? 1_555 A ETA 16 N  ? ? A TRP 15   A ETA 16   1_555 ? ? ? ? ? ? ? 1.309 ? ? 
covale15 covale both ? B FVA 1  C  ? ? ? 1_555 B GLY 2  N  ? ? B FVA 1    B GLY 2    1_555 ? ? ? ? ? ? ? 1.287 ? ? 
covale16 covale both ? B ALA 3  C  ? ? ? 1_555 B DLE 4  N  ? ? B ALA 3    B DLE 4    1_555 ? ? ? ? ? ? ? 1.329 ? ? 
covale17 covale both ? B DLE 4  C  ? ? ? 1_555 B ALA 5  N  ? ? B DLE 4    B ALA 5    1_555 ? ? ? ? ? ? ? 1.320 ? ? 
covale18 covale both ? B ALA 5  C  ? ? ? 1_555 B DVA 6  N  ? ? B ALA 5    B DVA 6    1_555 ? ? ? ? ? ? ? 1.330 ? ? 
covale19 covale both ? B DVA 6  C  ? ? ? 1_555 B VAL 7  N  ? ? B DVA 6    B VAL 7    1_555 ? ? ? ? ? ? ? 1.313 ? ? 
covale20 covale both ? B VAL 7  C  ? ? ? 1_555 B DVA 8  N  ? ? B VAL 7    B DVA 8    1_555 ? ? ? ? ? ? ? 1.294 ? ? 
covale21 covale both ? B DVA 8  C  ? ? ? 1_555 B TRP 9  N  ? ? B DVA 8    B TRP 9    1_555 ? ? ? ? ? ? ? 1.342 ? ? 
covale22 covale both ? B TRP 9  C  ? ? ? 1_555 B DLE 10 N  ? ? B TRP 9    B DLE 10   1_555 ? ? ? ? ? ? ? 1.344 ? ? 
covale23 covale both ? B DLE 10 C  ? ? ? 1_555 B TRP 11 N  A ? B DLE 10   B TRP 11   1_555 ? ? ? ? ? ? ? 1.321 ? ? 
covale24 covale both ? B DLE 10 C  ? ? ? 1_555 B PHE 11 N  B ? B DLE 10   B PHE 11   1_555 ? ? ? ? ? ? ? 1.275 ? ? 
covale25 covale both ? B TRP 11 C  A ? ? 1_555 B DLE 12 N  ? ? B TRP 11   B DLE 12   1_555 ? ? ? ? ? ? ? 1.324 ? ? 
covale26 covale both ? B PHE 11 C  B ? ? 1_555 B DLE 12 N  ? ? B PHE 11   B DLE 12   1_555 ? ? ? ? ? ? ? 1.404 ? ? 
covale27 covale both ? B DLE 12 C  ? ? ? 1_555 B TRP 13 N  ? ? B DLE 12   B TRP 13   1_555 ? ? ? ? ? ? ? 1.325 ? ? 
covale28 covale both ? B TRP 13 C  ? ? ? 1_555 B DLE 14 N  ? ? B TRP 13   B DLE 14   1_555 ? ? ? ? ? ? ? 1.336 ? ? 
covale29 covale both ? B DLE 14 C  ? ? ? 1_555 B TRP 15 N  ? ? B DLE 14   B TRP 15   1_555 ? ? ? ? ? ? ? 1.328 ? ? 
covale30 covale both ? B TRP 15 C  ? ? ? 1_555 B ETA 16 N  B ? B TRP 15   B ETA 16   1_555 ? ? ? ? ? ? ? 1.340 ? ? 
covale31 covale both ? B TRP 15 C  ? ? ? 1_555 B ETA 16 N  A ? B TRP 15   B ETA 16   1_555 ? ? ? ? ? ? ? 1.336 ? ? 
covale32 covale both ? C FVA 1  C  ? ? ? 1_555 C GLY 2  N  ? ? C FVA 1    C GLY 2    1_555 ? ? ? ? ? ? ? 1.317 ? ? 
covale33 covale both ? C ALA 3  C  ? ? ? 1_555 C DLE 4  N  ? ? C ALA 3    C DLE 4    1_555 ? ? ? ? ? ? ? 1.329 ? ? 
covale34 covale both ? C DLE 4  C  ? ? ? 1_555 C ALA 5  N  ? ? C DLE 4    C ALA 5    1_555 ? ? ? ? ? ? ? 1.287 ? ? 
covale35 covale both ? C ALA 5  C  ? ? ? 1_555 C DVA 6  N  ? ? C ALA 5    C DVA 6    1_555 ? ? ? ? ? ? ? 1.309 ? ? 
covale36 covale both ? C DVA 6  C  ? ? ? 1_555 C VAL 7  N  ? ? C DVA 6    C VAL 7    1_555 ? ? ? ? ? ? ? 1.324 ? ? 
covale37 covale both ? C VAL 7  C  ? ? ? 1_555 C DVA 8  N  ? ? C VAL 7    C DVA 8    1_555 ? ? ? ? ? ? ? 1.318 ? ? 
covale38 covale both ? C DVA 8  C  ? ? ? 1_555 C TRP 9  N  ? ? C DVA 8    C TRP 9    1_555 ? ? ? ? ? ? ? 1.305 ? ? 
covale39 covale both ? C TRP 9  C  ? ? ? 1_555 C DLE 10 N  ? ? C TRP 9    C DLE 10   1_555 ? ? ? ? ? ? ? 1.317 ? ? 
covale40 covale both ? C DLE 10 C  ? ? ? 1_555 C TRP 11 N  ? ? C DLE 10   C TRP 11   1_555 ? ? ? ? ? ? ? 1.347 ? ? 
covale41 covale both ? C TRP 11 C  ? ? ? 1_555 C DLE 12 N  ? ? C TRP 11   C DLE 12   1_555 ? ? ? ? ? ? ? 1.328 ? ? 
covale42 covale both ? C DLE 12 C  ? ? ? 1_555 C TRP 13 N  ? ? C DLE 12   C TRP 13   1_555 ? ? ? ? ? ? ? 1.317 ? ? 
covale43 covale both ? C TRP 13 C  ? ? ? 1_555 C DLE 14 N  ? ? C TRP 13   C DLE 14   1_555 ? ? ? ? ? ? ? 1.313 ? ? 
covale44 covale both ? C DLE 14 C  ? ? ? 1_555 C TRP 15 N  ? ? C DLE 14   C TRP 15   1_555 ? ? ? ? ? ? ? 1.326 ? ? 
covale45 covale both ? C TRP 15 C  ? ? ? 1_555 C ETA 16 N  B ? C TRP 15   C ETA 16   1_555 ? ? ? ? ? ? ? 1.327 ? ? 
covale46 covale both ? C TRP 15 C  ? ? ? 1_555 C ETA 16 N  A ? C TRP 15   C ETA 16   1_555 ? ? ? ? ? ? ? 1.327 ? ? 
covale47 covale both ? D FVA 1  C  ? ? ? 1_555 D GLY 2  N  ? ? D FVA 1    D GLY 2    1_555 ? ? ? ? ? ? ? 1.321 ? ? 
covale48 covale both ? D ALA 3  C  ? ? ? 1_555 D DLE 4  N  ? ? D ALA 3    D DLE 4    1_555 ? ? ? ? ? ? ? 1.321 ? ? 
covale49 covale both ? D DLE 4  C  ? ? ? 1_555 D ALA 5  N  ? ? D DLE 4    D ALA 5    1_555 ? ? ? ? ? ? ? 1.322 ? ? 
covale50 covale both ? D ALA 5  C  ? ? ? 1_555 D DVA 6  N  ? ? D ALA 5    D DVA 6    1_555 ? ? ? ? ? ? ? 1.339 ? ? 
covale51 covale both ? D DVA 6  C  ? ? ? 1_555 D VAL 7  N  ? ? D DVA 6    D VAL 7    1_555 ? ? ? ? ? ? ? 1.315 ? ? 
covale52 covale both ? D VAL 7  C  ? ? ? 1_555 D DVA 8  N  ? ? D VAL 7    D DVA 8    1_555 ? ? ? ? ? ? ? 1.337 ? ? 
covale53 covale both ? D DVA 8  C  ? ? ? 1_555 D TRP 9  N  ? ? D DVA 8    D TRP 9    1_555 ? ? ? ? ? ? ? 1.302 ? ? 
covale54 covale both ? D TRP 9  C  ? ? ? 1_555 D DLE 10 N  ? ? D TRP 9    D DLE 10   1_555 ? ? ? ? ? ? ? 1.333 ? ? 
covale55 covale both ? D DLE 10 C  ? ? ? 1_555 D TRP 11 N  A ? D DLE 10   D TRP 11   1_555 ? ? ? ? ? ? ? 1.344 ? ? 
covale56 covale both ? D DLE 10 C  ? ? ? 1_555 D PHE 11 N  B ? D DLE 10   D PHE 11   1_555 ? ? ? ? ? ? ? 1.374 ? ? 
covale57 covale both ? D TRP 11 C  A ? ? 1_555 D DLE 12 N  ? ? D TRP 11   D DLE 12   1_555 ? ? ? ? ? ? ? 1.318 ? ? 
covale58 covale both ? D PHE 11 C  B ? ? 1_555 D DLE 12 N  ? ? D PHE 11   D DLE 12   1_555 ? ? ? ? ? ? ? 1.278 ? ? 
covale59 covale both ? D DLE 12 C  ? ? ? 1_555 D TRP 13 N  ? ? D DLE 12   D TRP 13   1_555 ? ? ? ? ? ? ? 1.332 ? ? 
covale60 covale both ? D TRP 13 C  ? ? ? 1_555 D DLE 14 N  ? ? D TRP 13   D DLE 14   1_555 ? ? ? ? ? ? ? 1.311 ? ? 
covale61 covale both ? D DLE 14 C  ? ? ? 1_555 D TRP 15 N  ? ? D DLE 14   D TRP 15   1_555 ? ? ? ? ? ? ? 1.335 ? ? 
covale62 covale both ? D TRP 15 C  ? ? ? 1_555 D ETA 16 N  ? ? D TRP 15   D ETA 16   1_555 ? ? ? ? ? ? ? 1.306 ? ? 
metalc1  metalc ?    ? A DVA 8  O  ? ? ? 1_555 E NA  .  NA ? ? A DVA 8    A NA  1001 1_555 ? ? ? ? ? ? ? 2.588 ? ? 
metalc2  metalc ?    ? A DVA 8  O  ? ? ? 1_555 J NA  .  NA ? ? A DVA 8    B NA  1000 1_555 ? ? ? ? ? ? ? 2.338 ? ? 
metalc3  metalc ?    ? A DLE 10 O  ? ? ? 1_555 E NA  .  NA ? ? A DLE 10   A NA  1001 1_555 ? ? ? ? ? ? ? 3.171 ? ? 
metalc4  metalc ?    ? E NA  .  NA ? ? ? 1_555 B DVA 6  O  ? ? A NA  1001 B DVA 6    1_555 ? ? ? ? ? ? ? 2.527 ? ? 
metalc5  metalc ?    ? E NA  .  NA ? ? ? 1_555 T HOH .  O  ? ? A NA  1001 B HOH 2005 1_555 ? ? ? ? ? ? ? 2.825 ? ? 
metalc6  metalc ?    ? E NA  .  NA ? ? ? 1_555 T HOH .  O  ? ? A NA  1001 B HOH 2006 1_555 ? ? ? ? ? ? ? 2.279 ? ? 
metalc7  metalc ?    ? E NA  .  NA ? ? ? 1_555 T HOH .  O  ? ? A NA  1001 B HOH 2009 1_555 ? ? ? ? ? ? ? 2.053 ? ? 
metalc8  metalc ?    ? E NA  .  NA ? ? ? 1_555 T HOH .  O  ? ? A NA  1001 B HOH 2010 1_555 ? ? ? ? ? ? ? 2.381 ? ? 
metalc9  metalc ?    ? B DVA 6  O  ? ? ? 1_555 J NA  .  NA ? ? B DVA 6    B NA  1000 1_555 ? ? ? ? ? ? ? 2.703 ? ? 
metalc10 metalc ?    ? J NA  .  NA ? ? ? 1_555 T HOH .  O  ? ? B NA  1000 B HOH 2005 1_555 ? ? ? ? ? ? ? 2.875 ? ? 
metalc11 metalc ?    ? J NA  .  NA ? ? ? 1_555 T HOH .  O  ? ? B NA  1000 B HOH 2006 1_555 ? ? ? ? ? ? ? 2.041 ? ? 
metalc12 metalc ?    ? J NA  .  NA ? ? ? 1_555 T HOH .  O  ? ? B NA  1000 B HOH 2009 1_555 ? ? ? ? ? ? ? 2.464 ? ? 
metalc13 metalc ?    ? J NA  .  NA ? ? ? 1_555 T HOH .  O  ? ? B NA  1000 B HOH 2010 1_555 ? ? ? ? ? ? ? 2.793 ? ? 
metalc14 metalc ?    ? C DVA 8  O  ? ? ? 1_555 N NA  .  NA ? ? C DVA 8    C NA  1011 1_555 ? ? ? ? ? ? ? 2.658 ? ? 
metalc15 metalc ?    ? C DLE 10 O  ? ? ? 1_555 N NA  .  NA ? ? C DLE 10   C NA  1011 1_555 ? ? ? ? ? ? ? 3.004 ? ? 
metalc16 metalc ?    ? C DLE 10 O  ? ? ? 1_555 P NA  .  NA ? ? C DLE 10   D NA  1010 1_555 ? ? ? ? ? ? ? 2.286 ? ? 
metalc17 metalc ?    ? N NA  .  NA ? ? ? 1_555 U HOH .  O  ? ? C NA  1011 C HOH 2005 1_555 ? ? ? ? ? ? ? 2.240 ? ? 
metalc18 metalc ?    ? N NA  .  NA ? ? ? 1_555 U HOH .  O  ? ? C NA  1011 C HOH 2007 1_555 ? ? ? ? ? ? ? 2.248 ? ? 
metalc19 metalc ?    ? N NA  .  NA ? ? ? 1_555 D DVA 6  O  ? ? C NA  1011 D DVA 6    1_555 ? ? ? ? ? ? ? 2.418 ? ? 
metalc20 metalc ?    ? N NA  .  NA ? ? ? 1_555 V HOH .  O  ? ? C NA  1011 D HOH 2008 1_555 ? ? ? ? ? ? ? 2.238 ? ? 
metalc21 metalc ?    ? N NA  .  NA ? ? ? 1_555 V HOH .  O  ? ? C NA  1011 D HOH 2009 1_555 ? ? ? ? ? ? ? 2.897 ? ? 
metalc22 metalc ?    ? N NA  .  NA ? ? ? 1_555 V HOH .  O  ? ? C NA  1011 D HOH 2011 1_555 ? ? ? ? ? ? ? 2.387 ? ? 
metalc23 metalc ?    ? D DLE 4  O  ? ? ? 1_555 P NA  .  NA ? ? D DLE 4    D NA  1010 1_555 ? ? ? ? ? ? ? 2.698 ? ? 
metalc24 metalc ?    ? P NA  .  NA ? ? ? 1_555 V HOH .  O  ? ? D NA  1010 D HOH 2003 1_555 ? ? ? ? ? ? ? 2.835 ? ? 
metalc25 metalc ?    ? P NA  .  NA ? ? ? 1_555 V HOH .  O  ? ? D NA  1010 D HOH 2007 1_555 ? ? ? ? ? ? ? 2.273 ? ? 
metalc26 metalc ?    ? P NA  .  NA ? ? ? 1_555 V HOH .  O  ? ? D NA  1010 D HOH 2008 1_555 ? ? ? ? ? ? ? 2.269 ? ? 
# 
loop_
_struct_conn_type.id 
_struct_conn_type.criteria 
_struct_conn_type.reference 
covale ? ? 
metalc ? ? 
# 
loop_
_pdbx_struct_conn_angle.id 
_pdbx_struct_conn_angle.ptnr1_label_atom_id 
_pdbx_struct_conn_angle.ptnr1_label_alt_id 
_pdbx_struct_conn_angle.ptnr1_label_asym_id 
_pdbx_struct_conn_angle.ptnr1_label_comp_id 
_pdbx_struct_conn_angle.ptnr1_label_seq_id 
_pdbx_struct_conn_angle.ptnr1_auth_atom_id 
_pdbx_struct_conn_angle.ptnr1_auth_asym_id 
_pdbx_struct_conn_angle.ptnr1_auth_comp_id 
_pdbx_struct_conn_angle.ptnr1_auth_seq_id 
_pdbx_struct_conn_angle.ptnr1_PDB_ins_code 
_pdbx_struct_conn_angle.ptnr1_symmetry 
_pdbx_struct_conn_angle.ptnr2_label_atom_id 
_pdbx_struct_conn_angle.ptnr2_label_alt_id 
_pdbx_struct_conn_angle.ptnr2_label_asym_id 
_pdbx_struct_conn_angle.ptnr2_label_comp_id 
_pdbx_struct_conn_angle.ptnr2_label_seq_id 
_pdbx_struct_conn_angle.ptnr2_auth_atom_id 
_pdbx_struct_conn_angle.ptnr2_auth_asym_id 
_pdbx_struct_conn_angle.ptnr2_auth_comp_id 
_pdbx_struct_conn_angle.ptnr2_auth_seq_id 
_pdbx_struct_conn_angle.ptnr2_PDB_ins_code 
_pdbx_struct_conn_angle.ptnr2_symmetry 
_pdbx_struct_conn_angle.ptnr3_label_atom_id 
_pdbx_struct_conn_angle.ptnr3_label_alt_id 
_pdbx_struct_conn_angle.ptnr3_label_asym_id 
_pdbx_struct_conn_angle.ptnr3_label_comp_id 
_pdbx_struct_conn_angle.ptnr3_label_seq_id 
_pdbx_struct_conn_angle.ptnr3_auth_atom_id 
_pdbx_struct_conn_angle.ptnr3_auth_asym_id 
_pdbx_struct_conn_angle.ptnr3_auth_comp_id 
_pdbx_struct_conn_angle.ptnr3_auth_seq_id 
_pdbx_struct_conn_angle.ptnr3_PDB_ins_code 
_pdbx_struct_conn_angle.ptnr3_symmetry 
_pdbx_struct_conn_angle.value 
_pdbx_struct_conn_angle.value_esd 
1  O ? A DVA 8  ? A DVA 8    ? 1_555 NA ? E NA . ? A NA 1001 ? 1_555 O ? A DLE 10 ? A DLE 10   ? 1_555 141.7 ? 
2  O ? A DVA 8  ? A DVA 8    ? 1_555 NA ? E NA . ? A NA 1001 ? 1_555 O ? B DVA 6  ? B DVA 6    ? 1_555 86.1  ? 
3  O ? A DLE 10 ? A DLE 10   ? 1_555 NA ? E NA . ? A NA 1001 ? 1_555 O ? B DVA 6  ? B DVA 6    ? 1_555 64.9  ? 
4  O ? A DVA 8  ? A DVA 8    ? 1_555 NA ? E NA . ? A NA 1001 ? 1_555 O ? T HOH .  ? B HOH 2005 ? 1_555 77.4  ? 
5  O ? A DLE 10 ? A DLE 10   ? 1_555 NA ? E NA . ? A NA 1001 ? 1_555 O ? T HOH .  ? B HOH 2005 ? 1_555 123.0 ? 
6  O ? B DVA 6  ? B DVA 6    ? 1_555 NA ? E NA . ? A NA 1001 ? 1_555 O ? T HOH .  ? B HOH 2005 ? 1_555 159.5 ? 
7  O ? A DVA 8  ? A DVA 8    ? 1_555 NA ? E NA . ? A NA 1001 ? 1_555 O ? T HOH .  ? B HOH 2006 ? 1_555 123.2 ? 
8  O ? A DLE 10 ? A DLE 10   ? 1_555 NA ? E NA . ? A NA 1001 ? 1_555 O ? T HOH .  ? B HOH 2006 ? 1_555 90.6  ? 
9  O ? B DVA 6  ? B DVA 6    ? 1_555 NA ? E NA . ? A NA 1001 ? 1_555 O ? T HOH .  ? B HOH 2006 ? 1_555 107.7 ? 
10 O ? T HOH .  ? B HOH 2005 ? 1_555 NA ? E NA . ? A NA 1001 ? 1_555 O ? T HOH .  ? B HOH 2006 ? 1_555 91.7  ? 
11 O ? A DVA 8  ? A DVA 8    ? 1_555 NA ? E NA . ? A NA 1001 ? 1_555 O ? T HOH .  ? B HOH 2009 ? 1_555 93.4  ? 
12 O ? A DLE 10 ? A DLE 10   ? 1_555 NA ? E NA . ? A NA 1001 ? 1_555 O ? T HOH .  ? B HOH 2009 ? 1_555 94.8  ? 
13 O ? B DVA 6  ? B DVA 6    ? 1_555 NA ? E NA . ? A NA 1001 ? 1_555 O ? T HOH .  ? B HOH 2009 ? 1_555 141.9 ? 
14 O ? T HOH .  ? B HOH 2005 ? 1_555 NA ? E NA . ? A NA 1001 ? 1_555 O ? T HOH .  ? B HOH 2009 ? 1_555 30.3  ? 
15 O ? T HOH .  ? B HOH 2006 ? 1_555 NA ? E NA . ? A NA 1001 ? 1_555 O ? T HOH .  ? B HOH 2009 ? 1_555 104.3 ? 
16 O ? A DVA 8  ? A DVA 8    ? 1_555 NA ? E NA . ? A NA 1001 ? 1_555 O ? T HOH .  ? B HOH 2010 ? 1_555 95.3  ? 
17 O ? A DLE 10 ? A DLE 10   ? 1_555 NA ? E NA . ? A NA 1001 ? 1_555 O ? T HOH .  ? B HOH 2010 ? 1_555 93.1  ? 
18 O ? B DVA 6  ? B DVA 6    ? 1_555 NA ? E NA . ? A NA 1001 ? 1_555 O ? T HOH .  ? B HOH 2010 ? 1_555 141.6 ? 
19 O ? T HOH .  ? B HOH 2005 ? 1_555 NA ? E NA . ? A NA 1001 ? 1_555 O ? T HOH .  ? B HOH 2010 ? 1_555 31.6  ? 
20 O ? T HOH .  ? B HOH 2006 ? 1_555 NA ? E NA . ? A NA 1001 ? 1_555 O ? T HOH .  ? B HOH 2010 ? 1_555 103.5 ? 
21 O ? T HOH .  ? B HOH 2009 ? 1_555 NA ? E NA . ? A NA 1001 ? 1_555 O ? T HOH .  ? B HOH 2010 ? 1_555 1.9   ? 
22 O ? A DVA 8  ? A DVA 8    ? 1_555 NA ? J NA . ? B NA 1000 ? 1_555 O ? B DVA 6  ? B DVA 6    ? 1_555 87.4  ? 
23 O ? A DVA 8  ? A DVA 8    ? 1_555 NA ? J NA . ? B NA 1000 ? 1_555 O ? T HOH .  ? B HOH 2005 ? 1_555 80.4  ? 
24 O ? B DVA 6  ? B DVA 6    ? 1_555 NA ? J NA . ? B NA 1000 ? 1_555 O ? T HOH .  ? B HOH 2005 ? 1_555 141.5 ? 
25 O ? A DVA 8  ? A DVA 8    ? 1_555 NA ? J NA . ? B NA 1000 ? 1_555 O ? T HOH .  ? B HOH 2006 ? 1_555 156.1 ? 
26 O ? B DVA 6  ? B DVA 6    ? 1_555 NA ? J NA . ? B NA 1000 ? 1_555 O ? T HOH .  ? B HOH 2006 ? 1_555 109.1 ? 
27 O ? T HOH .  ? B HOH 2005 ? 1_555 NA ? J NA . ? B NA 1000 ? 1_555 O ? T HOH .  ? B HOH 2006 ? 1_555 95.5  ? 
28 O ? A DVA 8  ? A DVA 8    ? 1_555 NA ? J NA . ? B NA 1000 ? 1_555 O ? T HOH .  ? B HOH 2009 ? 1_555 90.0  ? 
29 O ? B DVA 6  ? B DVA 6    ? 1_555 NA ? J NA . ? B NA 1000 ? 1_555 O ? T HOH .  ? B HOH 2009 ? 1_555 113.8 ? 
30 O ? T HOH .  ? B HOH 2005 ? 1_555 NA ? J NA . ? B NA 1000 ? 1_555 O ? T HOH .  ? B HOH 2009 ? 1_555 30.9  ? 
31 O ? T HOH .  ? B HOH 2006 ? 1_555 NA ? J NA . ? B NA 1000 ? 1_555 O ? T HOH .  ? B HOH 2009 ? 1_555 98.5  ? 
32 O ? A DVA 8  ? A DVA 8    ? 1_555 NA ? J NA . ? B NA 1000 ? 1_555 O ? T HOH .  ? B HOH 2010 ? 1_555 91.0  ? 
33 O ? B DVA 6  ? B DVA 6    ? 1_555 NA ? J NA . ? B NA 1000 ? 1_555 O ? T HOH .  ? B HOH 2010 ? 1_555 114.9 ? 
34 O ? T HOH .  ? B HOH 2005 ? 1_555 NA ? J NA . ? B NA 1000 ? 1_555 O ? T HOH .  ? B HOH 2010 ? 1_555 30.3  ? 
35 O ? T HOH .  ? B HOH 2006 ? 1_555 NA ? J NA . ? B NA 1000 ? 1_555 O ? T HOH .  ? B HOH 2010 ? 1_555 97.2  ? 
36 O ? T HOH .  ? B HOH 2009 ? 1_555 NA ? J NA . ? B NA 1000 ? 1_555 O ? T HOH .  ? B HOH 2010 ? 1_555 1.4   ? 
37 O ? C DVA 8  ? C DVA 8    ? 1_555 NA ? N NA . ? C NA 1011 ? 1_555 O ? C DLE 10 ? C DLE 10   ? 1_555 142.3 ? 
38 O ? C DVA 8  ? C DVA 8    ? 1_555 NA ? N NA . ? C NA 1011 ? 1_555 O ? U HOH .  ? C HOH 2005 ? 1_555 67.6  ? 
39 O ? C DLE 10 ? C DLE 10   ? 1_555 NA ? N NA . ? C NA 1011 ? 1_555 O ? U HOH .  ? C HOH 2005 ? 1_555 115.5 ? 
40 O ? C DVA 8  ? C DVA 8    ? 1_555 NA ? N NA . ? C NA 1011 ? 1_555 O ? U HOH .  ? C HOH 2007 ? 1_555 151.3 ? 
41 O ? C DLE 10 ? C DLE 10   ? 1_555 NA ? N NA . ? C NA 1011 ? 1_555 O ? U HOH .  ? C HOH 2007 ? 1_555 62.4  ? 
42 O ? U HOH .  ? C HOH 2005 ? 1_555 NA ? N NA . ? C NA 1011 ? 1_555 O ? U HOH .  ? C HOH 2007 ? 1_555 121.6 ? 
43 O ? C DVA 8  ? C DVA 8    ? 1_555 NA ? N NA . ? C NA 1011 ? 1_555 O ? D DVA 6  ? D DVA 6    ? 1_555 84.3  ? 
44 O ? C DLE 10 ? C DLE 10   ? 1_555 NA ? N NA . ? C NA 1011 ? 1_555 O ? D DVA 6  ? D DVA 6    ? 1_555 68.5  ? 
45 O ? U HOH .  ? C HOH 2005 ? 1_555 NA ? N NA . ? C NA 1011 ? 1_555 O ? D DVA 6  ? D DVA 6    ? 1_555 136.6 ? 
46 O ? U HOH .  ? C HOH 2007 ? 1_555 NA ? N NA . ? C NA 1011 ? 1_555 O ? D DVA 6  ? D DVA 6    ? 1_555 99.1  ? 
47 O ? C DVA 8  ? C DVA 8    ? 1_555 NA ? N NA . ? C NA 1011 ? 1_555 O ? V HOH .  ? D HOH 2008 ? 1_555 123.7 ? 
48 O ? C DLE 10 ? C DLE 10   ? 1_555 NA ? N NA . ? C NA 1011 ? 1_555 O ? V HOH .  ? D HOH 2008 ? 1_555 90.6  ? 
49 O ? U HOH .  ? C HOH 2005 ? 1_555 NA ? N NA . ? C NA 1011 ? 1_555 O ? V HOH .  ? D HOH 2008 ? 1_555 114.3 ? 
50 O ? U HOH .  ? C HOH 2007 ? 1_555 NA ? N NA . ? C NA 1011 ? 1_555 O ? V HOH .  ? D HOH 2008 ? 1_555 28.4  ? 
51 O ? D DVA 6  ? D DVA 6    ? 1_555 NA ? N NA . ? C NA 1011 ? 1_555 O ? V HOH .  ? D HOH 2008 ? 1_555 108.7 ? 
52 O ? C DVA 8  ? C DVA 8    ? 1_555 NA ? N NA . ? C NA 1011 ? 1_555 O ? V HOH .  ? D HOH 2009 ? 1_555 80.5  ? 
53 O ? C DLE 10 ? C DLE 10   ? 1_555 NA ? N NA . ? C NA 1011 ? 1_555 O ? V HOH .  ? D HOH 2009 ? 1_555 113.4 ? 
54 O ? U HOH .  ? C HOH 2005 ? 1_555 NA ? N NA . ? C NA 1011 ? 1_555 O ? V HOH .  ? D HOH 2009 ? 1_555 18.0  ? 
55 O ? U HOH .  ? C HOH 2007 ? 1_555 NA ? N NA . ? C NA 1011 ? 1_555 O ? V HOH .  ? D HOH 2009 ? 1_555 104.2 ? 
56 O ? D DVA 6  ? D DVA 6    ? 1_555 NA ? N NA . ? C NA 1011 ? 1_555 O ? V HOH .  ? D HOH 2009 ? 1_555 154.4 ? 
57 O ? V HOH .  ? D HOH 2008 ? 1_555 NA ? N NA . ? C NA 1011 ? 1_555 O ? V HOH .  ? D HOH 2009 ? 1_555 96.9  ? 
58 O ? C DVA 8  ? C DVA 8    ? 1_555 NA ? N NA . ? C NA 1011 ? 1_555 O ? V HOH .  ? D HOH 2011 ? 1_555 96.9  ? 
59 O ? C DLE 10 ? C DLE 10   ? 1_555 NA ? N NA . ? C NA 1011 ? 1_555 O ? V HOH .  ? D HOH 2011 ? 1_555 90.3  ? 
60 O ? U HOH .  ? C HOH 2005 ? 1_555 NA ? N NA . ? C NA 1011 ? 1_555 O ? V HOH .  ? D HOH 2011 ? 1_555 29.5  ? 
61 O ? U HOH .  ? C HOH 2007 ? 1_555 NA ? N NA . ? C NA 1011 ? 1_555 O ? V HOH .  ? D HOH 2011 ? 1_555 97.2  ? 
62 O ? D DVA 6  ? D DVA 6    ? 1_555 NA ? N NA . ? C NA 1011 ? 1_555 O ? V HOH .  ? D HOH 2011 ? 1_555 142.8 ? 
63 O ? V HOH .  ? D HOH 2008 ? 1_555 NA ? N NA . ? C NA 1011 ? 1_555 O ? V HOH .  ? D HOH 2011 ? 1_555 101.4 ? 
64 O ? V HOH .  ? D HOH 2009 ? 1_555 NA ? N NA . ? C NA 1011 ? 1_555 O ? V HOH .  ? D HOH 2011 ? 1_555 23.4  ? 
65 O ? C DLE 10 ? C DLE 10   ? 1_555 NA ? P NA . ? D NA 1010 ? 1_555 O ? D DLE 4  ? D DLE 4    ? 1_555 87.4  ? 
66 O ? C DLE 10 ? C DLE 10   ? 1_555 NA ? P NA . ? D NA 1010 ? 1_555 O ? V HOH .  ? D HOH 2003 ? 1_555 140.6 ? 
67 O ? D DLE 4  ? D DLE 4    ? 1_555 NA ? P NA . ? D NA 1010 ? 1_555 O ? V HOH .  ? D HOH 2003 ? 1_555 61.0  ? 
68 O ? C DLE 10 ? C DLE 10   ? 1_555 NA ? P NA . ? D NA 1010 ? 1_555 O ? V HOH .  ? D HOH 2007 ? 1_555 89.7  ? 
69 O ? D DLE 4  ? D DLE 4    ? 1_555 NA ? P NA . ? D NA 1010 ? 1_555 O ? V HOH .  ? D HOH 2007 ? 1_555 132.9 ? 
70 O ? V HOH .  ? D HOH 2003 ? 1_555 NA ? P NA . ? D NA 1010 ? 1_555 O ? V HOH .  ? D HOH 2007 ? 1_555 128.6 ? 
71 O ? C DLE 10 ? C DLE 10   ? 1_555 NA ? P NA . ? D NA 1010 ? 1_555 O ? V HOH .  ? D HOH 2008 ? 1_555 111.4 ? 
72 O ? D DLE 4  ? D DLE 4    ? 1_555 NA ? P NA . ? D NA 1010 ? 1_555 O ? V HOH .  ? D HOH 2008 ? 1_555 139.3 ? 
73 O ? V HOH .  ? D HOH 2003 ? 1_555 NA ? P NA . ? D NA 1010 ? 1_555 O ? V HOH .  ? D HOH 2008 ? 1_555 107.9 ? 
74 O ? V HOH .  ? D HOH 2007 ? 1_555 NA ? P NA . ? D NA 1010 ? 1_555 O ? V HOH .  ? D HOH 2008 ? 1_555 23.7  ? 
# 
loop_
_pdbx_modification_feature.ordinal 
_pdbx_modification_feature.label_comp_id 
_pdbx_modification_feature.label_asym_id 
_pdbx_modification_feature.label_seq_id 
_pdbx_modification_feature.label_alt_id 
_pdbx_modification_feature.modified_residue_label_comp_id 
_pdbx_modification_feature.modified_residue_label_asym_id 
_pdbx_modification_feature.modified_residue_label_seq_id 
_pdbx_modification_feature.modified_residue_label_alt_id 
_pdbx_modification_feature.auth_comp_id 
_pdbx_modification_feature.auth_asym_id 
_pdbx_modification_feature.auth_seq_id 
_pdbx_modification_feature.PDB_ins_code 
_pdbx_modification_feature.symmetry 
_pdbx_modification_feature.modified_residue_auth_comp_id 
_pdbx_modification_feature.modified_residue_auth_asym_id 
_pdbx_modification_feature.modified_residue_auth_seq_id 
_pdbx_modification_feature.modified_residue_PDB_ins_code 
_pdbx_modification_feature.modified_residue_symmetry 
_pdbx_modification_feature.comp_id_linking_atom 
_pdbx_modification_feature.modified_residue_id_linking_atom 
_pdbx_modification_feature.modified_residue_id 
_pdbx_modification_feature.ref_pcm_id 
_pdbx_modification_feature.ref_comp_id 
_pdbx_modification_feature.type 
_pdbx_modification_feature.category 
1  FVA A 1  ? . . . . FVA A 1  ? 1_555 . . . . . . . VAL 1 FVA Formylation 'Named protein modification' 
2  FVA B 1  ? . . . . FVA B 1  ? 1_555 . . . . . . . VAL 1 FVA Formylation 'Named protein modification' 
3  FVA C 1  ? . . . . FVA C 1  ? 1_555 . . . . . . . VAL 1 FVA Formylation 'Named protein modification' 
4  FVA D 1  ? . . . . FVA D 1  ? 1_555 . . . . . . . VAL 1 FVA Formylation 'Named protein modification' 
5  ETA A 16 ? . . . . ETA A 16 ? 1_555 . . . . . . . ?   1 ETA None        'Non-standard residue'       
6  ETA B 16 A . . . . ETA B 16 ? 1_555 . . . . . . . ?   1 ETA None        'Non-standard residue'       
7  ETA B 16 B . . . . ETA B 16 ? 1_555 . . . . . . . ?   1 ETA None        'Non-standard residue'       
8  ETA C 16 A . . . . ETA C 16 ? 1_555 . . . . . . . ?   1 ETA None        'Non-standard residue'       
9  ETA C 16 B . . . . ETA C 16 ? 1_555 . . . . . . . ?   1 ETA None        'Non-standard residue'       
10 ETA D 16 ? . . . . ETA D 16 ? 1_555 . . . . . . . ?   1 ETA None        'Non-standard residue'       
# 
loop_
_struct_sheet.id 
_struct_sheet.type 
_struct_sheet.number_strands 
_struct_sheet.details 
AA ? 2 ? 
CA ? 2 ? 
# 
loop_
_struct_sheet_order.sheet_id 
_struct_sheet_order.range_id_1 
_struct_sheet_order.range_id_2 
_struct_sheet_order.offset 
_struct_sheet_order.sense 
AA 1 2 ? anti-parallel 
CA 1 2 ? anti-parallel 
# 
loop_
_struct_sheet_range.sheet_id 
_struct_sheet_range.id 
_struct_sheet_range.beg_label_comp_id 
_struct_sheet_range.beg_label_asym_id 
_struct_sheet_range.beg_label_seq_id 
_struct_sheet_range.pdbx_beg_PDB_ins_code 
_struct_sheet_range.end_label_comp_id 
_struct_sheet_range.end_label_asym_id 
_struct_sheet_range.end_label_seq_id 
_struct_sheet_range.pdbx_end_PDB_ins_code 
_struct_sheet_range.beg_auth_comp_id 
_struct_sheet_range.beg_auth_asym_id 
_struct_sheet_range.beg_auth_seq_id 
_struct_sheet_range.end_auth_comp_id 
_struct_sheet_range.end_auth_asym_id 
_struct_sheet_range.end_auth_seq_id 
AA 1 GLY A 2 ? TRP A 15 ? GLY A 2 TRP A 15 
AA 2 GLY B 2 ? TRP B 15 ? GLY B 2 TRP B 15 
CA 1 GLY C 2 ? TRP C 15 ? GLY C 2 TRP C 15 
CA 2 GLY D 2 ? TRP D 15 ? GLY D 2 TRP D 15 
# 
loop_
_pdbx_struct_sheet_hbond.sheet_id 
_pdbx_struct_sheet_hbond.range_id_1 
_pdbx_struct_sheet_hbond.range_id_2 
_pdbx_struct_sheet_hbond.range_1_label_atom_id 
_pdbx_struct_sheet_hbond.range_1_label_comp_id 
_pdbx_struct_sheet_hbond.range_1_label_asym_id 
_pdbx_struct_sheet_hbond.range_1_label_seq_id 
_pdbx_struct_sheet_hbond.range_1_PDB_ins_code 
_pdbx_struct_sheet_hbond.range_1_auth_atom_id 
_pdbx_struct_sheet_hbond.range_1_auth_comp_id 
_pdbx_struct_sheet_hbond.range_1_auth_asym_id 
_pdbx_struct_sheet_hbond.range_1_auth_seq_id 
_pdbx_struct_sheet_hbond.range_2_label_atom_id 
_pdbx_struct_sheet_hbond.range_2_label_comp_id 
_pdbx_struct_sheet_hbond.range_2_label_asym_id 
_pdbx_struct_sheet_hbond.range_2_label_seq_id 
_pdbx_struct_sheet_hbond.range_2_PDB_ins_code 
_pdbx_struct_sheet_hbond.range_2_auth_atom_id 
_pdbx_struct_sheet_hbond.range_2_auth_comp_id 
_pdbx_struct_sheet_hbond.range_2_auth_asym_id 
_pdbx_struct_sheet_hbond.range_2_auth_seq_id 
AA 1 2 N DLE A 14 ? N DLE A 14 O GLY B 2 ? O GLY B 2 
CA 1 2 N DLE C 14 ? N DLE C 14 O GLY D 2 ? O GLY D 2 
# 
loop_
_struct_site.id 
_struct_site.pdbx_evidence_code 
_struct_site.pdbx_auth_asym_id 
_struct_site.pdbx_auth_comp_id 
_struct_site.pdbx_auth_seq_id 
_struct_site.pdbx_auth_ins_code 
_struct_site.pdbx_num_residues 
_struct_site.details 
AC1 Software A NA  1001 ? 10 'BINDING SITE FOR RESIDUE NA A 1001'       
AC2 Software A IOD 1020 ? 3  'BINDING SITE FOR RESIDUE IOD A 1020'      
AC3 Software A IOD 1021 ? 3  'BINDING SITE FOR RESIDUE IOD A 1021'      
AC4 Software A IOD 1025 ? 7  'BINDING SITE FOR RESIDUE IOD A 1025'      
AC5 Software B NA  1000 ? 9  'BINDING SITE FOR RESIDUE NA B 1000'       
AC6 Software B IOD 1026 ? 3  'BINDING SITE FOR RESIDUE IOD B 1026'      
AC7 Software C NA  1011 ? 12 'BINDING SITE FOR RESIDUE NA C 1011'       
AC8 Software C IOD 1024 ? 1  'BINDING SITE FOR RESIDUE IOD C 1024'      
AC9 Software D NA  1010 ? 11 'BINDING SITE FOR RESIDUE NA D 1010'       
BC1 Software D IOD 1022 ? 4  'BINDING SITE FOR RESIDUE IOD D 1022'      
BC2 Software D IOD 1023 ? 3  'BINDING SITE FOR RESIDUE IOD D 1023'      
BC3 Software ? ?   ?    ? 42 'BINDING SITE FOR CHAIN A OF GRAMICIDIN D' 
BC4 Software ? ?   ?    ? 53 'BINDING SITE FOR CHAIN B OF GRAMICIDIN D' 
BC5 Software ? ?   ?    ? 46 'BINDING SITE FOR CHAIN C OF GRAMICIDIN D' 
BC6 Software ? ?   ?    ? 50 'BINDING SITE FOR CHAIN D OF GRAMICIDIN D' 
# 
loop_
_struct_site_gen.id 
_struct_site_gen.site_id 
_struct_site_gen.pdbx_num_res 
_struct_site_gen.label_comp_id 
_struct_site_gen.label_asym_id 
_struct_site_gen.label_seq_id 
_struct_site_gen.pdbx_auth_ins_code 
_struct_site_gen.auth_comp_id 
_struct_site_gen.auth_asym_id 
_struct_site_gen.auth_seq_id 
_struct_site_gen.label_atom_id 
_struct_site_gen.label_alt_id 
_struct_site_gen.symmetry 
_struct_site_gen.details 
1   AC1 10 DVA A 8  ? DVA A 8    . ? 1_555 ? 
2   AC1 10 TRP A 9  ? TRP A 9    . ? 1_555 ? 
3   AC1 10 DLE A 10 ? DLE A 10   . ? 1_555 ? 
4   AC1 10 DVA B 6  ? DVA B 6    . ? 1_555 ? 
5   AC1 10 VAL B 7  ? VAL B 7    . ? 1_555 ? 
6   AC1 10 DVA B 8  ? DVA B 8    . ? 1_555 ? 
7   AC1 10 HOH T .  ? HOH B 2005 . ? 1_555 ? 
8   AC1 10 HOH T .  ? HOH B 2006 . ? 1_555 ? 
9   AC1 10 HOH T .  ? HOH B 2009 . ? 1_555 ? 
10  AC1 10 HOH T .  ? HOH B 2010 . ? 1_555 ? 
11  AC2 3  DLE B 4  ? DLE B 4    . ? 1_555 ? 
12  AC2 3  TRP C 11 ? TRP C 11   . ? 1_555 ? 
13  AC2 3  HOH U .  ? HOH C 2008 . ? 1_555 ? 
14  AC3 3  TRP A 15 ? TRP A 15   . ? 1_555 ? 
15  AC3 3  IOD H .  ? IOD A 1025 . ? 1_555 ? 
16  AC3 3  HOH U .  ? HOH C 2009 . ? 4_556 ? 
17  AC4 7  TRP A 13 ? TRP A 13   . ? 4_566 ? 
18  AC4 7  TRP A 15 ? TRP A 15   . ? 1_555 ? 
19  AC4 7  IOD G .  ? IOD A 1021 . ? 1_555 ? 
20  AC4 7  HOH S .  ? HOH A 2005 . ? 1_555 ? 
21  AC4 7  TRP C 15 ? TRP C 15   . ? 4_556 ? 
22  AC4 7  HOH U .  ? HOH C 2009 . ? 4_556 ? 
23  AC4 7  TRP D 9  ? TRP D 9    . ? 1_565 ? 
24  AC5 9  DVA A 8  ? DVA A 8    . ? 1_555 ? 
25  AC5 9  DLE A 10 ? DLE A 10   . ? 1_555 ? 
26  AC5 9  DVA B 6  ? DVA B 6    . ? 1_555 ? 
27  AC5 9  VAL B 7  ? VAL B 7    . ? 1_555 ? 
28  AC5 9  DVA B 8  ? DVA B 8    . ? 1_555 ? 
29  AC5 9  HOH T .  ? HOH B 2005 . ? 1_555 ? 
30  AC5 9  HOH T .  ? HOH B 2006 . ? 1_555 ? 
31  AC5 9  HOH T .  ? HOH B 2009 . ? 1_555 ? 
32  AC5 9  HOH T .  ? HOH B 2010 . ? 1_555 ? 
33  AC6 3  HOH S .  ? HOH A 2004 . ? 1_555 ? 
34  AC6 3  TRP B 13 ? TRP B 13   . ? 3_756 ? 
35  AC6 3  TRP B 15 ? TRP B 15   . ? 1_555 ? 
36  AC7 12 DVA C 8  ? DVA C 8    . ? 1_555 ? 
37  AC7 12 TRP C 9  ? TRP C 9    . ? 1_555 ? 
38  AC7 12 DLE C 10 ? DLE C 10   . ? 1_555 ? 
39  AC7 12 HOH U .  ? HOH C 2005 . ? 1_555 ? 
40  AC7 12 HOH U .  ? HOH C 2007 . ? 1_555 ? 
41  AC7 12 DVA D 6  ? DVA D 6    . ? 1_555 ? 
42  AC7 12 DVA D 8  ? DVA D 8    . ? 1_555 ? 
43  AC7 12 NA  P .  ? NA  D 1010 . ? 1_555 ? 
44  AC7 12 HOH V .  ? HOH D 2007 . ? 1_555 ? 
45  AC7 12 HOH V .  ? HOH D 2008 . ? 1_555 ? 
46  AC7 12 HOH V .  ? HOH D 2009 . ? 1_555 ? 
47  AC7 12 HOH V .  ? HOH D 2011 . ? 1_555 ? 
48  AC8 1  HOH V .  ? HOH D 2005 . ? 2_655 ? 
49  AC9 11 DLE C 10 ? DLE C 10   . ? 1_555 ? 
50  AC9 11 DLE C 12 ? DLE C 12   . ? 1_555 ? 
51  AC9 11 NA  N .  ? NA  C 1011 . ? 1_555 ? 
52  AC9 11 HOH U .  ? HOH C 2007 . ? 1_555 ? 
53  AC9 11 DLE D 4  ? DLE D 4    . ? 1_555 ? 
54  AC9 11 ALA D 5  ? ALA D 5    . ? 1_555 ? 
55  AC9 11 DVA D 6  ? DVA D 6    . ? 1_555 ? 
56  AC9 11 HOH V .  ? HOH D 2003 . ? 1_555 ? 
57  AC9 11 HOH V .  ? HOH D 2004 . ? 1_555 ? 
58  AC9 11 HOH V .  ? HOH D 2007 . ? 1_555 ? 
59  AC9 11 HOH V .  ? HOH D 2008 . ? 1_555 ? 
60  BC1 4  ETA B 16 ? ETA B 16   . ? 3_646 ? 
61  BC1 4  TRP D 13 ? TRP D 13   . ? 1_555 ? 
62  BC1 4  TRP D 15 ? TRP D 15   . ? 3_656 ? 
63  BC1 4  IOD R .  ? IOD D 1023 . ? 4_456 ? 
64  BC2 3  ETA B 16 ? ETA B 16   . ? 2_664 ? 
65  BC2 3  HOH T .  ? HOH B 2014 . ? 2_664 ? 
66  BC2 3  IOD Q .  ? IOD D 1022 . ? 4_556 ? 
67  BC3 42 NA  E .  ? NA  A 1001 . ? 1_555 ? 
68  BC3 42 IOD G .  ? IOD A 1021 . ? 1_555 ? 
69  BC3 42 IOD H .  ? IOD A 1025 . ? 4_466 ? 
70  BC3 42 IOD H .  ? IOD A 1025 . ? 1_555 ? 
71  BC3 42 HOH S .  ? HOH A 2001 . ? 1_555 ? 
72  BC3 42 HOH S .  ? HOH A 2003 . ? 1_555 ? 
73  BC3 42 HOH S .  ? HOH A 2004 . ? 1_555 ? 
74  BC3 42 GLY B 2  ? GLY B 2    . ? 2_665 ? 
75  BC3 42 GLY B 2  ? GLY B 2    . ? 1_555 ? 
76  BC3 42 ALA B 3  ? ALA B 3    . ? 2_665 ? 
77  BC3 42 ALA B 3  ? ALA B 3    . ? 1_555 ? 
78  BC3 42 DLE B 4  ? DLE B 4    . ? 1_555 ? 
79  BC3 42 ALA B 5  ? ALA B 5    . ? 1_555 ? 
80  BC3 42 DVA B 6  ? DVA B 6    . ? 1_555 ? 
81  BC3 42 VAL B 7  ? VAL B 7    . ? 1_555 ? 
82  BC3 42 DVA B 8  ? DVA B 8    . ? 1_555 ? 
83  BC3 42 TRP B 9  ? TRP B 9    . ? 1_555 ? 
84  BC3 42 DLE B 10 ? DLE B 10   . ? 1_555 ? 
85  BC3 42 PHE B 11 ? PHE B 11   . ? 1_555 ? 
86  BC3 42 DLE B 12 ? DLE B 12   . ? 1_555 ? 
87  BC3 42 TRP B 13 ? TRP B 13   . ? 1_555 ? 
88  BC3 42 DLE B 14 ? DLE B 14   . ? 1_555 ? 
89  BC3 42 TRP B 15 ? TRP B 15   . ? 1_555 ? 
90  BC3 42 ETA B 16 ? ETA B 16   . ? 1_555 ? 
91  BC3 42 NA  J .  ? NA  B 1000 . ? 1_555 ? 
92  BC3 42 HOH T .  ? HOH B 2012 . ? 1_555 ? 
93  BC3 42 ALA C 3  ? ALA C 3    . ? 1_555 ? 
94  BC3 42 DLE C 4  ? DLE C 4    . ? 1_555 ? 
95  BC3 42 TRP C 9  ? TRP C 9    . ? 4_556 ? 
96  BC3 42 TRP C 11 ? TRP C 11   . ? 1_555 ? 
97  BC3 42 DLE C 12 ? DLE C 12   . ? 4_456 ? 
98  BC3 42 TRP C 13 ? TRP C 13   . ? 4_456 ? 
99  BC3 42 DLE C 14 ? DLE C 14   . ? 1_565 ? 
100 BC3 42 TRP C 15 ? TRP C 15   . ? 1_565 ? 
101 BC3 42 TRP C 15 ? TRP C 15   . ? 4_556 ? 
102 BC3 42 ETA C 16 ? ETA C 16   . ? 4_556 ? 
103 BC3 42 VAL D 7  ? VAL D 7    . ? 1_565 ? 
104 BC3 42 TRP D 9  ? TRP D 9    . ? 4_456 ? 
105 BC3 42 DLE D 10 ? DLE D 10   . ? 3_756 ? 
106 BC3 42 PHE D 11 ? PHE D 11   . ? 1_555 ? 
107 BC3 42 TRP D 13 ? TRP D 13   . ? 3_656 ? 
108 BC3 42 TRP D 15 ? TRP D 15   . ? 1_565 ? 
109 BC4 53 GLY A 2  ? GLY A 2    . ? 2_664 ? 
110 BC4 53 GLY A 2  ? GLY A 2    . ? 1_555 ? 
111 BC4 53 ALA A 3  ? ALA A 3    . ? 1_555 ? 
112 BC4 53 ALA A 3  ? ALA A 3    . ? 2_664 ? 
113 BC4 53 DLE A 4  ? DLE A 4    . ? 1_555 ? 
114 BC4 53 ALA A 5  ? ALA A 5    . ? 1_555 ? 
115 BC4 53 DVA A 6  ? DVA A 6    . ? 1_555 ? 
116 BC4 53 VAL A 7  ? VAL A 7    . ? 1_555 ? 
117 BC4 53 DVA A 8  ? DVA A 8    . ? 1_555 ? 
118 BC4 53 TRP A 9  ? TRP A 9    . ? 1_555 ? 
119 BC4 53 DLE A 10 ? DLE A 10   . ? 1_555 ? 
120 BC4 53 TRP A 11 ? TRP A 11   . ? 1_555 ? 
121 BC4 53 DLE A 12 ? DLE A 12   . ? 1_555 ? 
122 BC4 53 TRP A 13 ? TRP A 13   . ? 1_555 ? 
123 BC4 53 DLE A 14 ? DLE A 14   . ? 1_555 ? 
124 BC4 53 TRP A 15 ? TRP A 15   . ? 1_555 ? 
125 BC4 53 ETA A 16 ? ETA A 16   . ? 1_555 ? 
126 BC4 53 NA  E .  ? NA  A 1001 . ? 1_555 ? 
127 BC4 53 IOD F .  ? IOD A 1020 . ? 1_555 ? 
128 BC4 53 HOH S .  ? HOH A 2002 . ? 2_664 ? 
129 BC4 53 NA  J .  ? NA  B 1000 . ? 1_555 ? 
130 BC4 53 IOD K .  ? IOD B 1026 . ? 3_746 ? 
131 BC4 53 IOD K .  ? IOD B 1026 . ? 1_555 ? 
132 BC4 53 HOH T .  ? HOH B 2001 . ? 1_555 ? 
133 BC4 53 HOH T .  ? HOH B 2003 . ? 1_555 ? 
134 BC4 53 HOH T .  ? HOH B 2004 . ? 1_555 ? 
135 BC4 53 HOH T .  ? HOH B 2005 . ? 1_555 ? 
136 BC4 53 HOH T .  ? HOH B 2006 . ? 1_555 ? 
137 BC4 53 HOH T .  ? HOH B 2007 . ? 1_555 ? 
138 BC4 53 HOH T .  ? HOH B 2008 . ? 1_555 ? 
139 BC4 53 HOH T .  ? HOH B 2009 . ? 1_555 ? 
140 BC4 53 HOH T .  ? HOH B 2010 . ? 1_555 ? 
141 BC4 53 HOH T .  ? HOH B 2012 . ? 1_555 ? 
142 BC4 53 HOH T .  ? HOH B 2013 . ? 1_555 ? 
143 BC4 53 HOH T .  ? HOH B 2014 . ? 1_555 ? 
144 BC4 53 DLE C 4  ? DLE C 4    . ? 1_555 ? 
145 BC4 53 ALA C 5  ? ALA C 5    . ? 3_756 ? 
146 BC4 53 DVA C 6  ? DVA C 6    . ? 3_756 ? 
147 BC4 53 TRP C 11 ? TRP C 11   . ? 1_555 ? 
148 BC4 53 TRP C 13 ? TRP C 13   . ? 4_456 ? 
149 BC4 53 ETA C 16 ? ETA C 16   . ? 4_556 ? 
150 BC4 53 DVA D 6  ? DVA D 6    . ? 4_556 ? 
151 BC4 53 TRP D 9  ? TRP D 9    . ? 3_756 ? 
152 BC4 53 TRP D 9  ? TRP D 9    . ? 1_565 ? 
153 BC4 53 DLE D 10 ? DLE D 10   . ? 3_756 ? 
154 BC4 53 PHE D 11 ? PHE D 11   . ? 3_756 ? 
155 BC4 53 PHE D 11 ? PHE D 11   . ? 1_555 ? 
156 BC4 53 DLE D 12 ? DLE D 12   . ? 1_555 ? 
157 BC4 53 TRP D 13 ? TRP D 13   . ? 1_555 ? 
158 BC4 53 DLE D 14 ? DLE D 14   . ? 3_656 ? 
159 BC4 53 TRP D 15 ? TRP D 15   . ? 1_565 ? 
160 BC4 53 IOD Q .  ? IOD D 1022 . ? 3_656 ? 
161 BC4 53 IOD R .  ? IOD D 1023 . ? 2_665 ? 
162 BC5 46 DLE A 4  ? DLE A 4    . ? 1_555 ? 
163 BC5 46 TRP A 9  ? TRP A 9    . ? 4_456 ? 
164 BC5 46 TRP A 11 ? TRP A 11   . ? 1_555 ? 
165 BC5 46 DLE A 12 ? DLE A 12   . ? 4_556 ? 
166 BC5 46 TRP A 13 ? TRP A 13   . ? 4_556 ? 
167 BC5 46 DLE A 14 ? DLE A 14   . ? 1_545 ? 
168 BC5 46 TRP A 15 ? TRP A 15   . ? 4_456 ? 
169 BC5 46 TRP A 15 ? TRP A 15   . ? 1_545 ? 
170 BC5 46 ETA A 16 ? ETA A 16   . ? 4_456 ? 
171 BC5 46 IOD F .  ? IOD A 1020 . ? 1_555 ? 
172 BC5 46 IOD H .  ? IOD A 1025 . ? 4_456 ? 
173 BC5 46 DLE B 4  ? DLE B 4    . ? 1_555 ? 
174 BC5 46 DVA B 6  ? DVA B 6    . ? 4_456 ? 
175 BC5 46 TRP B 9  ? TRP B 9    . ? 4_556 ? 
176 BC5 46 DLE B 10 ? DLE B 10   . ? 3_646 ? 
177 BC5 46 PHE B 11 ? PHE B 11   . ? 1_555 ? 
178 BC5 46 DLE B 12 ? DLE B 12   . ? 1_555 ? 
179 BC5 46 TRP B 13 ? TRP B 13   . ? 3_746 ? 
180 BC5 46 DLE B 14 ? DLE B 14   . ? 3_746 ? 
181 BC5 46 NA  N .  ? NA  C 1011 . ? 1_555 ? 
182 BC5 46 HOH U .  ? HOH C 2001 . ? 1_555 ? 
183 BC5 46 HOH U .  ? HOH C 2002 . ? 1_555 ? 
184 BC5 46 HOH U .  ? HOH C 2003 . ? 1_555 ? 
185 BC5 46 HOH U .  ? HOH C 2005 . ? 1_555 ? 
186 BC5 46 HOH U .  ? HOH C 2006 . ? 1_555 ? 
187 BC5 46 HOH U .  ? HOH C 2007 . ? 1_555 ? 
188 BC5 46 HOH U .  ? HOH C 2009 . ? 1_555 ? 
189 BC5 46 GLY D 2  ? GLY D 2    . ? 2_655 ? 
190 BC5 46 GLY D 2  ? GLY D 2    . ? 1_555 ? 
191 BC5 46 ALA D 3  ? ALA D 3    . ? 2_655 ? 
192 BC5 46 ALA D 3  ? ALA D 3    . ? 1_555 ? 
193 BC5 46 DLE D 4  ? DLE D 4    . ? 1_555 ? 
194 BC5 46 ALA D 5  ? ALA D 5    . ? 1_555 ? 
195 BC5 46 DVA D 6  ? DVA D 6    . ? 1_555 ? 
196 BC5 46 VAL D 7  ? VAL D 7    . ? 1_555 ? 
197 BC5 46 DVA D 8  ? DVA D 8    . ? 1_555 ? 
198 BC5 46 TRP D 9  ? TRP D 9    . ? 4_446 ? 
199 BC5 46 TRP D 9  ? TRP D 9    . ? 1_555 ? 
200 BC5 46 DLE D 10 ? DLE D 10   . ? 1_555 ? 
201 BC5 46 PHE D 11 ? PHE D 11   . ? 1_555 ? 
202 BC5 46 DLE D 12 ? DLE D 12   . ? 1_555 ? 
203 BC5 46 TRP D 13 ? TRP D 13   . ? 1_555 ? 
204 BC5 46 DLE D 14 ? DLE D 14   . ? 1_555 ? 
205 BC5 46 TRP D 15 ? TRP D 15   . ? 1_555 ? 
206 BC5 46 ETA D 16 ? ETA D 16   . ? 1_555 ? 
207 BC5 46 NA  P .  ? NA  D 1010 . ? 1_555 ? 
208 BC6 50 DVA A 6  ? DVA A 6    . ? 3_646 ? 
209 BC6 50 DVA A 6  ? DVA A 6    . ? 1_545 ? 
210 BC6 50 VAL A 7  ? VAL A 7    . ? 1_545 ? 
211 BC6 50 TRP A 11 ? TRP A 11   . ? 1_555 ? 
212 BC6 50 TRP A 13 ? TRP A 13   . ? 4_556 ? 
213 BC6 50 DLE A 14 ? DLE A 14   . ? 1_545 ? 
214 BC6 50 IOD H .  ? IOD A 1025 . ? 1_545 ? 
215 BC6 50 DVA B 6  ? DVA B 6    . ? 4_456 ? 
216 BC6 50 VAL B 7  ? VAL B 7    . ? 1_545 ? 
217 BC6 50 PHE B 11 ? PHE B 11   . ? 3_646 ? 
218 BC6 50 PHE B 11 ? PHE B 11   . ? 1_555 ? 
219 BC6 50 DLE B 12 ? DLE B 12   . ? 1_555 ? 
220 BC6 50 TRP B 13 ? TRP B 13   . ? 3_746 ? 
221 BC6 50 DLE B 14 ? DLE B 14   . ? 3_746 ? 
222 BC6 50 TRP B 15 ? TRP B 15   . ? 1_545 ? 
223 BC6 50 ETA B 16 ? ETA B 16   . ? 1_545 ? 
224 BC6 50 GLY C 2  ? GLY C 2    . ? 2_654 ? 
225 BC6 50 GLY C 2  ? GLY C 2    . ? 1_555 ? 
226 BC6 50 ALA C 3  ? ALA C 3    . ? 2_654 ? 
227 BC6 50 ALA C 3  ? ALA C 3    . ? 1_555 ? 
228 BC6 50 DLE C 4  ? DLE C 4    . ? 1_555 ? 
229 BC6 50 DLE C 4  ? DLE C 4    . ? 2_654 ? 
230 BC6 50 ALA C 5  ? ALA C 5    . ? 1_555 ? 
231 BC6 50 DVA C 6  ? DVA C 6    . ? 1_555 ? 
232 BC6 50 VAL C 7  ? VAL C 7    . ? 1_555 ? 
233 BC6 50 DVA C 8  ? DVA C 8    . ? 1_555 ? 
234 BC6 50 TRP C 9  ? TRP C 9    . ? 1_555 ? 
235 BC6 50 DLE C 10 ? DLE C 10   . ? 1_555 ? 
236 BC6 50 TRP C 11 ? TRP C 11   . ? 1_555 ? 
237 BC6 50 DLE C 12 ? DLE C 12   . ? 1_555 ? 
238 BC6 50 TRP C 13 ? TRP C 13   . ? 1_555 ? 
239 BC6 50 DLE C 14 ? DLE C 14   . ? 1_555 ? 
240 BC6 50 TRP C 15 ? TRP C 15   . ? 1_555 ? 
241 BC6 50 TRP C 15 ? TRP C 15   . ? 4_546 ? 
242 BC6 50 ETA C 16 ? ETA C 16   . ? 1_555 ? 
243 BC6 50 NA  N .  ? NA  C 1011 . ? 1_555 ? 
244 BC6 50 HOH U .  ? HOH C 2001 . ? 2_654 ? 
245 BC6 50 HOH U .  ? HOH C 2003 . ? 1_555 ? 
246 BC6 50 HOH U .  ? HOH C 2009 . ? 4_546 ? 
247 BC6 50 NA  P .  ? NA  D 1010 . ? 1_555 ? 
248 BC6 50 IOD Q .  ? IOD D 1022 . ? 1_555 ? 
249 BC6 50 IOD Q .  ? IOD D 1022 . ? 3_646 ? 
250 BC6 50 HOH V .  ? HOH D 2001 . ? 1_555 ? 
251 BC6 50 HOH V .  ? HOH D 2003 . ? 1_555 ? 
252 BC6 50 HOH V .  ? HOH D 2004 . ? 1_555 ? 
253 BC6 50 HOH V .  ? HOH D 2006 . ? 1_555 ? 
254 BC6 50 HOH V .  ? HOH D 2007 . ? 1_555 ? 
255 BC6 50 HOH V .  ? HOH D 2008 . ? 1_555 ? 
256 BC6 50 HOH V .  ? HOH D 2011 . ? 1_555 ? 
257 BC6 50 HOH V .  ? HOH D 2014 . ? 1_555 ? 
# 
_pdbx_entry_details.entry_id                   3L8L 
_pdbx_entry_details.compound_details           
;GRAMICIDIN IS A HETEROGENEOUS MIXTURE OF SEVERAL COMPOUNDS
 INCLUDING GRAMICIDIN A, B AND C WHICH ARE OBTAINED FROM
 BACILLUS BREVIS AND CALLED COLLECTIVELY GRAMICIDIN D.
 HERE, GRAMICIDIN D IS REPRESENTED BY THE SEQUENCE (SEQRES)
;
_pdbx_entry_details.source_details             ? 
_pdbx_entry_details.nonpolymer_details         ? 
_pdbx_entry_details.sequence_details           ? 
_pdbx_entry_details.has_ligand_of_interest     ? 
_pdbx_entry_details.has_protein_modification   Y 
# 
loop_
_pdbx_validate_rmsd_angle.id 
_pdbx_validate_rmsd_angle.PDB_model_num 
_pdbx_validate_rmsd_angle.auth_atom_id_1 
_pdbx_validate_rmsd_angle.auth_asym_id_1 
_pdbx_validate_rmsd_angle.auth_comp_id_1 
_pdbx_validate_rmsd_angle.auth_seq_id_1 
_pdbx_validate_rmsd_angle.PDB_ins_code_1 
_pdbx_validate_rmsd_angle.label_alt_id_1 
_pdbx_validate_rmsd_angle.auth_atom_id_2 
_pdbx_validate_rmsd_angle.auth_asym_id_2 
_pdbx_validate_rmsd_angle.auth_comp_id_2 
_pdbx_validate_rmsd_angle.auth_seq_id_2 
_pdbx_validate_rmsd_angle.PDB_ins_code_2 
_pdbx_validate_rmsd_angle.label_alt_id_2 
_pdbx_validate_rmsd_angle.auth_atom_id_3 
_pdbx_validate_rmsd_angle.auth_asym_id_3 
_pdbx_validate_rmsd_angle.auth_comp_id_3 
_pdbx_validate_rmsd_angle.auth_seq_id_3 
_pdbx_validate_rmsd_angle.PDB_ins_code_3 
_pdbx_validate_rmsd_angle.label_alt_id_3 
_pdbx_validate_rmsd_angle.angle_value 
_pdbx_validate_rmsd_angle.angle_target_value 
_pdbx_validate_rmsd_angle.angle_deviation 
_pdbx_validate_rmsd_angle.angle_standard_deviation 
_pdbx_validate_rmsd_angle.linker_flag 
1 1 CB A DLE 10 ? B CA A DLE 10 ? ? C  A DLE 10 ? ? 96.22  110.20 -13.98 1.90 N 
2 1 CA C TRP 15 ? ? CB C TRP 15 ? ? CG C TRP 15 ? ? 127.03 113.70 13.33  1.90 N 
# 
_pdbx_molecule_features.prd_id    PRD_000152 
_pdbx_molecule_features.name      'GRAMICIDIN D' 
_pdbx_molecule_features.type      Polypeptide 
_pdbx_molecule_features.class     Antibiotic 
_pdbx_molecule_features.details   
;GRAMICIDIN D IS A HEXADECAMERIC HELICAL PEPTIDE
 WITH ALTERNATING D,L CHARACTERISTICS.
 THE N-TERM IS FORMYLATED (RESIDUE 1).
 THE C-TERM IS CAPPED WITH ETHANOLAMINE (RESIDUE 16).
;
# 
loop_
_pdbx_molecule.instance_id 
_pdbx_molecule.prd_id 
_pdbx_molecule.asym_id 
1 PRD_000152 A 
2 PRD_000152 B 
3 PRD_000152 C 
4 PRD_000152 D 
# 
loop_
_chem_comp_atom.comp_id 
_chem_comp_atom.atom_id 
_chem_comp_atom.type_symbol 
_chem_comp_atom.pdbx_aromatic_flag 
_chem_comp_atom.pdbx_stereo_config 
_chem_comp_atom.pdbx_ordinal 
ALA N    N  N N 1   
ALA CA   C  N S 2   
ALA C    C  N N 3   
ALA O    O  N N 4   
ALA CB   C  N N 5   
ALA OXT  O  N N 6   
ALA H    H  N N 7   
ALA H2   H  N N 8   
ALA HA   H  N N 9   
ALA HB1  H  N N 10  
ALA HB2  H  N N 11  
ALA HB3  H  N N 12  
ALA HXT  H  N N 13  
DLE N    N  N N 14  
DLE CA   C  N R 15  
DLE CB   C  N N 16  
DLE CG   C  N N 17  
DLE CD1  C  N N 18  
DLE CD2  C  N N 19  
DLE C    C  N N 20  
DLE O    O  N N 21  
DLE OXT  O  N N 22  
DLE H    H  N N 23  
DLE H2   H  N N 24  
DLE HA   H  N N 25  
DLE HB2  H  N N 26  
DLE HB3  H  N N 27  
DLE HG   H  N N 28  
DLE HD11 H  N N 29  
DLE HD12 H  N N 30  
DLE HD13 H  N N 31  
DLE HD21 H  N N 32  
DLE HD22 H  N N 33  
DLE HD23 H  N N 34  
DLE HXT  H  N N 35  
DVA N    N  N N 36  
DVA CA   C  N R 37  
DVA CB   C  N N 38  
DVA CG1  C  N N 39  
DVA CG2  C  N N 40  
DVA C    C  N N 41  
DVA O    O  N N 42  
DVA OXT  O  N N 43  
DVA H    H  N N 44  
DVA H2   H  N N 45  
DVA HA   H  N N 46  
DVA HB   H  N N 47  
DVA HG11 H  N N 48  
DVA HG12 H  N N 49  
DVA HG13 H  N N 50  
DVA HG21 H  N N 51  
DVA HG22 H  N N 52  
DVA HG23 H  N N 53  
DVA HXT  H  N N 54  
ETA CA   C  N N 55  
ETA N    N  N N 56  
ETA C    C  N N 57  
ETA O    O  N N 58  
ETA HA1  H  N N 59  
ETA HA2  H  N N 60  
ETA H    H  N N 61  
ETA H2   H  N N 62  
ETA HB1  H  N N 63  
ETA HB2  H  N N 64  
ETA HO   H  N N 65  
FVA C    C  N N 66  
FVA N    N  N N 67  
FVA O    O  N N 68  
FVA CA   C  N S 69  
FVA CB   C  N N 70  
FVA CG1  C  N N 71  
FVA CG2  C  N N 72  
FVA H    H  N N 73  
FVA HA   H  N N 74  
FVA HB   H  N N 75  
FVA HG11 H  N N 76  
FVA HG12 H  N N 77  
FVA HG13 H  N N 78  
FVA HG21 H  N N 79  
FVA HG22 H  N N 80  
FVA HG23 H  N N 81  
FVA O1   O  N N 82  
FVA CN   C  N N 83  
FVA HN   H  N N 84  
FVA OXT  O  N N 85  
FVA HXT  H  N N 86  
GLY N    N  N N 87  
GLY CA   C  N N 88  
GLY C    C  N N 89  
GLY O    O  N N 90  
GLY OXT  O  N N 91  
GLY H    H  N N 92  
GLY H2   H  N N 93  
GLY HA2  H  N N 94  
GLY HA3  H  N N 95  
GLY HXT  H  N N 96  
HOH O    O  N N 97  
HOH H1   H  N N 98  
HOH H2   H  N N 99  
IOD I    I  N N 100 
MOH C    C  N N 101 
MOH O    O  N N 102 
MOH H1   H  N N 103 
MOH H2   H  N N 104 
MOH H3   H  N N 105 
MOH HO   H  N N 106 
NA  NA   NA N N 107 
PHE N    N  N N 108 
PHE CA   C  N S 109 
PHE C    C  N N 110 
PHE O    O  N N 111 
PHE CB   C  N N 112 
PHE CG   C  Y N 113 
PHE CD1  C  Y N 114 
PHE CD2  C  Y N 115 
PHE CE1  C  Y N 116 
PHE CE2  C  Y N 117 
PHE CZ   C  Y N 118 
PHE OXT  O  N N 119 
PHE H    H  N N 120 
PHE H2   H  N N 121 
PHE HA   H  N N 122 
PHE HB2  H  N N 123 
PHE HB3  H  N N 124 
PHE HD1  H  N N 125 
PHE HD2  H  N N 126 
PHE HE1  H  N N 127 
PHE HE2  H  N N 128 
PHE HZ   H  N N 129 
PHE HXT  H  N N 130 
TRP N    N  N N 131 
TRP CA   C  N S 132 
TRP C    C  N N 133 
TRP O    O  N N 134 
TRP CB   C  N N 135 
TRP CG   C  Y N 136 
TRP CD1  C  Y N 137 
TRP CD2  C  Y N 138 
TRP NE1  N  Y N 139 
TRP CE2  C  Y N 140 
TRP CE3  C  Y N 141 
TRP CZ2  C  Y N 142 
TRP CZ3  C  Y N 143 
TRP CH2  C  Y N 144 
TRP OXT  O  N N 145 
TRP H    H  N N 146 
TRP H2   H  N N 147 
TRP HA   H  N N 148 
TRP HB2  H  N N 149 
TRP HB3  H  N N 150 
TRP HD1  H  N N 151 
TRP HE1  H  N N 152 
TRP HE3  H  N N 153 
TRP HZ2  H  N N 154 
TRP HZ3  H  N N 155 
TRP HH2  H  N N 156 
TRP HXT  H  N N 157 
VAL N    N  N N 158 
VAL CA   C  N S 159 
VAL C    C  N N 160 
VAL O    O  N N 161 
VAL CB   C  N N 162 
VAL CG1  C  N N 163 
VAL CG2  C  N N 164 
VAL OXT  O  N N 165 
VAL H    H  N N 166 
VAL H2   H  N N 167 
VAL HA   H  N N 168 
VAL HB   H  N N 169 
VAL HG11 H  N N 170 
VAL HG12 H  N N 171 
VAL HG13 H  N N 172 
VAL HG21 H  N N 173 
VAL HG22 H  N N 174 
VAL HG23 H  N N 175 
VAL HXT  H  N N 176 
# 
loop_
_chem_comp_bond.comp_id 
_chem_comp_bond.atom_id_1 
_chem_comp_bond.atom_id_2 
_chem_comp_bond.value_order 
_chem_comp_bond.pdbx_aromatic_flag 
_chem_comp_bond.pdbx_stereo_config 
_chem_comp_bond.pdbx_ordinal 
ALA N    CA   sing N N 1   
ALA N    H    sing N N 2   
ALA N    H2   sing N N 3   
ALA CA   C    sing N N 4   
ALA CA   CB   sing N N 5   
ALA CA   HA   sing N N 6   
ALA C    O    doub N N 7   
ALA C    OXT  sing N N 8   
ALA CB   HB1  sing N N 9   
ALA CB   HB2  sing N N 10  
ALA CB   HB3  sing N N 11  
ALA OXT  HXT  sing N N 12  
DLE N    CA   sing N N 13  
DLE N    H    sing N N 14  
DLE N    H2   sing N N 15  
DLE CA   CB   sing N N 16  
DLE CA   C    sing N N 17  
DLE CA   HA   sing N N 18  
DLE CB   CG   sing N N 19  
DLE CB   HB2  sing N N 20  
DLE CB   HB3  sing N N 21  
DLE CG   CD1  sing N N 22  
DLE CG   CD2  sing N N 23  
DLE CG   HG   sing N N 24  
DLE CD1  HD11 sing N N 25  
DLE CD1  HD12 sing N N 26  
DLE CD1  HD13 sing N N 27  
DLE CD2  HD21 sing N N 28  
DLE CD2  HD22 sing N N 29  
DLE CD2  HD23 sing N N 30  
DLE C    O    doub N N 31  
DLE C    OXT  sing N N 32  
DLE OXT  HXT  sing N N 33  
DVA N    CA   sing N N 34  
DVA N    H    sing N N 35  
DVA N    H2   sing N N 36  
DVA CA   CB   sing N N 37  
DVA CA   C    sing N N 38  
DVA CA   HA   sing N N 39  
DVA CB   CG1  sing N N 40  
DVA CB   CG2  sing N N 41  
DVA CB   HB   sing N N 42  
DVA CG1  HG11 sing N N 43  
DVA CG1  HG12 sing N N 44  
DVA CG1  HG13 sing N N 45  
DVA CG2  HG21 sing N N 46  
DVA CG2  HG22 sing N N 47  
DVA CG2  HG23 sing N N 48  
DVA C    O    doub N N 49  
DVA C    OXT  sing N N 50  
DVA OXT  HXT  sing N N 51  
ETA CA   N    sing N N 52  
ETA CA   C    sing N N 53  
ETA CA   HA1  sing N N 54  
ETA CA   HA2  sing N N 55  
ETA N    H    sing N N 56  
ETA N    H2   sing N N 57  
ETA C    O    sing N N 58  
ETA C    HB1  sing N N 59  
ETA C    HB2  sing N N 60  
ETA O    HO   sing N N 61  
FVA O    C    doub N N 62  
FVA C    CA   sing N N 63  
FVA H    N    sing N N 64  
FVA N    CN   sing N N 65  
FVA N    CA   sing N N 66  
FVA CB   CA   sing N N 67  
FVA CA   HA   sing N N 68  
FVA HB   CB   sing N N 69  
FVA CB   CG2  sing N N 70  
FVA CB   CG1  sing N N 71  
FVA HG13 CG1  sing N N 72  
FVA HG12 CG1  sing N N 73  
FVA CG1  HG11 sing N N 74  
FVA HG22 CG2  sing N N 75  
FVA HG23 CG2  sing N N 76  
FVA CG2  HG21 sing N N 77  
FVA CN   O1   doub N N 78  
FVA HN   CN   sing N N 79  
FVA C    OXT  sing N N 80  
FVA OXT  HXT  sing N N 81  
GLY N    CA   sing N N 82  
GLY N    H    sing N N 83  
GLY N    H2   sing N N 84  
GLY CA   C    sing N N 85  
GLY CA   HA2  sing N N 86  
GLY CA   HA3  sing N N 87  
GLY C    O    doub N N 88  
GLY C    OXT  sing N N 89  
GLY OXT  HXT  sing N N 90  
HOH O    H1   sing N N 91  
HOH O    H2   sing N N 92  
MOH C    O    sing N N 93  
MOH C    H1   sing N N 94  
MOH C    H2   sing N N 95  
MOH C    H3   sing N N 96  
MOH O    HO   sing N N 97  
PHE N    CA   sing N N 98  
PHE N    H    sing N N 99  
PHE N    H2   sing N N 100 
PHE CA   C    sing N N 101 
PHE CA   CB   sing N N 102 
PHE CA   HA   sing N N 103 
PHE C    O    doub N N 104 
PHE C    OXT  sing N N 105 
PHE CB   CG   sing N N 106 
PHE CB   HB2  sing N N 107 
PHE CB   HB3  sing N N 108 
PHE CG   CD1  doub Y N 109 
PHE CG   CD2  sing Y N 110 
PHE CD1  CE1  sing Y N 111 
PHE CD1  HD1  sing N N 112 
PHE CD2  CE2  doub Y N 113 
PHE CD2  HD2  sing N N 114 
PHE CE1  CZ   doub Y N 115 
PHE CE1  HE1  sing N N 116 
PHE CE2  CZ   sing Y N 117 
PHE CE2  HE2  sing N N 118 
PHE CZ   HZ   sing N N 119 
PHE OXT  HXT  sing N N 120 
TRP N    CA   sing N N 121 
TRP N    H    sing N N 122 
TRP N    H2   sing N N 123 
TRP CA   C    sing N N 124 
TRP CA   CB   sing N N 125 
TRP CA   HA   sing N N 126 
TRP C    O    doub N N 127 
TRP C    OXT  sing N N 128 
TRP CB   CG   sing N N 129 
TRP CB   HB2  sing N N 130 
TRP CB   HB3  sing N N 131 
TRP CG   CD1  doub Y N 132 
TRP CG   CD2  sing Y N 133 
TRP CD1  NE1  sing Y N 134 
TRP CD1  HD1  sing N N 135 
TRP CD2  CE2  doub Y N 136 
TRP CD2  CE3  sing Y N 137 
TRP NE1  CE2  sing Y N 138 
TRP NE1  HE1  sing N N 139 
TRP CE2  CZ2  sing Y N 140 
TRP CE3  CZ3  doub Y N 141 
TRP CE3  HE3  sing N N 142 
TRP CZ2  CH2  doub Y N 143 
TRP CZ2  HZ2  sing N N 144 
TRP CZ3  CH2  sing Y N 145 
TRP CZ3  HZ3  sing N N 146 
TRP CH2  HH2  sing N N 147 
TRP OXT  HXT  sing N N 148 
VAL N    CA   sing N N 149 
VAL N    H    sing N N 150 
VAL N    H2   sing N N 151 
VAL CA   C    sing N N 152 
VAL CA   CB   sing N N 153 
VAL CA   HA   sing N N 154 
VAL C    O    doub N N 155 
VAL C    OXT  sing N N 156 
VAL CB   CG1  sing N N 157 
VAL CB   CG2  sing N N 158 
VAL CB   HB   sing N N 159 
VAL CG1  HG11 sing N N 160 
VAL CG1  HG12 sing N N 161 
VAL CG1  HG13 sing N N 162 
VAL CG2  HG21 sing N N 163 
VAL CG2  HG22 sing N N 164 
VAL CG2  HG23 sing N N 165 
VAL OXT  HXT  sing N N 166 
# 
_pdbx_initial_refinement_model.id               1 
_pdbx_initial_refinement_model.entity_id_list   ? 
_pdbx_initial_refinement_model.type             'experimental model' 
_pdbx_initial_refinement_model.source_name      PDB 
_pdbx_initial_refinement_model.accession_code   1W5U 
_pdbx_initial_refinement_model.details          'PDB ENTRY 1W5U' 
# 
_atom_sites.entry_id                    3L8L 
_atom_sites.fract_transf_matrix[1][1]   0.01120622 
_atom_sites.fract_transf_matrix[1][2]   0.02830853 
_atom_sites.fract_transf_matrix[1][3]   0.01406814 
_atom_sites.fract_transf_matrix[2][1]   -0.00850592 
_atom_sites.fract_transf_matrix[2][2]   0.01636095 
_atom_sites.fract_transf_matrix[2][3]   -0.02614668 
_atom_sites.fract_transf_matrix[3][1]   -0.01750192 
_atom_sites.fract_transf_matrix[3][2]   0.00312656 
_atom_sites.fract_transf_matrix[3][3]   0.00765005 
_atom_sites.fract_transf_vector[1]      0.750892 
_atom_sites.fract_transf_vector[2]      0.246713 
_atom_sites.fract_transf_vector[3]      0.628942 
# 
loop_
_atom_type.symbol 
C  
I  
N  
NA 
O  
# 
loop_
_atom_site.group_PDB 
_atom_site.id 
_atom_site.type_symbol 
_atom_site.label_atom_id 
_atom_site.label_alt_id 
_atom_site.label_comp_id 
_atom_site.label_asym_id 
_atom_site.label_entity_id 
_atom_site.label_seq_id 
_atom_site.pdbx_PDB_ins_code 
_atom_site.Cartn_x 
_atom_site.Cartn_y 
_atom_site.Cartn_z 
_atom_site.occupancy 
_atom_site.B_iso_or_equiv 
_atom_site.pdbx_formal_charge 
_atom_site.auth_seq_id 
_atom_site.auth_comp_id 
_atom_site.auth_asym_id 
_atom_site.auth_atom_id 
_atom_site.pdbx_PDB_model_num 
HETATM 1   C  C   . FVA A 1 1  ? -12.898 9.736   -1.449  1.00 18.34 ? 1    FVA A C   1 
HETATM 2   N  N   . FVA A 1 1  ? -14.552 9.340   -3.083  1.00 20.98 ? 1    FVA A N   1 
HETATM 3   O  O   . FVA A 1 1  ? -13.661 10.028  -0.536  1.00 18.17 ? 1    FVA A O   1 
HETATM 4   C  CA  . FVA A 1 1  ? -13.287 10.005  -2.862  1.00 19.88 ? 1    FVA A CA  1 
HETATM 5   C  CB  . FVA A 1 1  ? -13.348 11.460  -3.262  1.00 26.50 ? 1    FVA A CB  1 
HETATM 6   C  CG1 . FVA A 1 1  ? -14.324 12.274  -2.450  1.00 31.26 ? 1    FVA A CG1 1 
HETATM 7   C  CG2 . FVA A 1 1  ? -11.994 12.120  -3.132  1.00 30.58 ? 1    FVA A CG2 1 
HETATM 8   O  O1  . FVA A 1 1  ? -14.016 8.380   -5.097  1.00 27.90 ? 1    FVA A O1  1 
HETATM 9   C  CN  . FVA A 1 1  ? -14.755 8.620   -4.162  1.00 24.82 ? 1    FVA A CN  1 
ATOM   10  N  N   . GLY A 1 2  ? -11.710 9.177   -1.249  1.00 18.30 ? 2    GLY A N   1 
ATOM   11  C  CA  . GLY A 1 2  ? -11.303 8.780   0.091   1.00 19.55 ? 2    GLY A CA  1 
ATOM   12  C  C   . GLY A 1 2  ? -10.273 7.687   0.030   1.00 20.41 ? 2    GLY A C   1 
ATOM   13  O  O   . GLY A 1 2  ? -9.420  7.727   -0.838  1.00 25.55 ? 2    GLY A O   1 
ATOM   14  N  N   . ALA A 1 3  ? -10.351 6.762   0.991   1.00 18.31 ? 3    ALA A N   1 
ATOM   15  C  CA  . ALA A 1 3  ? -9.328  5.772   1.117   1.00 18.98 ? 3    ALA A CA  1 
ATOM   16  C  C   . ALA A 1 3  ? -9.846  4.437   0.614   1.00 19.29 ? 3    ALA A C   1 
ATOM   17  O  O   . ALA A 1 3  ? -11.008 4.100   0.805   1.00 26.21 ? 3    ALA A O   1 
ATOM   18  C  CB  . ALA A 1 3  ? -8.914  5.580   2.577   1.00 23.92 ? 3    ALA A CB  1 
HETATM 19  N  N   . DLE A 1 4  ? -8.999  3.602   0.063   1.00 17.48 ? 4    DLE A N   1 
HETATM 20  C  CA  . DLE A 1 4  ? -9.341  2.244   -0.292  1.00 17.91 ? 4    DLE A CA  1 
HETATM 21  C  CB  . DLE A 1 4  ? -8.874  1.236   0.748   1.00 23.79 ? 4    DLE A CB  1 
HETATM 22  C  CG  . DLE A 1 4  ? -9.914  0.711   1.691   1.00 30.23 ? 4    DLE A CG  1 
HETATM 23  C  CD1 . DLE A 1 4  ? -11.077 0.120   0.906   1.00 36.21 ? 4    DLE A CD1 1 
HETATM 24  C  CD2 . DLE A 1 4  ? -9.267  -0.298  2.633   1.00 39.46 ? 4    DLE A CD2 1 
HETATM 25  C  C   . DLE A 1 4  ? -8.570  1.883   -1.555  1.00 17.80 ? 4    DLE A C   1 
HETATM 26  O  O   . DLE A 1 4  ? -7.353  1.953   -1.571  1.00 23.14 ? 4    DLE A O   1 
ATOM   27  N  N   . ALA A 1 5  ? -9.314  1.434   -2.537  1.00 17.47 ? 5    ALA A N   1 
ATOM   28  C  CA  . ALA A 1 5  ? -8.770  1.066   -3.829  1.00 16.76 ? 5    ALA A CA  1 
ATOM   29  C  C   . ALA A 1 5  ? -9.375  1.975   -4.908  1.00 17.10 ? 5    ALA A C   1 
ATOM   30  O  O   . ALA A 1 5  ? -10.487 2.489   -4.781  1.00 19.97 ? 5    ALA A O   1 
ATOM   31  C  CB  . ALA A 1 5  ? -8.976  -0.384  -4.062  1.00 21.92 ? 5    ALA A CB  1 
HETATM 32  N  N   . DVA A 1 6  ? -8.598  2.061   -5.978  1.00 16.14 ? 6    DVA A N   1 
HETATM 33  C  CA  . DVA A 1 6  ? -9.039  2.806   -7.175  1.00 15.94 ? 6    DVA A CA  1 
HETATM 34  C  CB  A DVA A 1 6  ? -9.673  1.839   -8.157  0.73 18.57 ? 6    DVA A CB  1 
HETATM 35  C  CB  B DVA A 1 6  ? -9.790  1.920   -8.164  0.27 17.95 ? 6    DVA A CB  1 
HETATM 36  C  CG1 A DVA A 1 6  ? -10.901 1.137   -7.582  0.73 26.45 ? 6    DVA A CG1 1 
HETATM 37  C  CG1 B DVA A 1 6  ? -10.258 2.747   -9.360  0.27 19.68 ? 6    DVA A CG1 1 
HETATM 38  C  CG2 A DVA A 1 6  ? -10.062 2.583   -9.429  0.73 22.43 ? 6    DVA A CG2 1 
HETATM 39  C  CG2 B DVA A 1 6  ? -8.950  0.741   -8.633  0.27 16.59 ? 6    DVA A CG2 1 
HETATM 40  C  C   . DVA A 1 6  ? -7.837  3.500   -7.811  1.00 15.34 ? 6    DVA A C   1 
HETATM 41  O  O   . DVA A 1 6  ? -6.838  2.825   -8.149  1.00 15.91 ? 6    DVA A O   1 
ATOM   42  N  N   . VAL A 1 7  ? -7.966  4.793   -8.011  1.00 15.27 ? 7    VAL A N   1 
ATOM   43  C  CA  . VAL A 1 7  ? -6.826  5.572   -8.468  1.00 14.85 ? 7    VAL A CA  1 
ATOM   44  C  C   . VAL A 1 7  ? -6.480  6.739   -7.564  1.00 14.59 ? 7    VAL A C   1 
ATOM   45  O  O   . VAL A 1 7  ? -7.360  7.250   -6.913  1.00 17.59 ? 7    VAL A O   1 
ATOM   46  C  CB  . VAL A 1 7  ? -7.081  6.150   -9.884  1.00 16.07 ? 7    VAL A CB  1 
ATOM   47  C  CG1 . VAL A 1 7  ? -7.044  5.050   -10.891 1.00 16.83 ? 7    VAL A CG1 1 
ATOM   48  C  CG2 . VAL A 1 7  ? -8.370  6.951   -9.885  1.00 17.15 ? 7    VAL A CG2 1 
HETATM 49  N  N   . DVA A 1 8  ? -5.204  7.126   -7.644  1.00 14.22 ? 8    DVA A N   1 
HETATM 50  C  CA  . DVA A 1 8  ? -4.680  8.246   -6.865  1.00 14.77 ? 8    DVA A CA  1 
HETATM 51  C  CB  A DVA A 1 8  ? -4.599  9.535   -7.684  0.36 18.92 ? 8    DVA A CB  1 
HETATM 52  C  CB  B DVA A 1 8  ? -4.397  9.387   -7.861  0.64 18.33 ? 8    DVA A CB  1 
HETATM 53  C  CG1 A DVA A 1 8  ? -4.550  10.717  -6.726  0.36 21.82 ? 8    DVA A CG1 1 
HETATM 54  C  CG1 B DVA A 1 8  ? -5.786  9.793   -8.376  0.64 21.45 ? 8    DVA A CG1 1 
HETATM 55  C  CG2 A DVA A 1 8  ? -3.414  9.485   -8.629  0.36 27.92 ? 8    DVA A CG2 1 
HETATM 56  C  CG2 B DVA A 1 8  ? -3.613  10.562  -7.308  0.64 18.39 ? 8    DVA A CG2 1 
HETATM 57  C  C   . DVA A 1 8  ? -3.340  7.916   -6.241  1.00 15.19 ? 8    DVA A C   1 
HETATM 58  O  O   . DVA A 1 8  ? -2.451  7.379   -6.966  1.00 17.19 ? 8    DVA A O   1 
ATOM   59  N  N   . TRP A 1 9  ? -3.140  8.218   -5.010  1.00 15.26 ? 9    TRP A N   1 
ATOM   60  C  CA  . TRP A 1 9  ? -1.871  8.203   -4.272  1.00 14.41 ? 9    TRP A CA  1 
ATOM   61  C  C   . TRP A 1 9  ? -1.733  6.981   -3.428  1.00 14.94 ? 9    TRP A C   1 
ATOM   62  O  O   . TRP A 1 9  ? -2.556  6.725   -2.524  1.00 16.27 ? 9    TRP A O   1 
ATOM   63  C  CB  . TRP A 1 9  ? -1.760  9.474   -3.406  1.00 18.04 ? 9    TRP A CB  1 
ATOM   64  C  CG  A TRP A 1 9  ? -1.398  10.715  -4.201  0.41 21.58 ? 9    TRP A CG  1 
ATOM   65  C  CG  B TRP A 1 9  ? -2.197  10.786  -3.969  0.59 21.48 ? 9    TRP A CG  1 
ATOM   66  C  CD1 A TRP A 1 9  ? -0.180  11.151  -4.643  0.41 22.70 ? 9    TRP A CD1 1 
ATOM   67  C  CD1 B TRP A 1 9  ? -3.307  11.570  -3.761  0.59 24.42 ? 9    TRP A CD1 1 
ATOM   68  C  CD2 A TRP A 1 9  ? -2.333  11.713  -4.646  0.41 24.39 ? 9    TRP A CD2 1 
ATOM   69  C  CD2 B TRP A 1 9  ? -1.387  11.492  -4.912  0.59 23.92 ? 9    TRP A CD2 1 
ATOM   70  N  NE1 A TRP A 1 9  ? -0.289  12.352  -5.339  0.41 25.82 ? 9    TRP A NE1 1 
ATOM   71  N  NE1 B TRP A 1 9  ? -3.230  12.728  -4.540  0.59 24.20 ? 9    TRP A NE1 1 
ATOM   72  C  CE2 A TRP A 1 9  ? -1.611  12.714  -5.348  0.41 23.33 ? 9    TRP A CE2 1 
ATOM   73  C  CE2 B TRP A 1 9  ? -2.057  12.689  -5.248  0.59 24.36 ? 9    TRP A CE2 1 
ATOM   74  C  CE3 A TRP A 1 9  ? -3.726  11.833  -4.500  0.41 25.33 ? 9    TRP A CE3 1 
ATOM   75  C  CE3 B TRP A 1 9  ? -0.152  11.195  -5.497  0.59 24.83 ? 9    TRP A CE3 1 
ATOM   76  C  CZ2 A TRP A 1 9  ? -2.261  13.814  -5.900  0.41 24.18 ? 9    TRP A CZ2 1 
ATOM   77  C  CZ2 B TRP A 1 9  ? -1.498  13.572  -6.147  0.59 19.97 ? 9    TRP A CZ2 1 
ATOM   78  C  CZ3 A TRP A 1 9  ? -4.355  12.929  -5.051  0.41 26.60 ? 9    TRP A CZ3 1 
ATOM   79  C  CZ3 B TRP A 1 9  ? 0.380   12.109  -6.408  0.59 25.78 ? 9    TRP A CZ3 1 
ATOM   80  C  CH2 A TRP A 1 9  ? -3.612  13.891  -5.734  0.41 26.37 ? 9    TRP A CH2 1 
ATOM   81  C  CH2 B TRP A 1 9  ? -0.304  13.286  -6.726  0.59 23.92 ? 9    TRP A CH2 1 
HETATM 82  N  N   . DLE A 1 10 ? -0.630  6.240   -3.594  1.00 15.55 ? 10   DLE A N   1 
HETATM 83  C  CA  . DLE A 1 10 ? -0.315  5.110   -2.726  1.00 17.54 ? 10   DLE A CA  1 
HETATM 84  C  CB  A DLE A 1 10 ? 0.385   5.441   -1.426  0.51 24.81 ? 10   DLE A CB  1 
HETATM 85  C  CB  B DLE A 1 10 ? 0.926   5.409   -1.874  0.49 23.46 ? 10   DLE A CB  1 
HETATM 86  C  CG  A DLE A 1 10 ? 1.870   5.598   -1.256  0.51 27.94 ? 10   DLE A CG  1 
HETATM 87  C  CG  B DLE A 1 10 ? 0.829   6.313   -0.670  0.49 28.50 ? 10   DLE A CG  1 
HETATM 88  C  CD1 A DLE A 1 10 ? 2.277   6.994   -1.697  0.51 31.15 ? 10   DLE A CD1 1 
HETATM 89  C  CD1 B DLE A 1 10 ? 1.948   6.073   0.338   0.49 22.62 ? 10   DLE A CD1 1 
HETATM 90  C  CD2 A DLE A 1 10 ? 2.366   5.384   0.186   0.51 22.94 ? 10   DLE A CD2 1 
HETATM 91  C  CD2 B DLE A 1 10 ? 0.846   7.753   -1.201  0.49 39.40 ? 10   DLE A CD2 1 
HETATM 92  C  C   . DLE A 1 10 ? 0.317   4.020   -3.561  1.00 15.70 ? 10   DLE A C   1 
HETATM 93  O  O   . DLE A 1 10 ? 1.187   4.273   -4.369  1.00 22.75 ? 10   DLE A O   1 
ATOM   94  N  N   . TRP A 1 11 ? -0.062  2.787   -3.310  1.00 13.54 ? 11   TRP A N   1 
ATOM   95  C  CA  . TRP A 1 11 ? 0.689   1.618   -3.733  1.00 14.49 ? 11   TRP A CA  1 
ATOM   96  C  C   . TRP A 1 11 ? -0.019  0.880   -4.840  1.00 14.89 ? 11   TRP A C   1 
ATOM   97  O  O   . TRP A 1 11 ? -1.207  0.539   -4.743  1.00 16.24 ? 11   TRP A O   1 
ATOM   98  C  CB  . TRP A 1 11 ? 0.817   0.654   -2.540  1.00 17.09 ? 11   TRP A CB  1 
ATOM   99  C  CG  . TRP A 1 11 ? 1.430   1.313   -1.358  1.00 19.87 ? 11   TRP A CG  1 
ATOM   100 C  CD1 . TRP A 1 11 ? 0.846   1.883   -0.294  1.00 20.27 ? 11   TRP A CD1 1 
ATOM   101 C  CD2 . TRP A 1 11 ? 2.836   1.482   -1.174  1.00 20.69 ? 11   TRP A CD2 1 
ATOM   102 N  NE1 . TRP A 1 11 ? 1.812   2.377   0.569   1.00 21.40 ? 11   TRP A NE1 1 
ATOM   103 C  CE2 . TRP A 1 11 ? 3.053   2.150   0.046   1.00 23.14 ? 11   TRP A CE2 1 
ATOM   104 C  CE3 . TRP A 1 11 ? 3.892   1.090   -1.961  1.00 21.14 ? 11   TRP A CE3 1 
ATOM   105 C  CZ2 . TRP A 1 11 ? 4.294   2.488   0.570   1.00 24.26 ? 11   TRP A CZ2 1 
ATOM   106 C  CZ3 . TRP A 1 11 ? 5.124   1.432   -1.429  1.00 23.61 ? 11   TRP A CZ3 1 
ATOM   107 C  CH2 . TRP A 1 11 ? 5.365   2.098   -0.224  1.00 24.30 ? 11   TRP A CH2 1 
HETATM 108 N  N   . DLE A 1 12 ? 0.729   0.548   -5.872  1.00 14.71 ? 12   DLE A N   1 
HETATM 109 C  CA  . DLE A 1 12 ? 0.243   -0.296  -6.952  1.00 15.26 ? 12   DLE A CA  1 
HETATM 110 C  CB  . DLE A 1 12 ? 0.378   -1.748  -6.522  1.00 18.87 ? 12   DLE A CB  1 
HETATM 111 C  CG  . DLE A 1 12 ? -0.122  -2.805  -7.500  1.00 20.91 ? 12   DLE A CG  1 
HETATM 112 C  CD1 . DLE A 1 12 ? 0.948   -3.100  -8.532  1.00 24.77 ? 12   DLE A CD1 1 
HETATM 113 C  CD2 . DLE A 1 12 ? -0.548  -4.053  -6.760  1.00 27.96 ? 12   DLE A CD2 1 
HETATM 114 C  C   . DLE A 1 12 ? 1.018   0.033   -8.225  1.00 14.43 ? 12   DLE A C   1 
HETATM 115 O  O   . DLE A 1 12 ? 2.252   -0.027  -8.224  1.00 19.01 ? 12   DLE A O   1 
ATOM   116 N  N   . TRP A 1 13 ? 0.308   0.392   -9.297  1.00 13.25 ? 13   TRP A N   1 
ATOM   117 C  CA  . TRP A 1 13 ? 0.937   0.518   -10.630 1.00 13.26 ? 13   TRP A CA  1 
ATOM   118 C  C   . TRP A 1 13 ? 0.723   1.928   -11.138 1.00 15.04 ? 13   TRP A C   1 
ATOM   119 O  O   . TRP A 1 13 ? -0.381  2.430   -11.209 1.00 14.55 ? 13   TRP A O   1 
ATOM   120 C  CB  . TRP A 1 13 ? 0.333   -0.504  -11.607 1.00 14.68 ? 13   TRP A CB  1 
ATOM   121 C  CG  . TRP A 1 13 ? 1.019   -0.514  -12.936 1.00 14.61 ? 13   TRP A CG  1 
ATOM   122 C  CD1 . TRP A 1 13 ? 0.621   0.208   -14.039 1.00 15.26 ? 13   TRP A CD1 1 
ATOM   123 C  CD2 . TRP A 1 13 ? 2.189   -1.239  -13.324 1.00 15.26 ? 13   TRP A CD2 1 
ATOM   124 N  NE1 . TRP A 1 13 ? 1.463   -0.038  -15.083 1.00 15.81 ? 13   TRP A NE1 1 
ATOM   125 C  CE2 . TRP A 1 13 ? 2.421   -0.915  -14.653 1.00 15.37 ? 13   TRP A CE2 1 
ATOM   126 C  CE3 . TRP A 1 13 ? 3.009   -2.124  -12.650 1.00 17.11 ? 13   TRP A CE3 1 
ATOM   127 C  CZ2 . TRP A 1 13 ? 3.497   -1.450  -15.360 1.00 17.06 ? 13   TRP A CZ2 1 
ATOM   128 C  CZ3 . TRP A 1 13 ? 4.105   -2.688  -13.345 1.00 18.01 ? 13   TRP A CZ3 1 
ATOM   129 C  CH2 . TRP A 1 13 ? 4.324   -2.346  -14.686 1.00 18.89 ? 13   TRP A CH2 1 
HETATM 130 N  N   . DLE A 1 14 ? 1.779   2.550   -11.626 1.00 15.35 ? 14   DLE A N   1 
HETATM 131 C  CA  . DLE A 1 14 ? 1.735   3.872   -12.257 1.00 15.44 ? 14   DLE A CA  1 
HETATM 132 C  CB  . DLE A 1 14 ? 1.313   3.765   -13.700 1.00 17.05 ? 14   DLE A CB  1 
HETATM 133 C  CG  . DLE A 1 14 ? 1.331   5.053   -14.509 1.00 17.74 ? 14   DLE A CG  1 
HETATM 134 C  CD1 . DLE A 1 14 ? 0.995   4.803   -15.950 1.00 22.48 ? 14   DLE A CD1 1 
HETATM 135 C  CD2 . DLE A 1 14 ? 0.357   6.085   -13.938 1.00 19.87 ? 14   DLE A CD2 1 
HETATM 136 C  C   . DLE A 1 14 ? 3.084   4.553   -12.158 1.00 17.70 ? 14   DLE A C   1 
HETATM 137 O  O   . DLE A 1 14 ? 4.080   3.991   -12.557 1.00 19.06 ? 14   DLE A O   1 
ATOM   138 N  N   . TRP A 1 15 ? 3.119   5.749   -11.667 1.00 18.01 ? 15   TRP A N   1 
ATOM   139 C  CA  . TRP A 1 15 ? 4.315   6.567   -11.682 1.00 19.21 ? 15   TRP A CA  1 
ATOM   140 C  C   . TRP A 1 15 ? 4.823   7.008   -10.317 1.00 19.51 ? 15   TRP A C   1 
ATOM   141 O  O   . TRP A 1 15 ? 4.059   7.493   -9.502  1.00 21.27 ? 15   TRP A O   1 
ATOM   142 C  CB  . TRP A 1 15 ? 3.961   7.842   -12.382 1.00 21.60 ? 15   TRP A CB  1 
ATOM   143 C  CG  . TRP A 1 15 ? 4.900   8.966   -12.513 1.00 23.46 ? 15   TRP A CG  1 
ATOM   144 C  CD1 . TRP A 1 15 ? 4.717   10.213  -12.023 1.00 25.90 ? 15   TRP A CD1 1 
ATOM   145 C  CD2 . TRP A 1 15 ? 6.166   9.000   -13.174 1.00 24.60 ? 15   TRP A CD2 1 
ATOM   146 N  NE1 . TRP A 1 15 ? 5.763   11.039  -12.322 1.00 26.71 ? 15   TRP A NE1 1 
ATOM   147 C  CE2 . TRP A 1 15 ? 6.676   10.304  -13.037 1.00 26.08 ? 15   TRP A CE2 1 
ATOM   148 C  CE3 . TRP A 1 15 ? 6.889   8.017   -13.870 1.00 26.84 ? 15   TRP A CE3 1 
ATOM   149 C  CZ2 . TRP A 1 15 ? 7.882   10.716  -13.554 1.00 26.88 ? 15   TRP A CZ2 1 
ATOM   150 C  CZ3 . TRP A 1 15 ? 8.127   8.401   -14.409 1.00 27.47 ? 15   TRP A CZ3 1 
ATOM   151 C  CH2 . TRP A 1 15 ? 8.587   9.728   -14.232 1.00 29.66 ? 15   TRP A CH2 1 
HETATM 152 C  CA  . ETA A 1 16 ? 6.911   7.280   -8.992  1.00 29.72 ? 16   ETA A CA  1 
HETATM 153 N  N   . ETA A 1 16 ? 6.118   6.900   -10.155 1.00 21.61 ? 16   ETA A N   1 
HETATM 154 C  C   . ETA A 1 16 ? 8.317   6.647   -9.128  1.00 35.48 ? 16   ETA A C   1 
HETATM 155 O  O   . ETA A 1 16 ? 8.902   7.007   -10.398 1.00 46.61 ? 16   ETA A O   1 
HETATM 156 C  C   . FVA B 2 1  ? 6.606   2.167   -14.116 1.00 19.54 ? 1    FVA B C   1 
HETATM 157 N  N   . FVA B 2 1  ? 7.957   4.205   -14.249 1.00 21.99 ? 1    FVA B N   1 
HETATM 158 O  O   . FVA B 2 1  ? 7.434   1.416   -14.670 1.00 24.02 ? 1    FVA B O   1 
HETATM 159 C  CA  . FVA B 2 1  ? 6.605   3.664   -14.417 1.00 19.82 ? 1    FVA B CA  1 
HETATM 160 C  CB  . FVA B 2 1  ? 6.086   3.839   -15.855 1.00 23.78 ? 1    FVA B CB  1 
HETATM 161 C  CG1 . FVA B 2 1  ? 4.699   3.257   -16.082 1.00 27.16 ? 1    FVA B CG1 1 
HETATM 162 C  CG2 . FVA B 2 1  ? 5.992   5.312   -16.183 1.00 29.10 ? 1    FVA B CG2 1 
HETATM 163 O  O1  . FVA B 2 1  ? 7.554   5.191   -12.209 1.00 31.63 ? 1    FVA B O1  1 
HETATM 164 C  CN  . FVA B 2 1  ? 8.346   4.833   -13.139 1.00 23.63 ? 1    FVA B CN  1 
ATOM   165 N  N   . GLY B 2 2  ? 5.673   1.790   -13.313 1.00 17.49 ? 2    GLY B N   1 
ATOM   166 C  CA  . GLY B 2 2  ? 5.653   0.405   -12.856 1.00 16.64 ? 2    GLY B CA  1 
ATOM   167 C  C   . GLY B 2 2  ? 5.113   0.347   -11.476 1.00 15.61 ? 2    GLY B C   1 
ATOM   168 O  O   . GLY B 2 2  ? 4.269   1.143   -11.050 1.00 17.93 ? 2    GLY B O   1 
ATOM   169 N  N   . ALA B 2 3  ? 5.539   -0.707  -10.765 1.00 15.49 ? 3    ALA B N   1 
ATOM   170 C  CA  . ALA B 2 3  ? 4.941   -0.973  -9.466  1.00 15.05 ? 3    ALA B CA  1 
ATOM   171 C  C   . ALA B 2 3  ? 5.694   -0.265  -8.363  1.00 15.87 ? 3    ALA B C   1 
ATOM   172 O  O   . ALA B 2 3  ? 6.899   -0.065  -8.442  1.00 17.38 ? 3    ALA B O   1 
ATOM   173 C  CB  . ALA B 2 3  ? 4.958   -2.465  -9.177  1.00 18.01 ? 3    ALA B CB  1 
HETATM 174 N  N   . DLE B 2 4  ? 4.944   0.043   -7.311  1.00 15.98 ? 4    DLE B N   1 
HETATM 175 C  CA  . DLE B 2 4  ? 5.507   0.605   -6.082  1.00 16.20 ? 4    DLE B CA  1 
HETATM 176 C  CB  . DLE B 2 4  ? 5.634   -0.454  -5.018  1.00 18.88 ? 4    DLE B CB  1 
HETATM 177 C  CG  . DLE B 2 4  ? 6.599   -1.620  -5.321  1.00 20.82 ? 4    DLE B CG  1 
HETATM 178 C  CD1 . DLE B 2 4  ? 8.022   -1.098  -5.361  1.00 28.50 ? 4    DLE B CD1 1 
HETATM 179 C  CD2 . DLE B 2 4  ? 6.319   -2.650  -4.256  1.00 27.44 ? 4    DLE B CD2 1 
HETATM 180 C  C   . DLE B 2 4  ? 4.635   1.762   -5.632  1.00 16.21 ? 4    DLE B C   1 
HETATM 181 O  O   . DLE B 2 4  ? 3.415   1.716   -5.787  1.00 19.41 ? 4    DLE B O   1 
ATOM   182 N  N   . ALA B 2 5  ? 5.235   2.781   -5.045  1.00 16.84 ? 5    ALA B N   1 
ATOM   183 C  CA  . ALA B 2 5  ? 4.510   3.938   -4.511  1.00 16.83 ? 5    ALA B CA  1 
ATOM   184 C  C   . ALA B 2 5  ? 4.465   5.031   -5.567  1.00 16.92 ? 5    ALA B C   1 
ATOM   185 O  O   . ALA B 2 5  ? 5.428   5.258   -6.289  1.00 18.43 ? 5    ALA B O   1 
ATOM   186 C  CB  . ALA B 2 5  ? 5.096   4.422   -3.237  1.00 20.21 ? 5    ALA B CB  1 
HETATM 187 N  N   . DVA B 2 6  ? 3.329   5.722   -5.585  1.00 18.53 ? 6    DVA B N   1 
HETATM 188 C  CA  . DVA B 2 6  ? 3.213   6.944   -6.366  1.00 17.66 ? 6    DVA B CA  1 
HETATM 189 C  CB  A DVA B 2 6  ? 3.793   8.172   -5.635  0.49 20.13 ? 6    DVA B CB  1 
HETATM 190 C  CB  B DVA B 2 6  ? 3.581   8.171   -5.504  0.51 19.33 ? 6    DVA B CB  1 
HETATM 191 C  CG1 A DVA B 2 6  ? 3.729   9.439   -6.488  0.49 17.14 ? 6    DVA B CG1 1 
HETATM 192 C  CG1 B DVA B 2 6  ? 2.635   8.349   -4.336  0.51 23.47 ? 6    DVA B CG1 1 
HETATM 193 C  CG2 A DVA B 2 6  ? 3.119   8.394   -4.298  0.49 20.41 ? 6    DVA B CG2 1 
HETATM 194 C  CG2 B DVA B 2 6  ? 5.008   8.045   -4.977  0.51 21.14 ? 6    DVA B CG2 1 
HETATM 195 C  C   . DVA B 2 6  ? 1.789   7.134   -6.844  1.00 16.60 ? 6    DVA B C   1 
HETATM 196 O  O   . DVA B 2 6  ? 0.882   6.857   -6.066  1.00 20.95 ? 6    DVA B O   1 
ATOM   197 N  N   . VAL B 2 7  ? 1.583   7.637   -8.040  1.00 16.87 ? 7    VAL B N   1 
ATOM   198 C  CA  . VAL B 2 7  ? 0.263   7.924   -8.540  1.00 18.12 ? 7    VAL B CA  1 
ATOM   199 C  C   . VAL B 2 7  ? -0.130  6.889   -9.575  1.00 16.07 ? 7    VAL B C   1 
ATOM   200 O  O   . VAL B 2 7  ? 0.684   6.489   -10.448 1.00 18.04 ? 7    VAL B O   1 
ATOM   201 C  CB  A VAL B 2 7  ? 0.366   9.315   -9.222  0.40 19.28 ? 7    VAL B CB  1 
ATOM   202 C  CB  B VAL B 2 7  ? 0.142   9.331   -9.136  0.61 21.97 ? 7    VAL B CB  1 
ATOM   203 C  CG1 A VAL B 2 7  ? 1.464   9.286   -10.270 0.40 23.93 ? 7    VAL B CG1 1 
ATOM   204 C  CG1 B VAL B 2 7  ? 0.566   10.295  -8.028  0.61 25.60 ? 7    VAL B CG1 1 
ATOM   205 C  CG2 A VAL B 2 7  ? -0.956  9.812   -9.807  0.40 14.16 ? 7    VAL B CG2 1 
ATOM   206 C  CG2 B VAL B 2 7  ? 0.931   9.440   -10.405 0.61 26.53 ? 7    VAL B CG2 1 
HETATM 207 N  N   . DVA B 2 8  ? -1.335  6.420   -9.535  1.00 14.79 ? 8    DVA B N   1 
HETATM 208 C  CA  . DVA B 2 8  ? -1.900  5.511   -10.511 1.00 14.35 ? 8    DVA B CA  1 
HETATM 209 C  CB  . DVA B 2 8  ? -2.523  6.237   -11.765 1.00 16.32 ? 8    DVA B CB  1 
HETATM 210 C  CG1 . DVA B 2 8  ? -2.875  5.196   -12.833 1.00 18.08 ? 8    DVA B CG1 1 
HETATM 211 C  CG2 . DVA B 2 8  ? -3.718  7.110   -11.480 1.00 18.51 ? 8    DVA B CG2 1 
HETATM 212 C  C   . DVA B 2 8  ? -2.933  4.639   -9.862  1.00 13.97 ? 8    DVA B C   1 
HETATM 213 O  O   . DVA B 2 8  ? -3.711  5.105   -9.032  1.00 15.16 ? 8    DVA B O   1 
ATOM   214 N  N   . TRP B 2 9  ? -2.943  3.338   -10.192 1.00 14.42 ? 9    TRP B N   1 
ATOM   215 C  CA  . TRP B 2 9  ? -3.888  2.390   -9.769  1.00 14.08 ? 9    TRP B CA  1 
ATOM   216 C  C   . TRP B 2 9  ? -3.440  1.681   -8.490  1.00 14.33 ? 9    TRP B C   1 
ATOM   217 O  O   . TRP B 2 9  ? -2.285  1.315   -8.391  1.00 16.21 ? 9    TRP B O   1 
ATOM   218 C  CB  . TRP B 2 9  ? -3.981  1.276   -10.809 1.00 15.78 ? 9    TRP B CB  1 
ATOM   219 C  CG  . TRP B 2 9  ? -4.189  1.668   -12.221 1.00 17.67 ? 9    TRP B CG  1 
ATOM   220 C  CD1 . TRP B 2 9  ? -3.255  1.808   -13.227 1.00 19.42 ? 9    TRP B CD1 1 
ATOM   221 C  CD2 . TRP B 2 9  ? -5.448  1.925   -12.807 1.00 18.67 ? 9    TRP B CD2 1 
ATOM   222 N  NE1 . TRP B 2 9  ? -3.865  2.166   -14.368 1.00 21.25 ? 9    TRP B NE1 1 
ATOM   223 C  CE2 . TRP B 2 9  ? -5.237  2.245   -14.169 1.00 20.34 ? 9    TRP B CE2 1 
ATOM   224 C  CE3 . TRP B 2 9  ? -6.747  1.934   -12.315 1.00 20.03 ? 9    TRP B CE3 1 
ATOM   225 C  CZ2 . TRP B 2 9  ? -6.270  2.562   -15.063 1.00 24.00 ? 9    TRP B CZ2 1 
ATOM   226 C  CZ3 . TRP B 2 9  ? -7.752  2.255   -13.216 1.00 24.26 ? 9    TRP B CZ3 1 
ATOM   227 C  CH2 . TRP B 2 9  ? -7.524  2.561   -14.531 1.00 25.02 ? 9    TRP B CH2 1 
HETATM 228 N  N   . DLE B 2 10 ? -4.424  1.472   -7.599  1.00 14.27 ? 10   DLE B N   1 
HETATM 229 C  CA  . DLE B 2 10 ? -3.968  0.680   -6.452  1.00 17.30 ? 10   DLE B CA  1 
HETATM 230 C  CB  . DLE B 2 10 ? -4.097  -0.817  -6.661  1.00 24.41 ? 10   DLE B CB  1 
HETATM 231 C  CG  . DLE B 2 10 ? -5.520  -1.213  -7.025  1.00 27.97 ? 10   DLE B CG  1 
HETATM 232 C  CD1 . DLE B 2 10 ? -6.204  -0.183  -7.933  1.00 39.17 ? 10   DLE B CD1 1 
HETATM 233 C  CD2 . DLE B 2 10 ? -5.529  -2.609  -7.663  1.00 36.06 ? 10   DLE B CD2 1 
HETATM 234 C  C   . DLE B 2 10 ? -4.700  1.104   -5.192  1.00 13.88 ? 10   DLE B C   1 
HETATM 235 O  O   . DLE B 2 10 ? -5.840  1.545   -5.206  1.00 16.59 ? 10   DLE B O   1 
ATOM   236 N  N   B PHE B 2 11 ? -3.998  0.889   -4.151  0.39 15.34 ? 11   PHE B N   1 
ATOM   237 C  CA  B PHE B 2 11 ? -4.533  1.300   -2.861  0.39 15.18 ? 11   PHE B CA  1 
ATOM   238 C  C   B PHE B 2 11 ? -3.968  2.640   -2.430  0.39 15.36 ? 11   PHE B C   1 
ATOM   239 O  O   B PHE B 2 11 ? -2.881  3.044   -2.852  0.39 14.44 ? 11   PHE B O   1 
ATOM   240 C  CB  B PHE B 2 11 ? -4.161  0.285   -1.781  0.39 16.40 ? 11   PHE B CB  1 
ATOM   241 C  CG  B PHE B 2 11 ? -4.652  -1.107  -2.074  0.39 19.32 ? 11   PHE B CG  1 
ATOM   242 C  CD1 B PHE B 2 11 ? -5.916  -1.524  -1.693  0.39 19.60 ? 11   PHE B CD1 1 
ATOM   243 C  CD2 B PHE B 2 11 ? -3.797  -1.973  -2.740  0.39 19.52 ? 11   PHE B CD2 1 
ATOM   244 C  CE1 B PHE B 2 11 ? -6.321  -2.805  -1.986  0.39 18.91 ? 11   PHE B CE1 1 
ATOM   245 C  CE2 B PHE B 2 11 ? -4.203  -3.249  -3.041  0.39 22.08 ? 11   PHE B CE2 1 
ATOM   246 C  CZ  B PHE B 2 11 ? -5.460  -3.657  -2.658  0.39 22.64 ? 11   PHE B CZ  1 
ATOM   247 N  N   A TRP B 2 11 ? -3.989  0.999   -4.083  0.61 14.89 ? 11   TRP B N   1 
ATOM   248 C  CA  A TRP B 2 11 ? -4.467  1.221   -2.742  0.61 14.64 ? 11   TRP B CA  1 
ATOM   249 C  C   A TRP B 2 11 ? -3.943  2.527   -2.172  0.61 15.44 ? 11   TRP B C   1 
ATOM   250 O  O   A TRP B 2 11 ? -2.759  2.880   -2.278  0.61 13.45 ? 11   TRP B O   1 
ATOM   251 C  CB  A TRP B 2 11 ? -3.898  0.125   -1.861  0.61 16.15 ? 11   TRP B CB  1 
ATOM   252 C  CG  A TRP B 2 11 ? -4.114  -1.268  -2.243  0.61 19.48 ? 11   TRP B CG  1 
ATOM   253 C  CD1 A TRP B 2 11 ? -3.316  -2.143  -2.901  0.61 21.30 ? 11   TRP B CD1 1 
ATOM   254 C  CD2 A TRP B 2 11 ? -5.339  -1.977  -1.959  0.61 20.55 ? 11   TRP B CD2 1 
ATOM   255 N  NE1 A TRP B 2 11 ? -3.947  -3.355  -3.036  0.61 23.12 ? 11   TRP B NE1 1 
ATOM   256 C  CE2 A TRP B 2 11 ? -5.187  -3.268  -2.461  0.61 19.67 ? 11   TRP B CE2 1 
ATOM   257 C  CE3 A TRP B 2 11 ? -6.517  -1.604  -1.304  0.61 18.21 ? 11   TRP B CE3 1 
ATOM   258 C  CZ2 A TRP B 2 11 ? -6.225  -4.215  -2.323  0.61 20.54 ? 11   TRP B CZ2 1 
ATOM   259 C  CZ3 A TRP B 2 11 ? -7.541  -2.528  -1.170  0.61 20.47 ? 11   TRP B CZ3 1 
ATOM   260 C  CH2 A TRP B 2 11 ? -7.371  -3.820  -1.690  0.61 20.05 ? 11   TRP B CH2 1 
HETATM 261 N  N   . DLE B 2 12 ? -4.809  3.265   -1.495  1.00 16.69 ? 12   DLE B N   1 
HETATM 262 C  CA  . DLE B 2 12 ? -4.454  4.468   -0.787  1.00 17.19 ? 12   DLE B CA  1 
HETATM 263 C  CB  A DLE B 2 12 ? -4.227  4.212   0.703   0.40 21.44 ? 12   DLE B CB  1 
HETATM 264 C  CB  B DLE B 2 12 ? -4.492  4.198   0.716   0.61 21.79 ? 12   DLE B CB  1 
HETATM 265 C  CG  A DLE B 2 12 ? -5.198  3.304   1.444   0.40 21.03 ? 12   DLE B CG  1 
HETATM 266 C  CG  B DLE B 2 12 ? -3.364  3.607   1.516   0.61 27.45 ? 12   DLE B CG  1 
HETATM 267 C  CD1 A DLE B 2 12 ? -5.783  2.209   0.579   0.40 18.63 ? 12   DLE B CD1 1 
HETATM 268 C  CD1 B DLE B 2 12 ? -1.999  4.193   1.288   0.61 23.61 ? 12   DLE B CD1 1 
HETATM 269 C  CD2 A DLE B 2 12 ? -4.515  2.652   2.646   0.40 31.50 ? 12   DLE B CD2 1 
HETATM 270 C  CD2 B DLE B 2 12 ? -3.756  3.956   2.946   0.61 25.00 ? 12   DLE B CD2 1 
HETATM 271 C  C   . DLE B 2 12 ? -5.550  5.509   -1.037  1.00 18.04 ? 12   DLE B C   1 
HETATM 272 O  O   . DLE B 2 12 ? -6.708  5.160   -0.868  1.00 19.08 ? 12   DLE B O   1 
ATOM   273 N  N   . TRP B 2 13 ? -5.216  6.748   -1.369  1.00 16.22 ? 13   TRP B N   1 
ATOM   274 C  CA  . TRP B 2 13 ? -6.151  7.853   -1.332  1.00 17.26 ? 13   TRP B CA  1 
ATOM   275 C  C   . TRP B 2 13 ? -6.423  8.400   -2.712  1.00 17.24 ? 13   TRP B C   1 
ATOM   276 O  O   . TRP B 2 13 ? -5.526  8.636   -3.506  1.00 18.02 ? 13   TRP B O   1 
ATOM   277 C  CB  . TRP B 2 13 ? -5.678  8.999   -0.423  1.00 19.47 ? 13   TRP B CB  1 
ATOM   278 C  CG  A TRP B 2 13 ? -5.728  8.568   1.031   0.66 21.64 ? 13   TRP B CG  1 
ATOM   279 C  CG  B TRP B 2 13 ? -5.231  8.504   0.909   0.34 21.37 ? 13   TRP B CG  1 
ATOM   280 C  CD1 A TRP B 2 13 ? -4.747  7.931   1.739   0.66 20.65 ? 13   TRP B CD1 1 
ATOM   281 C  CD1 B TRP B 2 13 ? -6.091  8.159   1.913   0.34 20.90 ? 13   TRP B CD1 1 
ATOM   282 C  CD2 A TRP B 2 13 ? -6.780  8.717   1.989   0.66 23.39 ? 13   TRP B CD2 1 
ATOM   283 C  CD2 B TRP B 2 13 ? -3.917  8.281   1.413   0.34 21.81 ? 13   TRP B CD2 1 
ATOM   284 N  NE1 A TRP B 2 13 ? -5.084  7.672   3.033   0.66 23.42 ? 13   TRP B NE1 1 
ATOM   285 N  NE1 B TRP B 2 13 ? -5.396  7.740   3.016   0.34 23.38 ? 13   TRP B NE1 1 
ATOM   286 C  CE2 A TRP B 2 13 ? -6.367  8.161   3.207   0.66 21.31 ? 13   TRP B CE2 1 
ATOM   287 C  CE2 B TRP B 2 13 ? -4.064  7.801   2.734   0.34 22.51 ? 13   TRP B CE2 1 
ATOM   288 C  CE3 A TRP B 2 13 ? -8.040  9.288   1.878   0.66 26.36 ? 13   TRP B CE3 1 
ATOM   289 C  CE3 B TRP B 2 13 ? -2.628  8.423   0.908   0.34 24.54 ? 13   TRP B CE3 1 
ATOM   290 C  CZ2 A TRP B 2 13 ? -7.162  8.140   4.351   0.66 25.08 ? 13   TRP B CZ2 1 
ATOM   291 C  CZ2 B TRP B 2 13 ? -2.984  7.468   3.556   0.34 24.94 ? 13   TRP B CZ2 1 
ATOM   292 C  CZ3 A TRP B 2 13 ? -8.838  9.269   3.025   0.66 28.60 ? 13   TRP B CZ3 1 
ATOM   293 C  CZ3 B TRP B 2 13 ? -1.558  8.093   1.730   0.34 28.14 ? 13   TRP B CZ3 1 
ATOM   294 C  CH2 A TRP B 2 13 ? -8.369  8.710   4.197   0.66 24.78 ? 13   TRP B CH2 1 
ATOM   295 C  CH2 B TRP B 2 13 ? -1.730  7.619   3.038   0.34 26.49 ? 13   TRP B CH2 1 
HETATM 296 N  N   . DLE B 2 14 ? -7.712  8.589   -3.008  1.00 18.01 ? 14   DLE B N   1 
HETATM 297 C  CA  . DLE B 2 14 ? -8.079  9.129   -4.289  1.00 19.31 ? 14   DLE B CA  1 
HETATM 298 C  CB  A DLE B 2 14 ? -7.917  10.623  -4.513  0.60 23.32 ? 14   DLE B CB  1 
HETATM 299 C  CB  B DLE B 2 14 ? -8.279  10.649  -4.176  0.40 22.36 ? 14   DLE B CB  1 
HETATM 300 C  CG  A DLE B 2 14 ? -8.898  11.479  -3.736  0.60 23.26 ? 14   DLE B CG  1 
HETATM 301 C  CG  B DLE B 2 14 ? -7.099  11.569  -3.947  0.40 27.38 ? 14   DLE B CG  1 
HETATM 302 C  CD1 A DLE B 2 14 ? -8.652  11.289  -2.254  0.60 25.84 ? 14   DLE B CD1 1 
HETATM 303 C  CD1 B DLE B 2 14 ? -6.351  11.736  -5.250  0.40 19.53 ? 14   DLE B CD1 1 
HETATM 304 C  CD2 A DLE B 2 14 ? -8.769  12.920  -4.174  0.60 25.86 ? 14   DLE B CD2 1 
HETATM 305 C  CD2 B DLE B 2 14 ? -7.589  12.911  -3.422  0.40 29.11 ? 14   DLE B CD2 1 
HETATM 306 C  C   . DLE B 2 14 ? -9.516  8.678   -4.662  1.00 16.60 ? 14   DLE B C   1 
HETATM 307 O  O   . DLE B 2 14 ? -10.409 8.668   -3.774  1.00 21.74 ? 14   DLE B O   1 
ATOM   308 N  N   . TRP B 2 15 ? -9.668  8.354   -5.940  1.00 18.02 ? 15   TRP B N   1 
ATOM   309 C  CA  . TRP B 2 15 ? -11.032 8.103   -6.472  1.00 18.39 ? 15   TRP B CA  1 
ATOM   310 C  C   . TRP B 2 15 ? -11.242 6.627   -6.659  1.00 20.38 ? 15   TRP B C   1 
ATOM   311 O  O   . TRP B 2 15 ? -10.342 5.843   -6.841  1.00 22.83 ? 15   TRP B O   1 
ATOM   312 C  CB  A TRP B 2 15 ? -11.238 8.727   -7.857  0.85 19.74 ? 15   TRP B CB  1 
ATOM   313 C  CB  B TRP B 2 15 ? -11.235 8.836   -7.795  0.15 19.47 ? 15   TRP B CB  1 
ATOM   314 C  CG  A TRP B 2 15 ? -11.299 10.213  -7.777  0.85 20.81 ? 15   TRP B CG  1 
ATOM   315 C  CG  B TRP B 2 15 ? -10.987 10.309  -7.739  0.15 21.86 ? 15   TRP B CG  1 
ATOM   316 C  CD1 A TRP B 2 15 ? -12.412 10.928  -7.390  0.85 27.11 ? 15   TRP B CD1 1 
ATOM   317 C  CD1 B TRP B 2 15 ? -9.781  10.936  -7.814  0.15 24.06 ? 15   TRP B CD1 1 
ATOM   318 C  CD2 A TRP B 2 15 ? -10.292 11.161  -8.064  0.85 23.11 ? 15   TRP B CD2 1 
ATOM   319 C  CD2 B TRP B 2 15 ? -11.973 11.340  -7.597  0.15 25.32 ? 15   TRP B CD2 1 
ATOM   320 N  NE1 A TRP B 2 15 ? -12.126 12.266  -7.424  0.85 30.39 ? 15   TRP B NE1 1 
ATOM   321 N  NE1 B TRP B 2 15 ? -9.955  12.296  -7.726  0.15 25.03 ? 15   TRP B NE1 1 
ATOM   322 C  CE2 A TRP B 2 15 ? -10.838 12.438  -7.837  0.85 26.59 ? 15   TRP B CE2 1 
ATOM   323 C  CE2 B TRP B 2 15 ? -11.291 12.571  -7.592  0.15 26.76 ? 15   TRP B CE2 1 
ATOM   324 C  CE3 A TRP B 2 15 ? -8.961  11.018  -8.515  0.85 28.28 ? 15   TRP B CE3 1 
ATOM   325 C  CE3 B TRP B 2 15 ? -13.362 11.346  -7.470  0.15 25.93 ? 15   TRP B CE3 1 
ATOM   326 C  CZ2 A TRP B 2 15 ? -10.104 13.628  -8.023  0.85 30.91 ? 15   TRP B CZ2 1 
ATOM   327 C  CZ2 B TRP B 2 15 ? -11.949 13.794  -7.468  0.15 27.91 ? 15   TRP B CZ2 1 
ATOM   328 C  CZ3 A TRP B 2 15 ? -8.257  12.192  -8.695  0.85 32.57 ? 15   TRP B CZ3 1 
ATOM   329 C  CZ3 B TRP B 2 15 ? -14.018 12.553  -7.347  0.15 26.89 ? 15   TRP B CZ3 1 
ATOM   330 C  CH2 A TRP B 2 15 ? -8.818  13.466  -8.461  0.85 32.50 ? 15   TRP B CH2 1 
ATOM   331 C  CH2 B TRP B 2 15 ? -13.313 13.761  -7.347  0.15 25.56 ? 15   TRP B CH2 1 
HETATM 332 C  CA  A ETA B 2 16 ? -12.820 4.895   -7.316  0.39 22.25 ? 16   ETA B CA  1 
HETATM 333 C  CA  B ETA B 2 16 ? -12.891 4.827   -6.426  0.61 26.47 ? 16   ETA B CA  1 
HETATM 334 N  N   A ETA B 2 16 ? -12.496 6.273   -6.948  0.39 23.51 ? 16   ETA B N   1 
HETATM 335 N  N   B ETA B 2 16 ? -12.472 6.223   -6.315  0.61 24.02 ? 16   ETA B N   1 
HETATM 336 C  C   A ETA B 2 16 ? -12.945 4.051   -6.031  0.39 25.35 ? 16   ETA B C   1 
HETATM 337 C  C   B ETA B 2 16 ? -13.150 4.449   -7.877  0.61 28.35 ? 16   ETA B C   1 
HETATM 338 O  O   A ETA B 2 16 ? -14.024 4.564   -5.269  0.39 29.93 ? 16   ETA B O   1 
HETATM 339 O  O   B ETA B 2 16 ? -14.155 5.255   -8.478  0.61 39.53 ? 16   ETA B O   1 
HETATM 340 C  C   . FVA C 1 1  ? -8.689  -6.087  10.703  1.00 18.95 ? 1    FVA C C   1 
HETATM 341 N  N   . FVA C 1 1  ? -8.633  -5.310  12.971  1.00 23.56 ? 1    FVA C N   1 
HETATM 342 O  O   . FVA C 1 1  ? -9.905  -6.023  10.589  1.00 18.78 ? 1    FVA C O   1 
HETATM 343 C  CA  . FVA C 1 1  ? -8.084  -6.350  12.065  1.00 21.26 ? 1    FVA C CA  1 
HETATM 344 C  CB  . FVA C 1 1  ? -8.363  -7.744  12.631  1.00 26.67 ? 1    FVA C CB  1 
HETATM 345 C  CG1 . FVA C 1 1  ? -9.792  -8.011  13.087  1.00 33.66 ? 1    FVA C CG1 1 
HETATM 346 C  CG2 . FVA C 1 1  ? -7.998  -8.855  11.633  1.00 34.55 ? 1    FVA C CG2 1 
HETATM 347 O  O1  . FVA C 1 1  ? -6.693  -4.681  13.874  1.00 31.33 ? 1    FVA C O1  1 
HETATM 348 C  CN  . FVA C 1 1  ? -7.892  -4.586  13.743  1.00 26.23 ? 1    FVA C CN  1 
ATOM   349 N  N   . GLY C 1 2  ? -7.894  -5.815  9.689   1.00 18.84 ? 2    GLY C N   1 
ATOM   350 C  CA  . GLY C 1 2  ? -8.396  -5.407  8.395   1.00 18.85 ? 2    GLY C CA  1 
ATOM   351 C  C   . GLY C 1 2  ? -7.345  -4.622  7.648   1.00 18.81 ? 2    GLY C C   1 
ATOM   352 O  O   . GLY C 1 2  ? -6.183  -4.895  7.726   1.00 24.25 ? 2    GLY C O   1 
ATOM   353 N  N   . ALA C 1 3  ? -7.792  -3.631  6.904   1.00 18.47 ? 3    ALA C N   1 
ATOM   354 C  CA  . ALA C 1 3  ? -6.954  -2.801  6.055   1.00 18.91 ? 3    ALA C CA  1 
ATOM   355 C  C   . ALA C 1 3  ? -6.604  -1.529  6.805   1.00 18.95 ? 3    ALA C C   1 
ATOM   356 O  O   . ALA C 1 3  ? -7.305  -0.976  7.617   1.00 22.30 ? 3    ALA C O   1 
ATOM   357 C  CB  . ALA C 1 3  ? -7.690  -2.467  4.775   1.00 22.75 ? 3    ALA C CB  1 
HETATM 358 N  N   . DLE C 1 4  ? -5.446  -0.993  6.430   1.00 18.79 ? 4    DLE C N   1 
HETATM 359 C  CA  . DLE C 1 4  ? -5.012  0.308   6.902   1.00 19.71 ? 4    DLE C CA  1 
HETATM 360 C  CB  A DLE C 1 4  ? -5.338  1.396   5.898   0.41 22.40 ? 4    DLE C CB  1 
HETATM 361 C  CB  B DLE C 1 4  ? -5.290  1.387   5.872   0.59 22.54 ? 4    DLE C CB  1 
HETATM 362 C  CG  A DLE C 1 4  ? -6.728  2.012   5.840   0.41 25.11 ? 4    DLE C CG  1 
HETATM 363 C  CG  B DLE C 1 4  ? -6.682  1.353   5.227   0.59 25.71 ? 4    DLE C CG  1 
HETATM 364 C  CD1 A DLE C 1 4  ? -7.241  2.359   7.227   0.41 23.85 ? 4    DLE C CD1 1 
HETATM 365 C  CD1 B DLE C 1 4  ? -7.210  -0.069  5.288   0.59 35.82 ? 4    DLE C CD1 1 
HETATM 366 C  CD2 A DLE C 1 4  ? -6.726  3.247   4.947   0.41 32.87 ? 4    DLE C CD2 1 
HETATM 367 C  CD2 B DLE C 1 4  ? -7.553  2.345   5.963   0.59 33.54 ? 4    DLE C CD2 1 
HETATM 368 C  C   . DLE C 1 4  ? -3.505  0.323   7.139   1.00 19.38 ? 4    DLE C C   1 
HETATM 369 O  O   . DLE C 1 4  ? -2.835  -0.149  6.230   1.00 27.19 ? 4    DLE C O   1 
ATOM   370 N  N   . ALA C 1 5  ? -3.076  0.839   8.237   1.00 18.28 ? 5    ALA C N   1 
ATOM   371 C  CA  . ALA C 1 5  ? -1.715  0.859   8.664   1.00 17.90 ? 5    ALA C CA  1 
ATOM   372 C  C   . ALA C 1 5  ? -1.592  -0.016  9.924   1.00 16.89 ? 5    ALA C C   1 
ATOM   373 O  O   . ALA C 1 5  ? -2.569  -0.128  10.687  1.00 20.22 ? 5    ALA C O   1 
ATOM   374 C  CB  . ALA C 1 5  ? -1.186  2.266   8.906   1.00 21.80 ? 5    ALA C CB  1 
HETATM 375 N  N   . DVA C 1 6  ? -0.408  -0.547  10.102  1.00 15.95 ? 6    DVA C N   1 
HETATM 376 C  CA  . DVA C 1 6  ? -0.084  -1.313  11.303  1.00 16.66 ? 6    DVA C CA  1 
HETATM 377 C  CB  A DVA C 1 6  ? 0.451   -0.326  12.362  0.66 19.65 ? 6    DVA C CB  1 
HETATM 378 C  CB  B DVA C 1 6  ? 0.534   -0.445  12.410  0.34 19.49 ? 6    DVA C CB  1 
HETATM 379 C  CG1 A DVA C 1 6  ? -0.519  0.829   12.590  0.66 22.74 ? 6    DVA C CG1 1 
HETATM 380 C  CG1 B DVA C 1 6  ? 1.568   0.505   11.806  0.34 24.86 ? 6    DVA C CG1 1 
HETATM 381 C  CG2 A DVA C 1 6  ? 0.798   -0.969  13.712  0.66 20.77 ? 6    DVA C CG2 1 
HETATM 382 C  CG2 B DVA C 1 6  ? -0.518  0.313   13.185  0.34 17.61 ? 6    DVA C CG2 1 
HETATM 383 C  C   . DVA C 1 6  ? 0.921   -2.386  10.931  1.00 16.36 ? 6    DVA C C   1 
HETATM 384 O  O   . DVA C 1 6  ? 1.906   -2.114  10.272  1.00 19.51 ? 6    DVA C O   1 
ATOM   385 N  N   . VAL C 1 7  ? 0.666   -3.579  11.445  1.00 15.56 ? 7    VAL C N   1 
ATOM   386 C  CA  . VAL C 1 7  ? 1.543   -4.742  11.209  1.00 16.33 ? 7    VAL C CA  1 
ATOM   387 C  C   . VAL C 1 7  ? 0.823   -5.824  10.416  1.00 14.60 ? 7    VAL C C   1 
ATOM   388 O  O   . VAL C 1 7  ? -0.343  -6.073  10.625  1.00 16.65 ? 7    VAL C O   1 
ATOM   389 C  CB  . VAL C 1 7  ? 2.141   -5.367  12.471  1.00 19.10 ? 7    VAL C CB  1 
ATOM   390 C  CG1 . VAL C 1 7  ? 3.160   -4.444  13.087  1.00 22.62 ? 7    VAL C CG1 1 
ATOM   391 C  CG2 . VAL C 1 7  ? 1.008   -5.722  13.382  1.00 23.43 ? 7    VAL C CG2 1 
HETATM 392 N  N   . DVA C 1 8  ? 1.598   -6.433  9.542   1.00 15.00 ? 8    DVA C N   1 
HETATM 393 C  CA  . DVA C 1 8  ? 1.131   -7.598  8.780   1.00 15.53 ? 8    DVA C CA  1 
HETATM 394 C  CB  A DVA C 1 8  ? 1.892   -8.829  9.342   0.47 17.27 ? 8    DVA C CB  1 
HETATM 395 C  CB  B DVA C 1 8  ? 1.393   -8.932  9.502   0.53 19.85 ? 8    DVA C CB  1 
HETATM 396 C  CG1 A DVA C 1 8  ? 3.384   -8.575  9.291   0.47 26.34 ? 8    DVA C CG1 1 
HETATM 397 C  CG1 B DVA C 1 8  ? 1.454   -10.090 8.488   0.53 16.70 ? 8    DVA C CG1 1 
HETATM 398 C  CG2 A DVA C 1 8  ? 1.399   -9.087  10.749  0.47 14.52 ? 8    DVA C CG2 1 
HETATM 399 C  CG2 B DVA C 1 8  ? 2.654   -9.069  10.338  0.53 25.75 ? 8    DVA C CG2 1 
HETATM 400 C  C   . DVA C 1 8  ? 1.614   -7.469  7.356   1.00 15.22 ? 8    DVA C C   1 
HETATM 401 O  O   . DVA C 1 8  ? 2.815   -7.231  7.117   1.00 17.61 ? 8    DVA C O   1 
ATOM   402 N  N   . TRP C 1 9  ? 0.777   -7.701  6.381   1.00 14.81 ? 9    TRP C N   1 
ATOM   403 C  CA  . TRP C 1 9  ? 1.096   -7.885  4.957   1.00 16.42 ? 9    TRP C CA  1 
ATOM   404 C  C   . TRP C 1 9  ? 0.895   -6.592  4.153   1.00 16.34 ? 9    TRP C C   1 
ATOM   405 O  O   . TRP C 1 9  ? -0.187  -5.993  4.205   1.00 18.08 ? 9    TRP C O   1 
ATOM   406 C  CB  . TRP C 1 9  ? 0.241   -8.974  4.309   1.00 18.20 ? 9    TRP C CB  1 
ATOM   407 C  CG  . TRP C 1 9  ? 0.411   -10.312 4.947   1.00 19.00 ? 9    TRP C CG  1 
ATOM   408 C  CD1 . TRP C 1 9  ? 1.456   -11.156 4.749   1.00 20.76 ? 9    TRP C CD1 1 
ATOM   409 C  CD2 . TRP C 1 9  ? -0.446  -10.941 5.873   1.00 20.65 ? 9    TRP C CD2 1 
ATOM   410 N  NE1 . TRP C 1 9  ? 1.276   -12.307 5.516   1.00 22.42 ? 9    TRP C NE1 1 
ATOM   411 C  CE2 . TRP C 1 9  ? 0.102   -12.181 6.218   1.00 21.90 ? 9    TRP C CE2 1 
ATOM   412 C  CE3 . TRP C 1 9  ? -1.640  -10.600 6.463   1.00 23.18 ? 9    TRP C CE3 1 
ATOM   413 C  CZ2 . TRP C 1 9  ? -0.484  -13.072 7.110   1.00 23.61 ? 9    TRP C CZ2 1 
ATOM   414 C  CZ3 . TRP C 1 9  ? -2.261  -11.460 7.363   1.00 25.18 ? 9    TRP C CZ3 1 
ATOM   415 C  CH2 . TRP C 1 9  ? -1.667  -12.691 7.670   1.00 23.86 ? 9    TRP C CH2 1 
HETATM 416 N  N   . DLE C 1 10 ? 1.908   -6.211  3.401   1.00 15.22 ? 10   DLE C N   1 
HETATM 417 C  CA  . DLE C 1 10 ? 1.845   -5.158  2.429   1.00 16.02 ? 10   DLE C CA  1 
HETATM 418 C  CB  . DLE C 1 10 ? 1.756   -5.716  0.981   1.00 20.21 ? 10   DLE C CB  1 
HETATM 419 C  CG  . DLE C 1 10 ? 0.698   -6.727  0.685   1.00 23.48 ? 10   DLE C CG  1 
HETATM 420 C  CD1 . DLE C 1 10 ? -0.651  -6.002  0.722   1.00 26.58 ? 10   DLE C CD1 1 
HETATM 421 C  CD2 . DLE C 1 10 ? 0.914   -7.303  -0.694  1.00 32.59 ? 10   DLE C CD2 1 
HETATM 422 C  C   . DLE C 1 10 ? 3.126   -4.346  2.437   1.00 15.19 ? 10   DLE C C   1 
HETATM 423 O  O   . DLE C 1 10 ? 4.219   -4.851  2.524   1.00 17.53 ? 10   DLE C O   1 
ATOM   424 N  N   . TRP C 1 11 ? 2.951   -3.017  2.304   1.00 14.59 ? 11   TRP C N   1 
ATOM   425 C  CA  . TRP C 1 11 ? 4.029   -2.166  1.915   1.00 14.19 ? 11   TRP C CA  1 
ATOM   426 C  C   . TRP C 1 11 ? 4.559   -1.308  3.041   1.00 13.53 ? 11   TRP C C   1 
ATOM   427 O  O   . TRP C 1 11 ? 3.836   -0.615  3.743   1.00 15.38 ? 11   TRP C O   1 
ATOM   428 C  CB  . TRP C 1 11 ? 3.594   -1.230  0.755   1.00 18.12 ? 11   TRP C CB  1 
ATOM   429 C  CG  . TRP C 1 11 ? 3.216   -2.007  -0.459  1.00 18.90 ? 11   TRP C CG  1 
ATOM   430 C  CD1 . TRP C 1 11 ? 4.018   -2.539  -1.408  1.00 21.76 ? 11   TRP C CD1 1 
ATOM   431 C  CD2 . TRP C 1 11 ? 1.922   -2.347  -0.865  1.00 19.13 ? 11   TRP C CD2 1 
ATOM   432 N  NE1 . TRP C 1 11 ? 3.314   -3.183  -2.396  1.00 23.17 ? 11   TRP C NE1 1 
ATOM   433 C  CE2 . TRP C 1 11 ? 1.994   -3.096  -2.071  1.00 20.27 ? 11   TRP C CE2 1 
ATOM   434 C  CE3 . TRP C 1 11 ? 0.730   -2.070  -0.247  1.00 19.02 ? 11   TRP C CE3 1 
ATOM   435 C  CZ2 . TRP C 1 11 ? 0.873   -3.586  -2.724  1.00 20.91 ? 11   TRP C CZ2 1 
ATOM   436 C  CZ3 . TRP C 1 11 ? -0.403  -2.572  -0.916  1.00 21.31 ? 11   TRP C CZ3 1 
ATOM   437 C  CH2 . TRP C 1 11 ? -0.307  -3.306  -2.111  1.00 21.91 ? 11   TRP C CH2 1 
HETATM 438 N  N   . DLE C 1 12 ? 5.872   -1.366  3.232   1.00 15.43 ? 12   DLE C N   1 
HETATM 439 C  CA  . DLE C 1 12 ? 6.575   -0.505  4.193   1.00 15.05 ? 12   DLE C CA  1 
HETATM 440 C  CB  . DLE C 1 12 ? 6.785   0.880   3.550   1.00 18.52 ? 12   DLE C CB  1 
HETATM 441 C  CG  . DLE C 1 12 ? 7.479   1.935   4.410   1.00 20.79 ? 12   DLE C CG  1 
HETATM 442 C  CD1 A DLE C 1 12 ? 8.986   1.814   4.396   0.61 24.67 ? 12   DLE C CD1 1 
HETATM 443 C  CD1 B DLE C 1 12 ? 8.173   2.977   3.509   0.39 23.88 ? 12   DLE C CD1 1 
HETATM 444 C  CD2 A DLE C 1 12 ? 7.063   3.341   3.954   0.61 25.08 ? 12   DLE C CD2 1 
HETATM 445 C  CD2 B DLE C 1 12 ? 6.534   2.671   5.314   0.39 18.03 ? 12   DLE C CD2 1 
HETATM 446 C  C   . DLE C 1 12 ? 7.932   -1.154  4.529   1.00 15.13 ? 12   DLE C C   1 
HETATM 447 O  O   . DLE C 1 12 ? 8.724   -1.319  3.636   1.00 19.04 ? 12   DLE C O   1 
ATOM   448 N  N   . TRP C 1 13 ? 8.138   -1.490  5.786   1.00 14.15 ? 13   TRP C N   1 
ATOM   449 C  CA  . TRP C 1 13 ? 9.421   -1.944  6.250   1.00 13.91 ? 13   TRP C CA  1 
ATOM   450 C  C   . TRP C 1 13 ? 9.290   -3.331  6.895   1.00 14.26 ? 13   TRP C C   1 
ATOM   451 O  O   . TRP C 1 13 ? 8.476   -3.512  7.797   1.00 15.85 ? 13   TRP C O   1 
ATOM   452 C  CB  . TRP C 1 13 ? 9.990   -0.933  7.228   1.00 14.69 ? 13   TRP C CB  1 
ATOM   453 C  CG  . TRP C 1 13 ? 11.356  -1.275  7.701   1.00 14.79 ? 13   TRP C CG  1 
ATOM   454 C  CD1 . TRP C 1 13 ? 11.716  -1.895  8.829   1.00 16.71 ? 13   TRP C CD1 1 
ATOM   455 C  CD2 . TRP C 1 13 ? 12.580  -0.991  6.971   1.00 16.58 ? 13   TRP C CD2 1 
ATOM   456 N  NE1 . TRP C 1 13 ? 13.103  -2.014  8.853   1.00 18.46 ? 13   TRP C NE1 1 
ATOM   457 C  CE2 . TRP C 1 13 ? 13.658  -1.478  7.742   1.00 17.47 ? 13   TRP C CE2 1 
ATOM   458 C  CE3 . TRP C 1 13 ? 12.806  -0.368  5.713   1.00 17.54 ? 13   TRP C CE3 1 
ATOM   459 C  CZ2 . TRP C 1 13 ? 14.985  -1.364  7.330   1.00 20.15 ? 13   TRP C CZ2 1 
ATOM   460 C  CZ3 . TRP C 1 13 ? 14.142  -0.253  5.323   1.00 21.13 ? 13   TRP C CZ3 1 
ATOM   461 C  CH2 . TRP C 1 13 ? 15.146  -0.753  6.132   1.00 21.84 ? 13   TRP C CH2 1 
HETATM 462 N  N   . DLE C 1 14 ? 10.097  -4.264  6.446   1.00 15.93 ? 14   DLE C N   1 
HETATM 463 C  CA  . DLE C 1 14 ? 10.230  -5.560  7.046   1.00 18.05 ? 14   DLE C CA  1 
HETATM 464 C  CB  . DLE C 1 14 ? 11.206  -5.454  8.259   1.00 21.33 ? 14   DLE C CB  1 
HETATM 465 C  CG  . DLE C 1 14 ? 11.738  -6.754  8.867   1.00 23.58 ? 14   DLE C CG  1 
HETATM 466 C  CD1 . DLE C 1 14 ? 12.923  -6.521  9.777   1.00 29.53 ? 14   DLE C CD1 1 
HETATM 467 C  CD2 . DLE C 1 14 ? 10.684  -7.458  9.700   1.00 27.75 ? 14   DLE C CD2 1 
HETATM 468 C  C   . DLE C 1 14 ? 10.841  -6.613  6.120   1.00 18.92 ? 14   DLE C C   1 
HETATM 469 O  O   . DLE C 1 14 ? 11.927  -6.378  5.599   1.00 23.32 ? 14   DLE C O   1 
ATOM   470 N  N   . TRP C 1 15 ? 10.175  -7.755  6.015   1.00 18.13 ? 15   TRP C N   1 
ATOM   471 C  CA  . TRP C 1 15 ? 10.750  -8.955  5.427   1.00 18.79 ? 15   TRP C CA  1 
ATOM   472 C  C   . TRP C 1 15 ? 9.978   -9.393  4.224   1.00 19.83 ? 15   TRP C C   1 
ATOM   473 O  O   . TRP C 1 15 ? 8.764   -9.473  4.259   1.00 23.70 ? 15   TRP C O   1 
ATOM   474 C  CB  . TRP C 1 15 ? 10.672  -10.078 6.426   1.00 22.98 ? 15   TRP C CB  1 
ATOM   475 C  CG  . TRP C 1 15 ? 11.069  -11.464 6.221   1.00 26.01 ? 15   TRP C CG  1 
ATOM   476 C  CD1 . TRP C 1 15 ? 10.237  -12.545 6.391   1.00 27.60 ? 15   TRP C CD1 1 
ATOM   477 C  CD2 . TRP C 1 15 ? 12.357  -12.001 5.841   1.00 27.96 ? 15   TRP C CD2 1 
ATOM   478 N  NE1 . TRP C 1 15 ? 10.961  -13.697 6.125   1.00 30.93 ? 15   TRP C NE1 1 
ATOM   479 C  CE2 . TRP C 1 15 ? 12.256  -13.405 5.790   1.00 31.51 ? 15   TRP C CE2 1 
ATOM   480 C  CE3 . TRP C 1 15 ? 13.586  -11.412 5.548   1.00 30.15 ? 15   TRP C CE3 1 
ATOM   481 C  CZ2 . TRP C 1 15 ? 13.309  -14.247 5.459   1.00 34.24 ? 15   TRP C CZ2 1 
ATOM   482 C  CZ3 . TRP C 1 15 ? 14.673  -12.271 5.203   1.00 33.07 ? 15   TRP C CZ3 1 
ATOM   483 C  CH2 . TRP C 1 15 ? 14.531  -13.643 5.161   1.00 35.41 ? 15   TRP C CH2 1 
HETATM 484 C  CA  A ETA C 1 16 ? 10.113  -9.898  1.783   0.60 20.17 ? 16   ETA C CA  1 
HETATM 485 C  CA  B ETA C 1 16 ? 10.059  -10.879 2.309   0.40 21.18 ? 16   ETA C CA  1 
HETATM 486 N  N   A ETA C 1 16 ? 10.653  -9.490  3.086   0.60 20.63 ? 16   ETA C N   1 
HETATM 487 N  N   B ETA C 1 16 ? 10.696  -9.960  3.264   0.40 20.79 ? 16   ETA C N   1 
HETATM 488 C  C   A ETA C 1 16 ? 11.302  -10.189 0.847   0.60 26.14 ? 16   ETA C C   1 
HETATM 489 C  C   B ETA C 1 16 ? 9.819   -12.245 2.961   0.40 27.82 ? 16   ETA C C   1 
HETATM 490 O  O   A ETA C 1 16 ? 11.624  -8.956  0.228   0.60 30.97 ? 16   ETA C O   1 
HETATM 491 O  O   B ETA C 1 16 ? 9.870   -12.196 4.383   0.40 34.23 ? 16   ETA C O   1 
HETATM 492 C  C   . FVA D 2 1  ? 15.212  -5.708  4.593   1.00 20.11 ? 1    FVA D C   1 
HETATM 493 N  N   . FVA D 2 1  ? 15.413  -8.050  3.797   1.00 25.00 ? 1    FVA D N   1 
HETATM 494 O  O   . FVA D 2 1  ? 16.312  -5.250  4.290   1.00 24.74 ? 1    FVA D O   1 
HETATM 495 C  CA  . FVA D 2 1  ? 15.046  -7.204  4.903   1.00 23.87 ? 1    FVA D CA  1 
HETATM 496 C  CB  . FVA D 2 1  ? 15.977  -7.485  6.099   1.00 27.34 ? 1    FVA D CB  1 
HETATM 497 C  CG1 . FVA D 2 1  ? 15.608  -6.428  7.120   1.00 31.87 ? 1    FVA D CG1 1 
HETATM 498 C  CG2 . FVA D 2 1  ? 15.795  -8.878  6.630   1.00 38.50 ? 1    FVA D CG2 1 
HETATM 499 O  O1  . FVA D 2 1  ? 13.364  -8.813  3.349   1.00 38.53 ? 1    FVA D O1  1 
HETATM 500 C  CN  . FVA D 2 1  ? 14.524  -8.610  2.998   1.00 27.82 ? 1    FVA D CN  1 
ATOM   501 N  N   . GLY D 2 2  ? 14.200  -4.873  4.746   1.00 18.44 ? 2    GLY D N   1 
ATOM   502 C  CA  . GLY D 2 2  ? 14.191  -3.539  4.284   1.00 17.80 ? 2    GLY D CA  1 
ATOM   503 C  C   . GLY D 2 2  ? 12.831  -3.118  3.741   1.00 17.06 ? 2    GLY D C   1 
ATOM   504 O  O   . GLY D 2 2  ? 11.801  -3.507  4.222   1.00 17.72 ? 2    GLY D O   1 
ATOM   505 N  N   . ALA D 2 3  ? 12.866  -2.219  2.771   1.00 17.03 ? 3    ALA D N   1 
ATOM   506 C  CA  . ALA D 2 3  ? 11.670  -1.540  2.320   1.00 16.56 ? 3    ALA D CA  1 
ATOM   507 C  C   . ALA D 2 3  ? 11.012  -2.288  1.149   1.00 15.51 ? 3    ALA D C   1 
ATOM   508 O  O   . ALA D 2 3  ? 11.733  -2.894  0.344   1.00 18.81 ? 3    ALA D O   1 
ATOM   509 C  CB  . ALA D 2 3  ? 11.916  -0.091  1.923   1.00 20.79 ? 3    ALA D CB  1 
HETATM 510 N  N   . DLE D 2 4  ? 9.691   -2.254  1.150   1.00 16.95 ? 4    DLE D N   1 
HETATM 511 C  CA  . DLE D 2 4  ? 8.927   -2.762  0.015   1.00 20.07 ? 4    DLE D CA  1 
HETATM 512 C  CB  . DLE D 2 4  ? 8.377   -1.562  -0.775  1.00 24.50 ? 4    DLE D CB  1 
HETATM 513 C  CG  . DLE D 2 4  ? 9.443   -0.602  -1.288  1.00 28.03 ? 4    DLE D CG  1 
HETATM 514 C  CD1 . DLE D 2 4  ? 10.366  -1.325  -2.246  1.00 37.38 ? 4    DLE D CD1 1 
HETATM 515 C  CD2 . DLE D 2 4  ? 8.819   0.594   -1.992  1.00 33.60 ? 4    DLE D CD2 1 
HETATM 516 C  C   . DLE D 2 4  ? 7.769   -3.602  0.469   1.00 18.55 ? 4    DLE D C   1 
HETATM 517 O  O   . DLE D 2 4  ? 7.211   -3.421  1.548   1.00 18.44 ? 4    DLE D O   1 
ATOM   518 N  N   . ALA D 2 5  ? 7.411   -4.609  -0.309  1.00 17.68 ? 5    ALA D N   1 
ATOM   519 C  CA  . ALA D 2 5  ? 6.345   -5.507  0.050   1.00 17.29 ? 5    ALA D CA  1 
ATOM   520 C  C   . ALA D 2 5  ? 6.778   -6.718  0.835   1.00 17.36 ? 5    ALA D C   1 
ATOM   521 O  O   . ALA D 2 5  ? 7.832   -7.285  0.626   1.00 21.02 ? 5    ALA D O   1 
ATOM   522 C  CB  . ALA D 2 5  ? 5.636   -5.994  -1.225  1.00 19.90 ? 5    ALA D CB  1 
HETATM 523 N  N   . DVA D 2 6  ? 5.922   -7.078  1.800   1.00 16.60 ? 6    DVA D N   1 
HETATM 524 C  CA  . DVA D 2 6  ? 6.096   -8.283  2.581   1.00 16.99 ? 6    DVA D CA  1 
HETATM 525 C  CB  A DVA D 2 6  ? 5.533   -9.513  1.848   0.68 19.13 ? 6    DVA D CB  1 
HETATM 526 C  CB  B DVA D 2 6  ? 5.415   -9.459  1.854   0.32 18.70 ? 6    DVA D CB  1 
HETATM 527 C  CG1 A DVA D 2 6  ? 5.808   -10.793 2.634   0.68 22.11 ? 6    DVA D CG1 1 
HETATM 528 C  CG1 B DVA D 2 6  ? 3.970   -9.169  1.517   0.32 22.68 ? 6    DVA D CG1 1 
HETATM 529 C  CG2 A DVA D 2 6  ? 4.049   -9.423  1.598   0.68 19.98 ? 6    DVA D CG2 1 
HETATM 530 C  CG2 B DVA D 2 6  ? 6.199   -9.715  0.584   0.32 16.28 ? 6    DVA D CG2 1 
HETATM 531 C  C   . DVA D 2 6  ? 5.494   -8.136  3.954   1.00 15.74 ? 6    DVA D C   1 
HETATM 532 O  O   . DVA D 2 6  ? 4.479   -7.468  4.147   1.00 18.26 ? 6    DVA D O   1 
ATOM   533 N  N   . VAL D 2 7  ? 6.100   -8.764  4.937   1.00 16.68 ? 7    VAL D N   1 
ATOM   534 C  CA  . VAL D 2 7  ? 5.647   -8.800  6.303   1.00 16.33 ? 7    VAL D CA  1 
ATOM   535 C  C   . VAL D 2 7  ? 6.394   -7.757  7.140   1.00 16.02 ? 7    VAL D C   1 
ATOM   536 O  O   . VAL D 2 7  ? 7.631   -7.733  7.113   1.00 18.20 ? 7    VAL D O   1 
ATOM   537 C  CB  A VAL D 2 7  ? 5.795   -10.148 7.032   0.65 17.76 ? 7    VAL D CB  1 
ATOM   538 C  CB  B VAL D 2 7  ? 5.932   -10.198 6.885   0.35 16.38 ? 7    VAL D CB  1 
ATOM   539 C  CG1 A VAL D 2 7  ? 4.664   -11.084 6.602   0.65 23.42 ? 7    VAL D CG1 1 
ATOM   540 C  CG1 B VAL D 2 7  ? 5.507   -10.307 8.341   0.35 12.10 ? 7    VAL D CG1 1 
ATOM   541 C  CG2 A VAL D 2 7  ? 7.184   -10.702 6.803   0.65 27.54 ? 7    VAL D CG2 1 
ATOM   542 C  CG2 B VAL D 2 7  ? 5.212   -11.307 6.102   0.35 14.56 ? 7    VAL D CG2 1 
HETATM 543 N  N   . DVA D 2 8  ? 5.655   -6.934  7.890   1.00 15.01 ? 8    DVA D N   1 
HETATM 544 C  CA  . DVA D 2 8  ? 6.264   -5.969  8.801   1.00 15.25 ? 8    DVA D CA  1 
HETATM 545 C  CB  A DVA D 2 8  ? 6.475   -6.620  10.188  0.26 14.64 ? 8    DVA D CB  1 
HETATM 546 C  CB  B DVA D 2 8  ? 6.768   -6.625  10.096  0.74 16.95 ? 8    DVA D CB  1 
HETATM 547 C  CG1 A DVA D 2 8  ? 6.505   -5.598  11.309  0.26 13.69 ? 8    DVA D CG1 1 
HETATM 548 C  CG1 B DVA D 2 8  ? 7.648   -5.771  11.007  0.74 15.54 ? 8    DVA D CG1 1 
HETATM 549 C  CG2 A DVA D 2 8  ? 5.383   -7.651  10.408  0.26 18.61 ? 8    DVA D CG2 1 
HETATM 550 C  CG2 B DVA D 2 8  ? 5.581   -7.079  10.864  0.74 16.98 ? 8    DVA D CG2 1 
HETATM 551 C  C   . DVA D 2 8  ? 5.333   -4.800  9.028   1.00 13.83 ? 8    DVA D C   1 
HETATM 552 O  O   . DVA D 2 8  ? 4.106   -4.989  9.191   1.00 15.74 ? 8    DVA D O   1 
ATOM   553 N  N   . TRP D 2 9  ? 5.889   -3.625  9.101   1.00 14.16 ? 9    TRP D N   1 
ATOM   554 C  CA  . TRP D 2 9  ? 5.160   -2.410  9.399   1.00 13.60 ? 9    TRP D CA  1 
ATOM   555 C  C   . TRP D 2 9  ? 4.750   -1.685  8.114   1.00 13.45 ? 9    TRP D C   1 
ATOM   556 O  O   . TRP D 2 9  ? 5.588   -1.653  7.211   1.00 15.58 ? 9    TRP D O   1 
ATOM   557 C  CB  . TRP D 2 9  ? 6.013   -1.409  10.200  1.00 13.87 ? 9    TRP D CB  1 
ATOM   558 C  CG  A TRP D 2 9  ? 6.585   -1.914  11.467  0.41 14.69 ? 9    TRP D CG  1 
ATOM   559 C  CG  B TRP D 2 9  ? 6.374   -1.741  11.606  0.59 14.33 ? 9    TRP D CG  1 
ATOM   560 C  CD1 A TRP D 2 9  ? 7.891   -2.284  11.678  0.41 17.52 ? 9    TRP D CD1 1 
ATOM   561 C  CD1 B TRP D 2 9  ? 5.577   -1.677  12.716  0.59 15.49 ? 9    TRP D CD1 1 
ATOM   562 C  CD2 A TRP D 2 9  ? 5.902   -2.113  12.704  0.41 18.12 ? 9    TRP D CD2 1 
ATOM   563 C  CD2 B TRP D 2 9  ? 7.660   -2.191  12.075  0.59 17.76 ? 9    TRP D CD2 1 
ATOM   564 N  NE1 A TRP D 2 9  ? 8.041   -2.689  12.968  0.41 18.08 ? 9    TRP D NE1 1 
ATOM   565 N  NE1 B TRP D 2 9  ? 6.317   -2.071  13.821  0.59 18.09 ? 9    TRP D NE1 1 
ATOM   566 C  CE2 A TRP D 2 9  ? 6.838   -2.603  13.623  0.41 19.47 ? 9    TRP D CE2 1 
ATOM   567 C  CE2 B TRP D 2 9  ? 7.587   -2.385  13.464  0.59 17.54 ? 9    TRP D CE2 1 
ATOM   568 C  CE3 A TRP D 2 9  ? 4.585   -1.929  13.122  0.41 19.98 ? 9    TRP D CE3 1 
ATOM   569 C  CE3 B TRP D 2 9  ? 8.849   -2.435  11.395  0.59 18.92 ? 9    TRP D CE3 1 
ATOM   570 C  CZ2 A TRP D 2 9  ? 6.510   -2.913  14.932  0.41 25.25 ? 9    TRP D CZ2 1 
ATOM   571 C  CZ2 B TRP D 2 9  ? 8.687   -2.825  14.209  0.59 16.68 ? 9    TRP D CZ2 1 
ATOM   572 C  CZ3 A TRP D 2 9  ? 4.241   -2.231  14.437  0.41 28.61 ? 9    TRP D CZ3 1 
ATOM   573 C  CZ3 B TRP D 2 9  ? 9.959   -2.872  12.129  0.59 20.47 ? 9    TRP D CZ3 1 
ATOM   574 C  CH2 A TRP D 2 9  ? 5.211   -2.717  15.327  0.41 29.97 ? 9    TRP D CH2 1 
ATOM   575 C  CH2 B TRP D 2 9  ? 9.859   -3.057  13.493  0.59 18.30 ? 9    TRP D CH2 1 
HETATM 576 N  N   . DLE D 2 10 ? 3.547   -1.111  8.063   1.00 13.70 ? 10   DLE D N   1 
HETATM 577 C  CA  . DLE D 2 10 ? 3.262   -0.322  6.891   1.00 15.28 ? 10   DLE D CA  1 
HETATM 578 C  CB  . DLE D 2 10 ? 3.804   1.078   7.011   1.00 18.86 ? 10   DLE D CB  1 
HETATM 579 C  CG  A DLE D 2 10 ? 3.080   2.042   7.909   0.46 17.75 ? 10   DLE D CG  1 
HETATM 580 C  CG  B DLE D 2 10 ? 3.091   1.737   8.211   0.54 20.10 ? 10   DLE D CG  1 
HETATM 581 C  CD1 A DLE D 2 10 ? 3.100   1.670   9.383   0.46 18.50 ? 10   DLE D CD1 1 
HETATM 582 C  CD1 B DLE D 2 10 ? 2.046   2.733   7.746   0.54 29.34 ? 10   DLE D CD1 1 
HETATM 583 C  CD2 A DLE D 2 10 ? 3.667   3.456   7.806   0.46 29.53 ? 10   DLE D CD2 1 
HETATM 584 C  CD2 B DLE D 2 10 ? 2.417   0.682   9.086   0.54 36.35 ? 10   DLE D CD2 1 
HETATM 585 C  C   . DLE D 2 10 ? 1.765   -0.373  6.657   1.00 13.63 ? 10   DLE D C   1 
HETATM 586 O  O   . DLE D 2 10 ? 0.918   -0.525  7.511   1.00 16.45 ? 10   DLE D O   1 
ATOM   587 N  N   B PHE D 2 11 ? 1.516   -0.260  5.310   0.38 14.46 ? 11   PHE D N   1 
ATOM   588 C  CA  B PHE D 2 11 ? 0.196   -0.102  4.712   0.38 14.70 ? 11   PHE D CA  1 
ATOM   589 C  C   B PHE D 2 11 ? -0.376  -1.416  4.216   0.38 14.34 ? 11   PHE D C   1 
ATOM   590 O  O   B PHE D 2 11 ? 0.288   -1.998  3.329   0.38 14.50 ? 11   PHE D O   1 
ATOM   591 C  CB  B PHE D 2 11 ? 0.332   0.831   3.505   0.38 15.13 ? 11   PHE D CB  1 
ATOM   592 C  CG  B PHE D 2 11 ? 0.725   2.248   3.837   0.38 14.89 ? 11   PHE D CG  1 
ATOM   593 C  CD1 B PHE D 2 11 ? 2.020   2.713   3.772   0.38 17.29 ? 11   PHE D CD1 1 
ATOM   594 C  CD2 B PHE D 2 11 ? -0.261  3.155   4.202   0.38 18.58 ? 11   PHE D CD2 1 
ATOM   595 C  CE1 B PHE D 2 11 ? 2.337   4.036   4.026   0.38 18.46 ? 11   PHE D CE1 1 
ATOM   596 C  CE2 B PHE D 2 11 ? 0.059   4.474   4.466   0.38 20.94 ? 11   PHE D CE2 1 
ATOM   597 C  CZ  B PHE D 2 11 ? 1.357   4.912   4.379   0.38 21.34 ? 11   PHE D CZ  1 
ATOM   598 N  N   A TRP D 2 11 ? 1.491   -0.177  5.356   0.62 14.74 ? 11   TRP D N   1 
ATOM   599 C  CA  A TRP D 2 11 ? 0.103   -0.235  4.910   0.62 14.46 ? 11   TRP D CA  1 
ATOM   600 C  C   A TRP D 2 11 ? -0.228  -1.595  4.358   0.62 13.38 ? 11   TRP D C   1 
ATOM   601 O  O   A TRP D 2 11 ? 0.640   -2.261  3.751   0.62 14.56 ? 11   TRP D O   1 
ATOM   602 C  CB  A TRP D 2 11 ? -0.122  0.803   3.840   0.62 15.87 ? 11   TRP D CB  1 
ATOM   603 C  CG  A TRP D 2 11 ? -0.024  2.234   4.235   0.62 17.05 ? 11   TRP D CG  1 
ATOM   604 C  CD1 A TRP D 2 11 ? -1.086  2.902   4.795   0.62 16.60 ? 11   TRP D CD1 1 
ATOM   605 C  CD2 A TRP D 2 11 ? 1.084   3.122   4.118   0.62 17.75 ? 11   TRP D CD2 1 
ATOM   606 N  NE1 A TRP D 2 11 ? -0.720  4.195   5.058   0.62 19.13 ? 11   TRP D NE1 1 
ATOM   607 C  CE2 A TRP D 2 11 ? 0.605   4.327   4.642   0.62 19.50 ? 11   TRP D CE2 1 
ATOM   608 C  CE3 A TRP D 2 11 ? 2.388   2.947   3.632   0.62 19.91 ? 11   TRP D CE3 1 
ATOM   609 C  CZ2 A TRP D 2 11 ? 1.443   5.436   4.683   0.62 23.49 ? 11   TRP D CZ2 1 
ATOM   610 C  CZ3 A TRP D 2 11 ? 3.222   4.061   3.674   0.62 22.50 ? 11   TRP D CZ3 1 
ATOM   611 C  CH2 A TRP D 2 11 ? 2.679   5.237   4.202   0.62 18.93 ? 11   TRP D CH2 1 
HETATM 612 N  N   . DLE D 2 12 ? -1.472  -1.991  4.537   1.00 14.88 ? 12   DLE D N   1 
HETATM 613 C  CA  . DLE D 2 12 ? -1.925  -3.236  3.976   1.00 15.43 ? 12   DLE D CA  1 
HETATM 614 C  CB  . DLE D 2 12 ? -2.477  -3.157  2.575   1.00 19.79 ? 12   DLE D CB  1 
HETATM 615 C  CG  . DLE D 2 12 ? -3.850  -2.590  2.368   1.00 22.33 ? 12   DLE D CG  1 
HETATM 616 C  CD1 . DLE D 2 12 ? -3.789  -1.126  2.705   1.00 24.63 ? 12   DLE D CD1 1 
HETATM 617 C  CD2 . DLE D 2 12 ? -4.359  -2.874  0.959   1.00 26.11 ? 12   DLE D CD2 1 
HETATM 618 C  C   . DLE D 2 12 ? -2.917  -3.895  4.936   1.00 15.50 ? 12   DLE D C   1 
HETATM 619 O  O   . DLE D 2 12 ? -3.705  -3.249  5.588   1.00 18.64 ? 12   DLE D O   1 
ATOM   620 N  N   . TRP D 2 13 ? -2.790  -5.217  5.029   1.00 15.85 ? 13   TRP D N   1 
ATOM   621 C  CA  . TRP D 2 13 ? -3.716  -6.054  5.724   1.00 14.87 ? 13   TRP D CA  1 
ATOM   622 C  C   . TRP D 2 13 ? -3.087  -6.566  7.032   1.00 15.19 ? 13   TRP D C   1 
ATOM   623 O  O   . TRP D 2 13 ? -1.964  -7.112  6.996   1.00 16.51 ? 13   TRP D O   1 
ATOM   624 C  CB  . TRP D 2 13 ? -4.109  -7.234  4.888   1.00 19.90 ? 13   TRP D CB  1 
ATOM   625 C  CG  . TRP D 2 13 ? -4.666  -6.835  3.555   1.00 24.84 ? 13   TRP D CG  1 
ATOM   626 C  CD1 . TRP D 2 13 ? -3.976  -6.943  2.354   1.00 28.12 ? 13   TRP D CD1 1 
ATOM   627 C  CD2 . TRP D 2 13 ? -5.949  -6.301  3.282   1.00 28.04 ? 13   TRP D CD2 1 
ATOM   628 N  NE1 . TRP D 2 13 ? -4.797  -6.490  1.360   1.00 30.44 ? 13   TRP D NE1 1 
ATOM   629 C  CE2 . TRP D 2 13 ? -6.009  -6.093  1.897   1.00 29.64 ? 13   TRP D CE2 1 
ATOM   630 C  CE3 . TRP D 2 13 ? -7.024  -5.998  4.105   1.00 29.09 ? 13   TRP D CE3 1 
ATOM   631 C  CZ2 . TRP D 2 13 ? -7.128  -5.572  1.260   1.00 32.58 ? 13   TRP D CZ2 1 
ATOM   632 C  CZ3 . TRP D 2 13 ? -8.133  -5.481  3.446   1.00 33.06 ? 13   TRP D CZ3 1 
ATOM   633 C  CH2 . TRP D 2 13 ? -8.173  -5.282  2.081   1.00 33.61 ? 13   TRP D CH2 1 
HETATM 634 N  N   . DLE D 2 14 ? -3.763  -6.405  8.144   1.00 15.93 ? 14   DLE D N   1 
HETATM 635 C  CA  . DLE D 2 14 ? -3.282  -6.962  9.382   1.00 15.40 ? 14   DLE D CA  1 
HETATM 636 C  CB  . DLE D 2 14 ? -3.621  -8.426  9.562   1.00 18.15 ? 14   DLE D CB  1 
HETATM 637 C  CG  . DLE D 2 14 ? -5.063  -8.881  9.570   1.00 18.27 ? 14   DLE D CG  1 
HETATM 638 C  CD1 . DLE D 2 14 ? -5.727  -8.787  8.200   1.00 24.76 ? 14   DLE D CD1 1 
HETATM 639 C  CD2 . DLE D 2 14 ? -5.101  -10.354 10.014  1.00 28.28 ? 14   DLE D CD2 1 
HETATM 640 C  C   . DLE D 2 14 ? -3.908  -6.153  10.528  1.00 16.19 ? 14   DLE D C   1 
HETATM 641 O  O   . DLE D 2 14 ? -5.064  -5.760  10.504  1.00 18.32 ? 14   DLE D O   1 
ATOM   642 N  N   . TRP D 2 15 ? -3.099  -5.997  11.578  1.00 16.45 ? 15   TRP D N   1 
ATOM   643 C  CA  . TRP D 2 15 ? -3.588  -5.465  12.844  1.00 16.95 ? 15   TRP D CA  1 
ATOM   644 C  C   . TRP D 2 15 ? -3.110  -4.060  13.061  1.00 19.31 ? 15   TRP D C   1 
ATOM   645 O  O   . TRP D 2 15 ? -1.962  -3.686  12.694  1.00 20.54 ? 15   TRP D O   1 
ATOM   646 C  CB  . TRP D 2 15 ? -3.083  -6.336  13.996  1.00 18.08 ? 15   TRP D CB  1 
ATOM   647 C  CG  . TRP D 2 15 ? -3.676  -7.703  14.152  1.00 19.67 ? 15   TRP D CG  1 
ATOM   648 C  CD1 . TRP D 2 15 ? -4.825  -8.064  14.836  1.00 21.61 ? 15   TRP D CD1 1 
ATOM   649 C  CD2 . TRP D 2 15 ? -3.141  -8.908  13.603  1.00 19.01 ? 15   TRP D CD2 1 
ATOM   650 N  NE1 . TRP D 2 15 ? -5.022  -9.417  14.733  1.00 23.42 ? 15   TRP D NE1 1 
ATOM   651 C  CE2 . TRP D 2 15 ? -3.995  -9.960  13.990  1.00 21.41 ? 15   TRP D CE2 1 
ATOM   652 C  CE3 . TRP D 2 15 ? -2.046  -9.249  12.844  1.00 19.93 ? 15   TRP D CE3 1 
ATOM   653 C  CZ2 . TRP D 2 15 ? -3.813  -11.308 13.659  1.00 24.49 ? 15   TRP D CZ2 1 
ATOM   654 C  CZ3 . TRP D 2 15 ? -1.849  -10.547 12.511  1.00 22.56 ? 15   TRP D CZ3 1 
ATOM   655 C  CH2 . TRP D 2 15 ? -2.706  -11.572 12.901  1.00 23.81 ? 15   TRP D CH2 1 
HETATM 656 C  CA  . ETA D 2 16 ? -3.519  -1.862  13.950  1.00 27.26 ? 16   ETA D CA  1 
HETATM 657 N  N   . ETA D 2 16 ? -3.945  -3.253  13.658  1.00 22.39 ? 16   ETA D N   1 
HETATM 658 C  C   . ETA D 2 16 ? -4.697  -0.971  14.354  1.00 30.19 ? 16   ETA D C   1 
HETATM 659 O  O   . ETA D 2 16 ? -5.716  -1.223  13.430  1.00 37.61 ? 16   ETA D O   1 
HETATM 660 NA NA  . NA  E 3 .  ? -1.068  5.278   -6.360  0.50 16.98 ? 1001 NA  A NA  1 
HETATM 661 I  I   . IOD F 4 .  ? 3.776   -4.717  -5.573  0.27 21.43 ? 1020 IOD A I   1 
HETATM 662 I  I   . IOD G 4 .  ? 5.805   14.405  -12.985 0.42 13.63 ? 1021 IOD A I   1 
HETATM 663 I  I   . IOD H 4 .  ? 3.860   13.706  -12.607 0.09 23.90 ? 1025 IOD A I   1 
HETATM 664 C  C   . MOH I 5 .  ? 12.032  6.033   -7.199  0.46 15.14 ? 3001 MOH A C   1 
HETATM 665 O  O   . MOH I 5 .  ? 10.728  6.580   -7.401  0.46 21.14 ? 3001 MOH A O   1 
HETATM 666 NA NA  . NA  J 3 .  ? -1.181  5.419   -7.056  0.16 17.43 ? 1000 NA  B NA  1 
HETATM 667 I  I   . IOD K 4 .  ? -7.775  15.168  -7.164  0.13 26.59 ? 1026 IOD B I   1 
HETATM 668 C  C   . MOH L 5 .  ? 8.942   2.560   -5.749  1.00 31.28 ? 2000 MOH B C   1 
HETATM 669 O  O   . MOH L 5 .  ? 8.436   2.709   -4.504  1.00 34.96 ? 2000 MOH B O   1 
HETATM 670 C  C   . MOH M 5 .  ? -12.596 15.555  -7.351  0.50 27.51 ? 3002 MOH B C   1 
HETATM 671 O  O   . MOH M 5 .  ? -13.936 15.244  -6.976  0.50 24.13 ? 3002 MOH B O   1 
HETATM 672 NA NA  . NA  N 3 .  ? 3.942   -5.499  5.444   0.39 13.74 ? 1011 NA  C NA  1 
HETATM 673 I  I   . IOD O 4 .  ? -9.290  -1.599  17.113  0.12 23.80 ? 1024 IOD C I   1 
HETATM 674 NA NA  . NA  P 3 .  ? 6.190   -4.729  3.675   0.22 18.21 ? 1010 NA  D NA  1 
HETATM 675 I  I   . IOD Q 4 .  ? -4.280  -7.867  -1.605  0.08 12.62 ? 1022 IOD D I   1 
HETATM 676 I  I   . IOD R 4 .  ? 15.108  3.624   -4.004  0.10 15.08 ? 1023 IOD D I   1 
HETATM 677 O  O   . HOH S 6 .  ? -15.417 8.690   -7.588  0.50 21.71 ? 2001 HOH A O   1 
HETATM 678 O  O   . HOH S 6 .  ? -13.150 5.776   -0.744  0.27 35.09 ? 2002 HOH A O   1 
HETATM 679 O  O   . HOH S 6 .  ? -12.234 1.786   -1.999  0.40 22.84 ? 2003 HOH A O   1 
HETATM 680 O  O   . HOH S 6 .  ? -5.578  15.525  -5.401  0.98 22.45 ? 2004 HOH A O   1 
HETATM 681 O  O   . HOH S 6 .  ? 6.024   14.311  -13.012 0.58 12.73 ? 2005 HOH A O   1 
HETATM 682 O  O   . HOH T 6 .  ? 4.460   2.835   -8.921  0.78 35.44 ? 2001 HOH B O   1 
HETATM 683 O  O   . HOH T 6 .  ? 8.292   6.764   -2.906  0.60 37.86 ? 2002 HOH B O   1 
HETATM 684 O  O   . HOH T 6 .  ? 2.191   3.447   -7.699  0.84 28.76 ? 2003 HOH B O   1 
HETATM 685 O  O   . HOH T 6 .  ? 8.013   6.484   -5.283  0.40 31.00 ? 2004 HOH B O   1 
HETATM 686 O  O   . HOH T 6 .  ? -3.721  4.308   -6.296  0.40 20.81 ? 2005 HOH B O   1 
HETATM 687 O  O   . HOH T 6 .  ? -0.457  3.700   -7.887  0.73 20.76 ? 2006 HOH B O   1 
HETATM 688 O  O   . HOH T 6 .  ? -5.603  4.467   -5.392  0.50 16.52 ? 2007 HOH B O   1 
HETATM 689 O  O   . HOH T 6 .  ? -6.308  4.101   -4.191  0.20 17.58 ? 2008 HOH B O   1 
HETATM 690 O  O   . HOH T 6 .  ? -2.613  4.409   -5.324  0.20 18.37 ? 2009 HOH B O   1 
HETATM 691 O  O   . HOH T 6 .  ? -2.809  4.216   -5.131  0.40 17.43 ? 2010 HOH B O   1 
HETATM 692 O  O   . HOH T 6 .  ? -5.443  5.298   -4.439  0.30 17.86 ? 2011 HOH B O   1 
HETATM 693 O  O   . HOH T 6 .  ? -8.290  5.402   -4.760  0.40 19.33 ? 2012 HOH B O   1 
HETATM 694 O  O   . HOH T 6 .  ? -15.893 3.906   -9.956  0.40 14.87 ? 2013 HOH B O   1 
HETATM 695 O  O   . HOH T 6 .  ? -15.663 3.294   -9.652  0.40 11.62 ? 2014 HOH B O   1 
HETATM 696 O  O   . HOH U 6 .  ? -7.833  -1.473  10.172  1.00 61.92 ? 2001 HOH C O   1 
HETATM 697 O  O   . HOH U 6 .  ? -5.372  1.137   10.523  0.47 25.69 ? 2002 HOH C O   1 
HETATM 698 O  O   . HOH U 6 .  ? 1.204   -3.505  7.861   0.25 17.57 ? 2003 HOH C O   1 
HETATM 699 O  O   . HOH U 6 .  ? -1.956  -3.634  9.438   0.44 24.20 ? 2004 HOH C O   1 
HETATM 700 O  O   . HOH U 6 .  ? 2.125   -4.657  6.449   0.20 18.23 ? 2005 HOH C O   1 
HETATM 701 O  O   . HOH U 6 .  ? -0.199  -4.395  6.690   0.25 18.27 ? 2006 HOH C O   1 
HETATM 702 O  O   . HOH U 6 .  ? 5.661   -4.188  4.825   0.15 15.72 ? 2007 HOH C O   1 
HETATM 703 O  O   . HOH U 6 .  ? 3.314   -5.874  -4.669  0.73 30.25 ? 2008 HOH C O   1 
HETATM 704 O  O   . HOH U 6 .  ? 8.869   -15.210 6.939   0.37 24.35 ? 2009 HOH C O   1 
HETATM 705 O  O   . HOH V 6 .  ? 10.062  -5.273  2.911   0.31 20.23 ? 2001 HOH D O   1 
HETATM 706 O  O   . HOH V 6 .  ? 6.442   -8.937  -3.797  0.74 44.10 ? 2002 HOH D O   1 
HETATM 707 O  O   . HOH V 6 .  ? 8.990   -4.792  3.237   0.16 18.93 ? 2003 HOH D O   1 
HETATM 708 O  O   . HOH V 6 .  ? 7.629   -5.102  3.864   0.42 19.00 ? 2004 HOH D O   1 
HETATM 709 O  O   . HOH V 6 .  ? 9.494   -4.966  -2.661  0.88 28.82 ? 2005 HOH D O   1 
HETATM 710 O  O   . HOH V 6 .  ? 9.088   -8.765  -1.629  0.40 41.00 ? 2006 HOH D O   1 
HETATM 711 O  O   . HOH V 6 .  ? 5.058   -4.038  5.521   0.19 13.82 ? 2007 HOH D O   1 
HETATM 712 O  O   . HOH V 6 .  ? 5.837   -4.396  5.891   0.42 12.83 ? 2008 HOH D O   1 
HETATM 713 O  O   . HOH V 6 .  ? 2.157   -3.708  6.858   0.19 18.08 ? 2009 HOH D O   1 
HETATM 714 O  O   . HOH V 6 .  ? -0.447  -3.478  7.906   0.25 18.55 ? 2010 HOH D O   1 
HETATM 715 O  O   . HOH V 6 .  ? 2.318   -3.767  5.688   0.50 16.99 ? 2011 HOH D O   1 
HETATM 716 O  O   . HOH V 6 .  ? -2.077  -2.683  8.193   0.39 24.38 ? 2012 HOH D O   1 
HETATM 717 O  O   . HOH V 6 .  ? -0.358  -4.153  7.333   0.25 17.43 ? 2013 HOH D O   1 
HETATM 718 O  O   . HOH V 6 .  ? -5.410  -3.092  10.579  0.20 35.47 ? 2014 HOH D O   1 
# 
loop_
_atom_site_anisotrop.id 
_atom_site_anisotrop.type_symbol 
_atom_site_anisotrop.pdbx_label_atom_id 
_atom_site_anisotrop.pdbx_label_alt_id 
_atom_site_anisotrop.pdbx_label_comp_id 
_atom_site_anisotrop.pdbx_label_asym_id 
_atom_site_anisotrop.pdbx_label_seq_id 
_atom_site_anisotrop.pdbx_PDB_ins_code 
_atom_site_anisotrop.U[1][1] 
_atom_site_anisotrop.U[2][2] 
_atom_site_anisotrop.U[3][3] 
_atom_site_anisotrop.U[1][2] 
_atom_site_anisotrop.U[1][3] 
_atom_site_anisotrop.U[2][3] 
_atom_site_anisotrop.pdbx_auth_seq_id 
_atom_site_anisotrop.pdbx_auth_comp_id 
_atom_site_anisotrop.pdbx_auth_asym_id 
_atom_site_anisotrop.pdbx_auth_atom_id 
1   C  C   . FVA A 1  ? 0.1573 0.2878 0.2519 0.0034  0.0358  -0.0088 1    FVA A C   
2   N  N   . FVA A 1  ? 0.1654 0.3733 0.2586 0.0501  0.0091  -0.0072 1    FVA A N   
3   O  O   . FVA A 1  ? 0.1954 0.2269 0.2679 0.0284  0.0522  0.0325  1    FVA A O   
4   C  CA  . FVA A 1  ? 0.1803 0.3162 0.2588 0.0395  0.0306  0.0009  1    FVA A CA  
5   C  CB  . FVA A 1  ? 0.3491 0.3329 0.3250 0.0491  0.0310  0.0386  1    FVA A CB  
6   C  CG1 . FVA A 1  ? 0.4093 0.3574 0.4210 0.1689  0.0420  0.0795  1    FVA A CG1 
7   C  CG2 . FVA A 1  ? 0.3839 0.3037 0.4741 0.0032  0.0431  0.0886  1    FVA A CG2 
8   O  O1  . FVA A 1  ? 0.2444 0.4728 0.3425 0.0294  0.0202  -0.1058 1    FVA A O1  
9   C  CN  . FVA A 1  ? 0.2261 0.4461 0.2709 0.0032  -0.0002 -0.0322 1    FVA A CN  
10  N  N   . GLY A 2  ? 0.1814 0.2794 0.2346 0.0165  0.0410  0.0219  2    GLY A N   
11  C  CA  . GLY A 2  ? 0.2072 0.2777 0.2579 0.0235  0.0448  0.0534  2    GLY A CA  
12  C  C   . GLY A 2  ? 0.2257 0.3069 0.2429 0.0537  0.0461  0.0268  2    GLY A C   
13  O  O   . GLY A 2  ? 0.2850 0.3966 0.2893 0.0878  0.0858  0.0537  2    GLY A O   
14  N  N   . ALA A 3  ? 0.1965 0.2419 0.2572 0.0222  0.0144  0.0003  3    ALA A N   
15  C  CA  . ALA A 3  ? 0.2306 0.2629 0.2277 0.0465  0.0290  -0.0131 3    ALA A CA  
16  C  C   . ALA A 3  ? 0.2042 0.2498 0.2790 0.0217  0.0434  0.0012  3    ALA A C   
17  O  O   . ALA A 3  ? 0.2053 0.3083 0.4822 0.0229  0.0965  0.0116  3    ALA A O   
18  C  CB  . ALA A 3  ? 0.3450 0.3289 0.2348 0.1107  -0.0093 -0.0131 3    ALA A CB  
19  N  N   . DLE A 4  ? 0.1714 0.2628 0.2298 0.0089  0.0087  -0.0242 4    DLE A N   
20  C  CA  . DLE A 4  ? 0.1780 0.2559 0.2468 0.0263  -0.0236 -0.0109 4    DLE A CA  
21  C  CB  . DLE A 4  ? 0.2796 0.3117 0.3125 0.0344  -0.0540 0.0471  4    DLE A CB  
22  C  CG  . DLE A 4  ? 0.3530 0.4413 0.3543 -0.0135 -0.0605 0.1356  4    DLE A CG  
23  C  CD1 . DLE A 4  ? 0.2562 0.5293 0.5904 -0.0039 -0.1017 0.1503  4    DLE A CD1 
24  C  CD2 . DLE A 4  ? 0.4911 0.5741 0.4341 -0.0329 -0.1325 0.2410  4    DLE A CD2 
25  C  C   . DLE A 4  ? 0.1663 0.2239 0.2861 0.0220  -0.0029 -0.0294 4    DLE A C   
26  O  O   . DLE A 4  ? 0.1782 0.3758 0.3253 -0.0412 0.0174  -0.0886 4    DLE A O   
27  N  N   . ALA A 5  ? 0.1551 0.2788 0.2300 0.0101  0.0139  0.0122  5    ALA A N   
28  C  CA  . ALA A 5  ? 0.1688 0.2337 0.2343 -0.0057 0.0219  0.0268  5    ALA A CA  
29  C  C   . ALA A 5  ? 0.1644 0.2484 0.2370 -0.0074 0.0094  0.0328  5    ALA A C   
30  O  O   . ALA A 5  ? 0.1839 0.2760 0.2987 0.0157  0.0465  0.0709  5    ALA A O   
31  C  CB  . ALA A 5  ? 0.3221 0.2240 0.2866 -0.0043 0.0557  0.0253  5    ALA A CB  
32  N  N   . DVA A 6  ? 0.1942 0.2165 0.2026 -0.0020 0.0066  -0.0010 6    DVA A N   
33  C  CA  . DVA A 6  ? 0.1906 0.2206 0.1945 -0.0135 -0.0011 -0.0141 6    DVA A CA  
40  C  C   . DVA A 6  ? 0.1626 0.2170 0.2031 0.0165  -0.0126 0.0157  6    DVA A C   
41  O  O   . DVA A 6  ? 0.1730 0.2180 0.2137 0.0282  -0.0058 0.0161  6    DVA A O   
42  N  N   . VAL A 7  ? 0.1644 0.2027 0.2131 0.0058  -0.0127 -0.0185 7    VAL A N   
43  C  CA  . VAL A 7  ? 0.1689 0.2017 0.1938 0.0077  -0.0066 -0.0225 7    VAL A CA  
44  C  C   . VAL A 7  ? 0.1523 0.2168 0.1851 0.0102  -0.0004 -0.0246 7    VAL A C   
45  O  O   . VAL A 7  ? 0.1619 0.2569 0.2497 0.0197  0.0094  -0.0710 7    VAL A O   
46  C  CB  . VAL A 7  ? 0.2139 0.2096 0.1874 0.0119  -0.0015 -0.0280 7    VAL A CB  
47  C  CG1 . VAL A 7  ? 0.2488 0.2076 0.1830 -0.0128 0.0041  -0.0206 7    VAL A CG1 
48  C  CG2 . VAL A 7  ? 0.2372 0.1772 0.2373 0.0159  -0.0129 0.0086  7    VAL A CG2 
49  N  N   . DVA A 8  ? 0.1548 0.1938 0.1917 0.0077  0.0046  -0.0177 8    DVA A N   
50  C  CA  . DVA A 8  ? 0.2101 0.1481 0.2030 0.0097  0.0117  -0.0129 8    DVA A CA  
57  C  C   . DVA A 8  ? 0.1882 0.1763 0.2125 -0.0254 0.0088  -0.0329 8    DVA A C   
58  O  O   . DVA A 8  ? 0.1897 0.2296 0.2336 -0.0200 0.0298  -0.0403 8    DVA A O   
59  N  N   . TRP A 9  ? 0.1722 0.1973 0.2102 0.0037  0.0094  -0.0093 9    TRP A N   
60  C  CA  . TRP A 9  ? 0.1561 0.1826 0.2089 -0.0264 0.0096  -0.0030 9    TRP A CA  
61  C  C   . TRP A 9  ? 0.1661 0.1996 0.2018 -0.0104 -0.0075 -0.0127 9    TRP A C   
62  O  O   . TRP A 9  ? 0.2139 0.1968 0.2074 -0.0262 0.0137  0.0097  9    TRP A O   
63  C  CB  . TRP A 9  ? 0.2426 0.1949 0.2480 0.0067  -0.0275 -0.0137 9    TRP A CB  
82  N  N   . DLE A 10 ? 0.1870 0.1667 0.2373 -0.0051 -0.0179 -0.0287 10   DLE A N   
83  C  CA  . DLE A 10 ? 0.2245 0.2075 0.2346 0.0093  -0.0277 -0.0052 10   DLE A CA  
92  C  C   . DLE A 10 ? 0.1625 0.1954 0.2383 0.0072  0.0038  0.0231  10   DLE A C   
93  O  O   . DLE A 10 ? 0.2076 0.2262 0.4306 0.0035  0.1082  0.0542  10   DLE A O   
94  N  N   . TRP A 11 ? 0.1584 0.1935 0.1623 0.0106  -0.0003 0.0199  11   TRP A N   
95  C  CA  . TRP A 11 ? 0.1526 0.2065 0.1914 0.0213  0.0010  0.0027  11   TRP A CA  
96  C  C   . TRP A 11 ? 0.1631 0.2028 0.1999 0.0219  0.0141  -0.0056 11   TRP A C   
97  O  O   . TRP A 11 ? 0.1649 0.2693 0.1830 0.0115  0.0072  -0.0221 11   TRP A O   
98  C  CB  . TRP A 11 ? 0.2524 0.1895 0.2075 0.0339  0.0061  0.0069  11   TRP A CB  
99  C  CG  . TRP A 11 ? 0.2865 0.2618 0.2066 0.0220  -0.0264 0.0150  11   TRP A CG  
100 C  CD1 . TRP A 11 ? 0.3065 0.2522 0.2116 0.0270  -0.0420 -0.0112 11   TRP A CD1 
101 C  CD2 . TRP A 11 ? 0.2963 0.2634 0.2265 -0.0137 -0.0162 0.0577  11   TRP A CD2 
102 N  NE1 . TRP A 11 ? 0.3202 0.2612 0.2317 0.0362  -0.0685 0.0097  11   TRP A NE1 
103 C  CE2 . TRP A 11 ? 0.3111 0.3014 0.2667 0.0341  -0.0758 0.0253  11   TRP A CE2 
104 C  CE3 . TRP A 11 ? 0.2680 0.2993 0.2358 -0.0282 -0.0119 0.0873  11   TRP A CE3 
105 C  CZ2 . TRP A 11 ? 0.3161 0.3155 0.2903 0.0198  -0.0590 0.0081  11   TRP A CZ2 
106 C  CZ3 . TRP A 11 ? 0.2977 0.3548 0.2447 -0.0199 -0.0506 0.0430  11   TRP A CZ3 
107 C  CH2 . TRP A 11 ? 0.3235 0.3493 0.2505 0.0074  -0.0441 0.0358  11   TRP A CH2 
108 N  N   . DLE A 12 ? 0.1568 0.2164 0.1857 0.0123  0.0063  -0.0125 12   DLE A N   
109 C  CA  . DLE A 12 ? 0.1656 0.2240 0.1902 -0.0195 -0.0014 0.0026  12   DLE A CA  
110 C  CB  . DLE A 12 ? 0.2843 0.2166 0.2160 -0.0142 0.0120  -0.0051 12   DLE A CB  
111 C  CG  . DLE A 12 ? 0.3335 0.2222 0.2390 -0.0241 -0.0291 0.0022  12   DLE A CG  
112 C  CD1 . DLE A 12 ? 0.4702 0.2640 0.2070 0.0262  0.0056  -0.0171 12   DLE A CD1 
113 C  CD2 . DLE A 12 ? 0.4974 0.2571 0.3079 -0.1075 -0.0179 0.0138  12   DLE A CD2 
114 C  C   . DLE A 12 ? 0.1597 0.2054 0.1831 0.0104  0.0077  -0.0233 12   DLE A C   
115 O  O   . DLE A 12 ? 0.1548 0.3918 0.1755 0.0165  -0.0018 -0.0170 12   DLE A O   
116 N  N   . TRP A 13 ? 0.1504 0.1692 0.1840 0.0057  0.0047  -0.0227 13   TRP A N   
117 C  CA  . TRP A 13 ? 0.1665 0.1526 0.1848 0.0066  0.0159  -0.0241 13   TRP A CA  
118 C  C   . TRP A 13 ? 0.1851 0.1668 0.2197 0.0057  0.0182  -0.0001 13   TRP A C   
119 O  O   . TRP A 13 ? 0.1933 0.1673 0.1922 0.0065  0.0115  -0.0050 13   TRP A O   
120 C  CB  . TRP A 13 ? 0.2225 0.1648 0.1706 0.0199  -0.0064 -0.0192 13   TRP A CB  
121 C  CG  . TRP A 13 ? 0.2024 0.1756 0.1771 -0.0032 -0.0056 -0.0209 13   TRP A CG  
122 C  CD1 . TRP A 13 ? 0.1820 0.2282 0.1696 -0.0017 -0.0078 -0.0164 13   TRP A CD1 
123 C  CD2 . TRP A 13 ? 0.1981 0.1774 0.2042 -0.0056 -0.0018 -0.0275 13   TRP A CD2 
124 N  NE1 . TRP A 13 ? 0.1980 0.2278 0.1748 -0.0078 0.0063  -0.0247 13   TRP A NE1 
125 C  CE2 . TRP A 13 ? 0.1695 0.2112 0.2033 -0.0235 -0.0021 -0.0492 13   TRP A CE2 
126 C  CE3 . TRP A 13 ? 0.2148 0.1894 0.2459 0.0206  -0.0224 -0.0449 13   TRP A CE3 
127 C  CZ2 . TRP A 13 ? 0.1923 0.2273 0.2283 -0.0154 0.0200  -0.0537 13   TRP A CZ2 
128 C  CZ3 . TRP A 13 ? 0.1854 0.2413 0.2578 0.0085  -0.0330 -0.0611 13   TRP A CZ3 
129 C  CH2 . TRP A 13 ? 0.2037 0.2633 0.2508 0.0165  -0.0215 -0.0851 13   TRP A CH2 
130 N  N   . DLE A 14 ? 0.2003 0.1545 0.2283 0.0088  0.0352  -0.0050 14   DLE A N   
131 C  CA  . DLE A 14 ? 0.2116 0.1646 0.2104 -0.0098 0.0389  -0.0074 14   DLE A CA  
132 C  CB  . DLE A 14 ? 0.2669 0.1801 0.2009 -0.0139 0.0506  -0.0047 14   DLE A CB  
133 C  CG  . DLE A 14 ? 0.2090 0.2237 0.2415 -0.0268 0.0327  0.0358  14   DLE A CG  
134 C  CD1 . DLE A 14 ? 0.2433 0.3717 0.2394 0.0264  0.0115  0.0588  14   DLE A CD1 
135 C  CD2 . DLE A 14 ? 0.2113 0.2408 0.3028 0.0224  0.0073  0.0559  14   DLE A CD2 
136 C  C   . DLE A 14 ? 0.2061 0.1923 0.2739 -0.0190 0.0674  -0.0045 14   DLE A C   
137 O  O   . DLE A 14 ? 0.2216 0.2082 0.2945 -0.0164 0.0806  -0.0124 14   DLE A O   
138 N  N   . TRP A 15 ? 0.2063 0.1945 0.2834 -0.0290 0.0665  -0.0152 15   TRP A N   
139 C  CA  . TRP A 15 ? 0.2299 0.1971 0.3028 -0.0318 0.0589  0.0032  15   TRP A CA  
140 C  C   . TRP A 15 ? 0.2152 0.2173 0.3090 -0.0244 0.0526  -0.0111 15   TRP A C   
141 O  O   . TRP A 15 ? 0.2461 0.2242 0.3381 -0.0225 0.0892  -0.0269 15   TRP A O   
142 C  CB  . TRP A 15 ? 0.2847 0.2271 0.3090 -0.0175 0.0916  0.0415  15   TRP A CB  
143 C  CG  . TRP A 15 ? 0.2723 0.2152 0.4039 0.0005  0.0955  0.0579  15   TRP A CG  
144 C  CD1 . TRP A 15 ? 0.3172 0.2413 0.4256 -0.0260 0.1032  0.0103  15   TRP A CD1 
145 C  CD2 . TRP A 15 ? 0.2333 0.2463 0.4551 -0.0121 0.0703  0.0378  15   TRP A CD2 
146 N  NE1 . TRP A 15 ? 0.3191 0.2600 0.4356 -0.0437 0.0754  0.0133  15   TRP A NE1 
147 C  CE2 . TRP A 15 ? 0.2694 0.2505 0.4709 -0.0291 0.0647  0.0507  15   TRP A CE2 
148 C  CE3 . TRP A 15 ? 0.2124 0.2792 0.5281 0.0245  0.0719  0.0262  15   TRP A CE3 
149 C  CZ2 . TRP A 15 ? 0.2223 0.2922 0.5068 -0.0489 0.0204  0.0222  15   TRP A CZ2 
150 C  CZ3 . TRP A 15 ? 0.1701 0.2856 0.5881 0.0384  0.0473  0.0457  15   TRP A CZ3 
151 C  CH2 . TRP A 15 ? 0.2570 0.3333 0.5363 -0.0265 0.0637  0.0234  15   TRP A CH2 
152 C  CA  . ETA A 16 ? 0.2732 0.3942 0.4618 -0.0299 -0.0438 -0.0035 16   ETA A CA  
153 N  N   . ETA A 16 ? 0.2061 0.2340 0.3813 -0.0227 0.0374  0.0101  16   ETA A N   
154 C  C   . ETA A 16 ? 0.2575 0.5530 0.5377 -0.0116 -0.0474 -0.0203 16   ETA A C   
155 O  O   . ETA A 16 ? 0.3470 0.8084 0.6155 -0.0837 0.0643  -0.0316 16   ETA A O   
156 C  C   . FVA B 1  ? 0.2360 0.2258 0.2806 0.0130  0.0802  0.0338  1    FVA B C   
157 N  N   . FVA B 1  ? 0.2606 0.2759 0.2991 -0.0362 0.0640  -0.0035 1    FVA B N   
158 O  O   . FVA B 1  ? 0.3021 0.2449 0.3658 0.0680  0.1485  0.0561  1    FVA B O   
159 C  CA  . FVA B 1  ? 0.2673 0.2063 0.2794 -0.0101 0.0211  0.0163  1    FVA B CA  
160 C  CB  . FVA B 1  ? 0.3815 0.2508 0.2712 -0.0596 0.0004  0.0405  1    FVA B CB  
161 C  CG1 . FVA B 1  ? 0.3933 0.4107 0.2280 -0.0973 -0.0113 0.0150  1    FVA B CG1 
162 C  CG2 . FVA B 1  ? 0.4533 0.2821 0.3705 -0.0095 -0.0559 0.0920  1    FVA B CG2 
163 O  O1  . FVA B 1  ? 0.3422 0.4874 0.3722 0.1049  0.0028  -0.1349 1    FVA B O1  
164 C  CN  . FVA B 1  ? 0.2525 0.3198 0.3255 0.0047  0.0081  -0.0300 1    FVA B CN  
165 N  N   . GLY B 2  ? 0.1791 0.2450 0.2407 -0.0228 0.0382  0.0061  2    GLY B N   
166 C  CA  . GLY B 2  ? 0.1762 0.2420 0.2138 -0.0289 0.0225  0.0088  2    GLY B CA  
167 C  C   . GLY B 2  ? 0.1874 0.1922 0.2135 0.0027  0.0121  -0.0115 2    GLY B C   
168 O  O   . GLY B 2  ? 0.1983 0.2213 0.2618 0.0273  0.0313  -0.0158 2    GLY B O   
169 N  N   . ALA B 3  ? 0.1956 0.2137 0.1794 0.0115  -0.0060 -0.0097 3    ALA B N   
170 C  CA  . ALA B 3  ? 0.1671 0.2264 0.1785 0.0171  -0.0014 -0.0223 3    ALA B CA  
171 C  C   . ALA B 3  ? 0.1504 0.2806 0.1720 -0.0093 -0.0003 -0.0099 3    ALA B C   
172 O  O   . ALA B 3  ? 0.1554 0.2781 0.2268 -0.0251 0.0193  -0.0185 3    ALA B O   
173 C  CB  . ALA B 3  ? 0.2364 0.2447 0.2032 -0.0156 0.0143  0.0203  3    ALA B CB  
174 N  N   . DLE B 4  ? 0.1719 0.2612 0.1742 0.0083  0.0063  -0.0199 4    DLE B N   
175 C  CA  . DLE B 4  ? 0.1780 0.2602 0.1772 0.0188  -0.0092 -0.0145 4    DLE B CA  
176 C  CB  . DLE B 4  ? 0.2418 0.2809 0.1946 0.0476  -0.0182 -0.0058 4    DLE B CB  
177 C  CG  . DLE B 4  ? 0.2836 0.2839 0.2236 0.0679  -0.0040 0.0035  4    DLE B CG  
178 C  CD1 . DLE B 4  ? 0.2422 0.4894 0.3513 0.0920  -0.0280 0.0853  4    DLE B CD1 
179 C  CD2 . DLE B 4  ? 0.4628 0.3099 0.2698 0.1253  0.0860  0.0408  4    DLE B CD2 
180 C  C   . DLE B 4  ? 0.1799 0.2389 0.1969 0.0008  0.0179  -0.0144 4    DLE B C   
181 O  O   . DLE B 4  ? 0.1816 0.2811 0.2747 0.0107  -0.0030 -0.0949 4    DLE B O   
182 N  N   . ALA B 5  ? 0.1618 0.2378 0.2401 -0.0080 0.0202  -0.0031 5    ALA B N   
183 C  CA  . ALA B 5  ? 0.1869 0.2277 0.2248 -0.0230 0.0132  -0.0188 5    ALA B CA  
184 C  C   . ALA B 5  ? 0.1858 0.2025 0.2545 -0.0544 0.0110  -0.0141 5    ALA B C   
185 O  O   . ALA B 5  ? 0.1870 0.2636 0.2496 -0.0345 0.0194  0.0055  5    ALA B O   
186 C  CB  . ALA B 5  ? 0.2392 0.2901 0.2385 -0.0529 -0.0011 -0.0257 5    ALA B CB  
187 N  N   . DVA B 6  ? 0.2100 0.2113 0.2829 -0.0316 0.0515  0.0263  6    DVA B N   
188 C  CA  . DVA B 6  ? 0.2108 0.2142 0.2459 -0.0561 -0.0028 0.0080  6    DVA B CA  
195 C  C   . DVA B 6  ? 0.1986 0.1976 0.2346 -0.0418 0.0297  -0.0222 6    DVA B C   
196 O  O   . DVA B 6  ? 0.2227 0.2282 0.3452 0.0152  0.0884  0.0723  6    DVA B O   
197 N  N   . VAL B 7  ? 0.2080 0.1954 0.2375 -0.0432 0.0041  -0.0233 7    VAL B N   
198 C  CA  . VAL B 7  ? 0.2180 0.2036 0.2669 -0.0299 0.0062  -0.0218 7    VAL B CA  
199 C  C   . VAL B 7  ? 0.1773 0.2066 0.2265 -0.0237 0.0141  -0.0145 7    VAL B C   
200 O  O   . VAL B 7  ? 0.2031 0.2087 0.2736 -0.0041 0.0491  -0.0182 7    VAL B O   
207 N  N   . DVA B 8  ? 0.1911 0.1631 0.2078 -0.0172 0.0218  -0.0089 8    DVA B N   
208 C  CA  . DVA B 8  ? 0.1883 0.1701 0.1868 -0.0150 0.0096  -0.0051 8    DVA B CA  
209 C  CB  . DVA B 8  ? 0.2364 0.1532 0.2305 0.0014  -0.0161 0.0177  8    DVA B CB  
210 C  CG1 . DVA B 8  ? 0.2603 0.1999 0.2269 0.0310  -0.0516 -0.0034 8    DVA B CG1 
211 C  CG2 . DVA B 8  ? 0.2533 0.1565 0.2937 0.0040  0.0359  0.0300  8    DVA B CG2 
212 C  C   . DVA B 8  ? 0.1864 0.1401 0.2044 0.0047  0.0204  -0.0146 8    DVA B C   
213 O  O   . DVA B 8  ? 0.1972 0.1745 0.2044 0.0051  0.0341  -0.0121 8    DVA B O   
214 N  N   . TRP B 9  ? 0.1845 0.1484 0.2151 -0.0081 0.0208  -0.0104 9    TRP B N   
215 C  CA  . TRP B 9  ? 0.1912 0.1458 0.1980 -0.0138 -0.0009 -0.0009 9    TRP B CA  
216 C  C   . TRP B 9  ? 0.1533 0.1817 0.2094 0.0074  0.0022  0.0145  9    TRP B C   
217 O  O   . TRP B 9  ? 0.1579 0.2194 0.2385 0.0193  0.0310  0.0364  9    TRP B O   
218 C  CB  . TRP B 9  ? 0.2417 0.1447 0.2130 -0.0041 0.0015  -0.0108 9    TRP B CB  
219 C  CG  . TRP B 9  ? 0.2820 0.1798 0.2097 0.0239  0.0038  -0.0236 9    TRP B CG  
220 C  CD1 . TRP B 9  ? 0.3065 0.2051 0.2259 0.0196  0.0235  0.0109  9    TRP B CD1 
221 C  CD2 . TRP B 9  ? 0.3032 0.1840 0.2224 0.0472  -0.0188 -0.0536 9    TRP B CD2 
222 N  NE1 . TRP B 9  ? 0.3564 0.2352 0.2159 0.0180  -0.0053 -0.0220 9    TRP B NE1 
223 C  CE2 . TRP B 9  ? 0.3574 0.1981 0.2171 0.0421  -0.0332 -0.0416 9    TRP B CE2 
224 C  CE3 . TRP B 9  ? 0.2826 0.2387 0.2396 0.0371  -0.0469 -0.0530 9    TRP B CE3 
225 C  CZ2 . TRP B 9  ? 0.3991 0.2600 0.2527 0.0338  -0.0930 -0.0724 9    TRP B CZ2 
226 C  CZ3 . TRP B 9  ? 0.3304 0.2902 0.3011 0.0278  -0.0993 -0.0239 9    TRP B CZ3 
227 C  CH2 . TRP B 9  ? 0.3748 0.2984 0.2776 0.0309  -0.1153 -0.0382 9    TRP B CH2 
228 N  N   . DLE B 10 ? 0.1602 0.1976 0.1845 0.0004  0.0100  -0.0154 10   DLE B N   
229 C  CA  . DLE B 10 ? 0.2481 0.1989 0.2102 0.0266  0.0334  0.0182  10   DLE B CA  
230 C  CB  . DLE B 10 ? 0.4206 0.2005 0.3065 0.0174  0.0900  0.0108  10   DLE B CB  
231 C  CG  . DLE B 10 ? 0.4543 0.2164 0.3922 -0.0958 0.1168  0.0254  10   DLE B CG  
232 C  CD1 . DLE B 10 ? 0.4364 0.4369 0.6150 0.0462  -0.0077 0.0496  10   DLE B CD1 
233 C  CD2 . DLE B 10 ? 0.5254 0.3415 0.5032 -0.0284 0.0672  -0.1425 10   DLE B CD2 
234 C  C   . DLE B 10 ? 0.1430 0.1858 0.1987 -0.0044 0.0066  0.0330  10   DLE B C   
235 O  O   . DLE B 10 ? 0.1568 0.2676 0.2061 0.0174  0.0049  0.0320  10   DLE B O   
261 N  N   . DLE B 12 ? 0.2086 0.2343 0.1912 -0.0252 0.0233  -0.0073 12   DLE B N   
262 C  CA  . DLE B 12 ? 0.1784 0.2187 0.2559 -0.0263 0.0267  -0.0057 12   DLE B CA  
271 C  C   . DLE B 12 ? 0.1980 0.2425 0.2450 -0.0060 0.0189  -0.0096 12   DLE B C   
272 O  O   . DLE B 12 ? 0.1952 0.2344 0.2954 -0.0019 0.0247  0.0103  12   DLE B O   
273 N  N   . TRP B 13 ? 0.1824 0.2246 0.2095 0.0035  0.0127  -0.0272 13   TRP B N   
274 C  CA  . TRP B 13 ? 0.2154 0.2455 0.1949 0.0265  0.0098  -0.0490 13   TRP B CA  
275 C  C   . TRP B 13 ? 0.2089 0.2309 0.2153 0.0074  0.0085  -0.0222 13   TRP B C   
276 O  O   . TRP B 13 ? 0.2063 0.2497 0.2288 0.0012  0.0125  0.0057  13   TRP B O   
277 C  CB  . TRP B 13 ? 0.2688 0.2260 0.2451 0.0061  -0.0133 -0.0427 13   TRP B CB  
296 N  N   . DLE B 14 ? 0.2039 0.2805 0.1999 -0.0012 0.0191  -0.0159 14   DLE B N   
297 C  CA  . DLE B 14 ? 0.2275 0.2701 0.2360 0.0032  -0.0193 -0.0130 14   DLE B CA  
306 C  C   . DLE B 14 ? 0.1795 0.2240 0.2274 0.0562  0.0115  -0.0089 14   DLE B C   
307 O  O   . DLE B 14 ? 0.2119 0.3892 0.2252 0.0574  0.0155  0.0200  14   DLE B O   
308 N  N   . TRP B 15 ? 0.1940 0.2544 0.2365 0.0301  -0.0018 -0.0249 15   TRP B N   
309 C  CA  . TRP B 15 ? 0.1900 0.2647 0.2441 0.0277  0.0082  -0.0293 15   TRP B CA  
310 C  C   . TRP B 15 ? 0.1944 0.2749 0.3051 -0.0053 0.0309  -0.0116 15   TRP B C   
311 O  O   . TRP B 15 ? 0.2197 0.2413 0.4063 0.0078  0.0371  -0.0282 15   TRP B O   
340 C  C   . FVA C 1  ? 0.1744 0.3099 0.2356 0.0407  0.0378  -0.0040 1    FVA C C   
341 N  N   . FVA C 1  ? 0.2126 0.4345 0.2483 0.0306  0.0540  -0.0445 1    FVA C N   
342 O  O   . FVA C 1  ? 0.1733 0.2906 0.2496 0.0182  0.0443  0.0027  1    FVA C O   
343 C  CA  . FVA C 1  ? 0.2191 0.3554 0.2334 0.0658  0.0341  0.0126  1    FVA C CA  
344 C  CB  . FVA C 1  ? 0.2792 0.3975 0.3365 0.0288  0.0383  0.0818  1    FVA C CB  
345 C  CG1 . FVA C 1  ? 0.2860 0.4903 0.5026 -0.0368 0.0509  0.0577  1    FVA C CG1 
346 C  CG2 . FVA C 1  ? 0.3930 0.3509 0.5690 -0.0120 0.0886  -0.0015 1    FVA C CG2 
347 O  O1  . FVA C 1  ? 0.1917 0.5689 0.4300 0.0356  0.0332  -0.0731 1    FVA C O1  
348 C  CN  . FVA C 1  ? 0.2079 0.4736 0.3151 0.0409  0.0314  -0.0835 1    FVA C CN  
349 N  N   . GLY C 2  ? 0.1632 0.3292 0.2233 0.0267  0.0186  0.0099  2    GLY C N   
350 C  CA  . GLY C 2  ? 0.1624 0.3124 0.2412 0.0161  0.0079  0.0314  2    GLY C CA  
351 C  C   . GLY C 2  ? 0.1797 0.3042 0.2305 0.0105  0.0080  0.0240  2    GLY C C   
352 O  O   . GLY C 2  ? 0.1757 0.4589 0.2869 0.0032  0.0043  0.1498  2    GLY C O   
353 N  N   . ALA C 3  ? 0.1879 0.2757 0.2383 0.0248  0.0387  0.0116  3    ALA C N   
354 C  CA  . ALA C 3  ? 0.2177 0.2750 0.2256 0.0057  0.0313  0.0123  3    ALA C CA  
355 C  C   . ALA C 3  ? 0.1872 0.2741 0.2588 0.0256  0.0097  0.0005  3    ALA C C   
356 O  O   . ALA C 3  ? 0.2088 0.3114 0.3272 -0.0011 0.0451  -0.0524 3    ALA C O   
357 C  CB  . ALA C 3  ? 0.2575 0.3998 0.2072 -0.0154 0.0215  0.0148  3    ALA C CB  
358 N  N   . DLE C 4  ? 0.2326 0.2637 0.2174 0.0012  0.0375  0.0047  4    DLE C N   
359 C  CA  . DLE C 4  ? 0.2410 0.2681 0.2398 0.0149  0.0113  -0.0224 4    DLE C CA  
368 C  C   . DLE C 4  ? 0.2313 0.2568 0.2482 0.0155  0.0337  -0.0425 4    DLE C C   
369 O  O   . DLE C 4  ? 0.2726 0.4164 0.3439 -0.0358 0.0858  -0.1614 4    DLE C O   
370 N  N   . ALA C 5  ? 0.2294 0.2482 0.2171 0.0391  0.0249  -0.0053 5    ALA C N   
371 C  CA  . ALA C 5  ? 0.2215 0.2227 0.2358 0.0167  0.0266  0.0005  5    ALA C CA  
372 C  C   . ALA C 5  ? 0.2048 0.2378 0.1992 0.0044  0.0169  -0.0186 5    ALA C C   
373 O  O   . ALA C 5  ? 0.2462 0.2830 0.2390 0.0383  0.0476  0.0170  5    ALA C O   
374 C  CB  . ALA C 5  ? 0.2971 0.2184 0.3129 0.0031  0.0406  -0.0222 5    ALA C CB  
375 N  N   . DVA C 6  ? 0.2149 0.1976 0.1935 -0.0093 0.0066  -0.0168 6    DVA C N   
376 C  CA  . DVA C 6  ? 0.2288 0.1994 0.2047 -0.0151 -0.0096 -0.0181 6    DVA C CA  
383 C  C   . DVA C 6  ? 0.2235 0.2187 0.1792 -0.0059 0.0137  0.0041  6    DVA C C   
384 O  O   . DVA C 6  ? 0.2495 0.2508 0.2411 0.0175  0.0428  0.0686  6    DVA C O   
385 N  N   . VAL C 7  ? 0.1964 0.2015 0.1933 -0.0141 0.0316  -0.0216 7    VAL C N   
386 C  CA  . VAL C 7  ? 0.1859 0.2011 0.2333 -0.0169 -0.0046 -0.0177 7    VAL C CA  
387 C  C   . VAL C 7  ? 0.1822 0.1512 0.2211 -0.0160 0.0069  0.0154  7    VAL C C   
388 O  O   . VAL C 7  ? 0.1771 0.2332 0.2223 -0.0216 0.0069  -0.0218 7    VAL C O   
389 C  CB  . VAL C 7  ? 0.2271 0.2486 0.2499 -0.0457 -0.0299 0.0248  7    VAL C CB  
390 C  CG1 . VAL C 7  ? 0.2932 0.3006 0.2655 -0.0565 -0.0373 -0.0611 7    VAL C CG1 
391 C  CG2 . VAL C 7  ? 0.2710 0.4021 0.2172 -0.0657 -0.0212 0.0113  7    VAL C CG2 
392 N  N   . DVA C 8  ? 0.1767 0.1785 0.2147 -0.0223 -0.0059 -0.0097 8    DVA C N   
393 C  CA  . DVA C 8  ? 0.2096 0.1546 0.2258 -0.0249 -0.0040 0.0036  8    DVA C CA  
400 C  C   . DVA C 8  ? 0.1582 0.1917 0.2284 -0.0309 0.0034  -0.0077 8    DVA C C   
401 O  O   . DVA C 8  ? 0.1491 0.2597 0.2602 -0.0237 0.0033  -0.0481 8    DVA C O   
402 N  N   . TRP C 9  ? 0.1419 0.2016 0.2191 -0.0170 0.0105  -0.0108 9    TRP C N   
403 C  CA  . TRP C 9  ? 0.1870 0.2099 0.2269 -0.0247 0.0463  -0.0264 9    TRP C CA  
404 C  C   . TRP C 9  ? 0.1919 0.2159 0.2131 -0.0153 0.0291  -0.0225 9    TRP C C   
405 O  O   . TRP C 9  ? 0.1758 0.2307 0.2805 -0.0285 0.0407  -0.0112 9    TRP C O   
406 C  CB  . TRP C 9  ? 0.2278 0.2079 0.2560 -0.0143 0.0299  -0.0528 9    TRP C CB  
407 C  CG  . TRP C 9  ? 0.2287 0.2109 0.2826 -0.0251 -0.0010 -0.0408 9    TRP C CG  
408 C  CD1 . TRP C 9  ? 0.2648 0.2100 0.3141 -0.0117 0.0210  -0.0423 9    TRP C CD1 
409 C  CD2 . TRP C 9  ? 0.2623 0.2366 0.2859 -0.0006 0.0117  -0.0146 9    TRP C CD2 
410 N  NE1 . TRP C 9  ? 0.2364 0.2237 0.3918 -0.0173 0.0140  -0.0080 9    TRP C NE1 
411 C  CE2 . TRP C 9  ? 0.2637 0.2441 0.3245 -0.0048 0.0115  0.0033  9    TRP C CE2 
412 C  CE3 . TRP C 9  ? 0.2570 0.2443 0.3793 -0.0100 0.0512  0.0366  9    TRP C CE3 
413 C  CZ2 . TRP C 9  ? 0.3106 0.2621 0.3243 0.0028  0.0256  0.0193  9    TRP C CZ2 
414 C  CZ3 . TRP C 9  ? 0.3344 0.2224 0.3998 -0.0091 0.0722  0.0456  9    TRP C CZ3 
415 C  CH2 . TRP C 9  ? 0.3234 0.2604 0.3229 0.0190  0.0439  0.0361  9    TRP C CH2 
416 N  N   . DLE C 10 ? 0.1593 0.2036 0.2152 -0.0044 -0.0033 -0.0018 10   DLE C N   
417 C  CA  . DLE C 10 ? 0.2007 0.2054 0.2025 -0.0105 -0.0167 -0.0019 10   DLE C CA  
418 C  CB  . DLE C 10 ? 0.2842 0.2690 0.2147 -0.0001 -0.0365 -0.0382 10   DLE C CB  
419 C  CG  . DLE C 10 ? 0.2750 0.4092 0.2081 -0.0486 -0.0375 -0.0653 10   DLE C CG  
420 C  CD1 . DLE C 10 ? 0.2963 0.3637 0.3501 -0.0350 -0.0943 0.0244  10   DLE C CD1 
421 C  CD2 . DLE C 10 ? 0.5222 0.4591 0.2568 -0.0975 -0.0581 -0.1415 10   DLE C CD2 
422 C  C   . DLE C 10 ? 0.1864 0.2174 0.1734 -0.0074 0.0184  0.0094  10   DLE C C   
423 O  O   . DLE C 10 ? 0.1957 0.2330 0.2374 0.0074  0.0049  0.0147  10   DLE C O   
424 N  N   . TRP C 11 ? 0.1823 0.2082 0.1638 -0.0165 0.0134  -0.0026 11   TRP C N   
425 C  CA  . TRP C 11 ? 0.1717 0.2018 0.1655 -0.0085 0.0063  -0.0086 11   TRP C CA  
426 C  C   . TRP C 11 ? 0.1707 0.1853 0.1580 -0.0100 0.0172  -0.0093 11   TRP C C   
427 O  O   . TRP C 11 ? 0.1891 0.2310 0.1642 0.0162  0.0114  -0.0109 11   TRP C O   
428 C  CB  . TRP C 11 ? 0.2541 0.2716 0.1629 -0.0243 -0.0072 0.0297  11   TRP C CB  
429 C  CG  . TRP C 11 ? 0.2863 0.2383 0.1936 0.0054  -0.0392 0.0168  11   TRP C CG  
430 C  CD1 . TRP C 11 ? 0.2983 0.3318 0.1966 -0.0113 -0.0275 -0.0237 11   TRP C CD1 
431 C  CD2 . TRP C 11 ? 0.2931 0.2269 0.2067 -0.0015 -0.0389 0.0170  11   TRP C CD2 
432 N  NE1 . TRP C 11 ? 0.2977 0.3611 0.2217 -0.0002 -0.0447 -0.0395 11   TRP C NE1 
433 C  CE2 . TRP C 11 ? 0.2984 0.2653 0.2067 -0.0080 -0.0339 -0.0008 11   TRP C CE2 
434 C  CE3 . TRP C 11 ? 0.2886 0.2238 0.2100 0.0024  -0.0415 0.0166  11   TRP C CE3 
435 C  CZ2 . TRP C 11 ? 0.3022 0.2478 0.2445 -0.0014 -0.0554 0.0067  11   TRP C CZ2 
436 C  CZ3 . TRP C 11 ? 0.3028 0.2439 0.2629 -0.0117 -0.0551 -0.0026 11   TRP C CZ3 
437 C  CH2 . TRP C 11 ? 0.2986 0.2501 0.2838 -0.0154 -0.0567 -0.0207 11   TRP C CH2 
438 N  N   . DLE C 12 ? 0.1720 0.2110 0.2035 -0.0094 0.0008  -0.0229 12   DLE C N   
439 C  CA  . DLE C 12 ? 0.1628 0.2120 0.1970 -0.0006 -0.0029 -0.0128 12   DLE C CA  
440 C  CB  . DLE C 12 ? 0.2256 0.2205 0.2575 -0.0348 -0.0579 0.0172  12   DLE C CB  
441 C  CG  . DLE C 12 ? 0.2505 0.2455 0.2939 -0.0587 -0.0753 0.0182  12   DLE C CG  
446 C  C   . DLE C 12 ? 0.1581 0.2372 0.1798 0.0158  0.0133  -0.0293 12   DLE C C   
447 O  O   . DLE C 12 ? 0.1687 0.3820 0.1727 0.0315  0.0112  -0.0288 12   DLE C O   
448 N  N   . TRP C 13 ? 0.1524 0.2016 0.1837 0.0004  0.0162  -0.0152 13   TRP C N   
449 C  CA  . TRP C 13 ? 0.1606 0.1905 0.1774 -0.0093 0.0073  -0.0143 13   TRP C CA  
450 C  C   . TRP C 13 ? 0.1724 0.1737 0.1956 -0.0109 0.0161  -0.0194 13   TRP C C   
451 O  O   . TRP C 13 ? 0.1934 0.2126 0.1960 -0.0262 0.0244  -0.0064 13   TRP C O   
452 C  CB  . TRP C 13 ? 0.1777 0.1713 0.2091 -0.0129 0.0094  -0.0203 13   TRP C CB  
453 C  CG  . TRP C 13 ? 0.1842 0.1773 0.2007 -0.0221 -0.0042 -0.0411 13   TRP C CG  
454 C  CD1 . TRP C 13 ? 0.1952 0.2106 0.2291 -0.0164 -0.0161 -0.0175 13   TRP C CD1 
455 C  CD2 . TRP C 13 ? 0.1782 0.2048 0.2472 -0.0467 -0.0046 -0.0326 13   TRP C CD2 
456 N  NE1 . TRP C 13 ? 0.1965 0.2369 0.2679 -0.0206 -0.0249 -0.0133 13   TRP C NE1 
457 C  CE2 . TRP C 13 ? 0.1782 0.2154 0.2702 -0.0552 -0.0162 -0.0453 13   TRP C CE2 
458 C  CE3 . TRP C 13 ? 0.1910 0.2397 0.2357 -0.0749 0.0042  -0.0466 13   TRP C CE3 
459 C  CZ2 . TRP C 13 ? 0.1750 0.2771 0.3135 -0.0588 -0.0118 -0.0721 13   TRP C CZ2 
460 C  CZ3 . TRP C 13 ? 0.2182 0.3187 0.2658 -0.0891 0.0267  -0.0595 13   TRP C CZ3 
461 C  CH2 . TRP C 13 ? 0.1747 0.3337 0.3215 -0.0719 0.0305  -0.0667 13   TRP C CH2 
462 N  N   . DLE C 14 ? 0.1548 0.1937 0.2570 -0.0016 0.0138  -0.0118 14   DLE C N   
463 C  CA  . DLE C 14 ? 0.1797 0.2147 0.2914 0.0347  0.0012  -0.0021 14   DLE C CA  
464 C  CB  . DLE C 14 ? 0.2912 0.2512 0.2682 0.0232  -0.0321 0.0022  14   DLE C CB  
465 C  CG  . DLE C 14 ? 0.3384 0.2660 0.2916 0.0474  -0.0596 -0.0045 14   DLE C CG  
466 C  CD1 . DLE C 14 ? 0.3494 0.3998 0.3729 0.0974  -0.1068 -0.0100 14   DLE C CD1 
467 C  CD2 . DLE C 14 ? 0.4687 0.2669 0.3187 -0.0206 -0.0469 0.0319  14   DLE C CD2 
468 C  C   . DLE C 14 ? 0.2067 0.2240 0.2880 0.0357  0.0125  -0.0150 14   DLE C C   
469 O  O   . DLE C 14 ? 0.2707 0.2273 0.3881 0.0125  0.1084  0.0014  14   DLE C O   
470 N  N   . TRP C 15 ? 0.2060 0.2326 0.2504 0.0243  0.0040  -0.0092 15   TRP C N   
471 C  CA  . TRP C 15 ? 0.2221 0.2324 0.2597 0.0190  0.0062  -0.0151 15   TRP C CA  
472 C  C   . TRP C 15 ? 0.2276 0.2594 0.2665 0.0034  0.0186  -0.0363 15   TRP C C   
473 O  O   . TRP C 15 ? 0.2139 0.3333 0.3532 0.0217  -0.0076 -0.0438 15   TRP C O   
474 C  CB  . TRP C 15 ? 0.3165 0.2293 0.3275 0.0229  -0.0256 0.0135  15   TRP C CB  
475 C  CG  . TRP C 15 ? 0.3744 0.2309 0.3830 0.0276  -0.0172 -0.0232 15   TRP C CG  
476 C  CD1 . TRP C 15 ? 0.3948 0.2314 0.4226 0.0128  -0.0132 -0.0721 15   TRP C CD1 
477 C  CD2 . TRP C 15 ? 0.3883 0.2609 0.4134 0.0395  -0.0033 -0.0533 15   TRP C CD2 
478 N  NE1 . TRP C 15 ? 0.4035 0.2293 0.5426 0.0405  -0.0418 -0.0549 15   TRP C NE1 
479 C  CE2 . TRP C 15 ? 0.4155 0.2659 0.5159 0.0530  -0.0200 -0.0836 15   TRP C CE2 
480 C  CE3 . TRP C 15 ? 0.3648 0.3141 0.4667 0.0492  -0.0110 -0.0322 15   TRP C CE3 
481 C  CZ2 . TRP C 15 ? 0.4237 0.2861 0.5912 0.0629  -0.0107 -0.0820 15   TRP C CZ2 
482 C  CZ3 . TRP C 15 ? 0.3996 0.3104 0.5466 0.0612  0.0085  -0.0503 15   TRP C CZ3 
483 C  CH2 . TRP C 15 ? 0.4295 0.3193 0.5964 0.0556  0.0015  -0.0693 15   TRP C CH2 
492 C  C   . FVA D 1  ? 0.2393 0.2471 0.2778 0.0166  0.0710  -0.0297 1    FVA D C   
493 N  N   . FVA D 1  ? 0.2865 0.2610 0.4026 0.0563  0.0070  -0.0699 1    FVA D N   
494 O  O   . FVA D 1  ? 0.2226 0.3097 0.4078 0.0386  0.1110  0.0246  1    FVA D O   
495 C  CA  . FVA D 1  ? 0.3127 0.2528 0.3415 0.0297  0.0744  -0.0006 1    FVA D CA  
496 C  CB  . FVA D 1  ? 0.4146 0.3032 0.3211 -0.0002 0.0541  0.0399  1    FVA D CB  
497 C  CG1 . FVA D 1  ? 0.5387 0.3139 0.3582 0.0108  0.0135  -0.0039 1    FVA D CG1 
498 C  CG2 . FVA D 1  ? 0.7593 0.2942 0.4093 0.1118  0.1178  0.0787  1    FVA D CG2 
499 O  O1  . FVA D 1  ? 0.2346 0.4735 0.7558 0.0504  0.0286  -0.0448 1    FVA D O1  
500 C  CN  . FVA D 1  ? 0.2488 0.3200 0.4883 0.0387  0.0022  -0.0919 1    FVA D CN  
501 N  N   . GLY D 2  ? 0.1893 0.2518 0.2595 0.0035  0.0308  -0.0029 2    GLY D N   
502 C  CA  . GLY D 2  ? 0.1924 0.2502 0.2338 0.0010  0.0456  -0.0009 2    GLY D CA  
503 C  C   . GLY D 2  ? 0.1850 0.2188 0.2445 0.0004  0.0449  -0.0170 2    GLY D C   
504 O  O   . GLY D 2  ? 0.2058 0.2093 0.2583 0.0129  0.0662  -0.0015 2    GLY D O   
505 N  N   . ALA D 3  ? 0.1665 0.2505 0.2300 -0.0133 0.0313  -0.0085 3    ALA D N   
506 C  CA  . ALA D 3  ? 0.1685 0.2325 0.2280 -0.0072 0.0314  -0.0244 3    ALA D CA  
507 C  C   . ALA D 3  ? 0.1578 0.2228 0.2088 -0.0208 0.0383  0.0058  3    ALA D C   
508 O  O   . ALA D 3  ? 0.1932 0.3179 0.2034 0.0112  0.0303  -0.0335 3    ALA D O   
509 C  CB  . ALA D 3  ? 0.2484 0.2148 0.3268 -0.0023 0.0105  -0.0402 3    ALA D CB  
510 N  N   . DLE D 4  ? 0.1630 0.2922 0.1886 -0.0221 0.0383  -0.0084 4    DLE D N   
511 C  CA  . DLE D 4  ? 0.1877 0.3618 0.2131 -0.0354 0.0043  -0.0028 4    DLE D CA  
512 C  CB  . DLE D 4  ? 0.2095 0.4195 0.3019 -0.0450 -0.0421 0.0569  4    DLE D CB  
513 C  CG  . DLE D 4  ? 0.2838 0.4263 0.3549 -0.0400 0.0321  0.0899  4    DLE D CG  
514 C  CD1 . DLE D 4  ? 0.4891 0.5883 0.3427 -0.0253 0.1624  0.0898  4    DLE D CD1 
515 C  CD2 . DLE D 4  ? 0.4087 0.5222 0.3458 -0.0561 -0.0568 0.1620  4    DLE D CD2 
516 C  C   . DLE D 4  ? 0.1698 0.3362 0.1986 -0.0219 0.0185  -0.0459 4    DLE D C   
517 O  O   . DLE D 4  ? 0.1879 0.2787 0.2341 -0.0208 0.0417  -0.0590 4    DLE D O   
518 N  N   . ALA D 5  ? 0.2046 0.3038 0.1635 -0.0005 0.0383  -0.0273 5    ALA D N   
519 C  CA  . ALA D 5  ? 0.2063 0.2804 0.1702 -0.0049 0.0174  -0.0319 5    ALA D CA  
520 C  C   . ALA D 5  ? 0.1871 0.2697 0.2027 0.0053  0.0200  -0.0355 5    ALA D C   
521 O  O   . ALA D 5  ? 0.1872 0.3533 0.2580 0.0339  0.0131  -0.0392 5    ALA D O   
522 C  CB  . ALA D 5  ? 0.2844 0.2688 0.2027 -0.0064 -0.0181 -0.0383 5    ALA D CB  
523 N  N   . DVA D 6  ? 0.1897 0.2138 0.2274 -0.0008 0.0172  -0.0246 6    DVA D N   
524 C  CA  . DVA D 6  ? 0.2154 0.2135 0.2166 -0.0007 -0.0059 -0.0321 6    DVA D CA  
531 C  C   . DVA D 6  ? 0.1663 0.2193 0.2124 -0.0063 -0.0108 -0.0274 6    DVA D C   
532 O  O   . DVA D 6  ? 0.1888 0.2545 0.2505 0.0179  0.0137  0.0167  6    DVA D O   
533 N  N   . VAL D 7  ? 0.2065 0.2168 0.2104 0.0222  0.0014  -0.0337 7    VAL D N   
534 C  CA  . VAL D 7  ? 0.1933 0.2120 0.2151 -0.0030 0.0002  -0.0133 7    VAL D CA  
535 C  C   . VAL D 7  ? 0.1891 0.2145 0.2053 0.0036  0.0089  -0.0181 7    VAL D C   
536 O  O   . VAL D 7  ? 0.1793 0.2645 0.2477 -0.0136 0.0155  -0.0432 7    VAL D O   
543 N  N   . DVA D 8  ? 0.1801 0.1631 0.2271 0.0003  0.0128  0.0004  8    DVA D N   
544 C  CA  . DVA D 8  ? 0.1999 0.1751 0.2043 0.0031  0.0045  0.0028  8    DVA D CA  
551 C  C   . DVA D 8  ? 0.1810 0.1695 0.1749 -0.0249 0.0307  -0.0050 8    DVA D C   
552 O  O   . DVA D 8  ? 0.1812 0.1617 0.2551 -0.0184 0.0331  -0.0042 8    DVA D O   
553 N  N   . TRP D 9  ? 0.1825 0.1591 0.1965 -0.0133 -0.0003 0.0058  9    TRP D N   
554 C  CA  . TRP D 9  ? 0.1701 0.1631 0.1836 -0.0049 -0.0051 0.0062  9    TRP D CA  
555 C  C   . TRP D 9  ? 0.1724 0.1728 0.1660 -0.0077 0.0157  0.0083  9    TRP D C   
556 O  O   . TRP D 9  ? 0.1680 0.2384 0.1857 0.0012  0.0149  0.0109  9    TRP D O   
557 C  CB  . TRP D 9  ? 0.1868 0.1726 0.1677 -0.0081 0.0064  -0.0111 9    TRP D CB  
576 N  N   . DLE D 10 ? 0.1548 0.1848 0.1807 -0.0101 -0.0095 0.0120  10   DLE D N   
577 C  CA  . DLE D 10 ? 0.1747 0.2114 0.1945 -0.0047 -0.0077 0.0210  10   DLE D CA  
578 C  CB  . DLE D 10 ? 0.2063 0.2289 0.2815 -0.0410 -0.0171 0.0579  10   DLE D CB  
585 C  C   . DLE D 10 ? 0.1768 0.1817 0.1592 0.0004  -0.0012 0.0295  10   DLE D C   
586 O  O   . DLE D 10 ? 0.1757 0.2556 0.1938 0.0163  0.0191  0.0342  10   DLE D O   
612 N  N   . DLE D 12 ? 0.1519 0.2191 0.1945 -0.0213 0.0124  -0.0016 12   DLE D N   
613 C  CA  . DLE D 12 ? 0.1873 0.2178 0.1811 -0.0256 0.0146  0.0014  12   DLE D CA  
614 C  CB  . DLE D 12 ? 0.2279 0.3342 0.1899 -0.0317 -0.0125 0.0011  12   DLE D CB  
615 C  CG  . DLE D 12 ? 0.2369 0.3494 0.2619 -0.0207 -0.0285 0.0563  12   DLE D CG  
616 C  CD1 . DLE D 12 ? 0.2644 0.3570 0.3146 -0.0053 -0.0435 0.0285  12   DLE D CD1 
617 C  CD2 . DLE D 12 ? 0.3055 0.3654 0.3211 -0.0570 -0.1091 0.0509  12   DLE D CD2 
618 C  C   . DLE D 12 ? 0.1650 0.2239 0.1999 -0.0335 0.0178  -0.0111 12   DLE D C   
619 O  O   . DLE D 12 ? 0.2051 0.2724 0.2306 0.0187  0.0430  0.0197  12   DLE D O   
620 N  N   . TRP D 13 ? 0.1950 0.2289 0.1786 -0.0357 0.0147  0.0000  13   TRP D N   
621 C  CA  . TRP D 13 ? 0.1650 0.2118 0.1883 -0.0295 0.0168  -0.0120 13   TRP D CA  
622 C  C   . TRP D 13 ? 0.1622 0.2245 0.1903 -0.0228 0.0156  0.0046  13   TRP D C   
623 O  O   . TRP D 13 ? 0.1953 0.2430 0.1892 0.0046  0.0349  0.0053  13   TRP D O   
624 C  CB  . TRP D 13 ? 0.2598 0.2613 0.2350 -0.0686 -0.0152 -0.0384 13   TRP D CB  
625 C  CG  . TRP D 13 ? 0.3139 0.3676 0.2622 -0.1407 -0.0785 -0.0052 13   TRP D CG  
626 C  CD1 . TRP D 13 ? 0.3812 0.4371 0.2500 -0.1337 -0.0739 0.0336  13   TRP D CD1 
627 C  CD2 . TRP D 13 ? 0.3688 0.3748 0.3218 -0.0947 -0.1153 0.0049  13   TRP D CD2 
628 N  NE1 . TRP D 13 ? 0.4365 0.4374 0.2826 -0.1341 -0.1165 0.0369  13   TRP D NE1 
629 C  CE2 . TRP D 13 ? 0.4053 0.3812 0.3395 -0.1399 -0.1416 0.0420  13   TRP D CE2 
630 C  CE3 . TRP D 13 ? 0.3504 0.3951 0.3597 -0.0373 -0.1470 -0.0297 13   TRP D CE3 
631 C  CZ2 . TRP D 13 ? 0.4631 0.3685 0.4065 -0.1153 -0.1870 0.0513  13   TRP D CZ2 
632 C  CZ3 . TRP D 13 ? 0.4199 0.4000 0.4360 -0.0079 -0.1745 0.0120  13   TRP D CZ3 
633 C  CH2 . TRP D 13 ? 0.4658 0.3744 0.4366 -0.0362 -0.2066 0.0275  13   TRP D CH2 
634 N  N   . DLE D 14 ? 0.1476 0.2638 0.1938 0.0045  0.0019  0.0121  14   DLE D N   
635 C  CA  . DLE D 14 ? 0.1392 0.2531 0.1930 -0.0019 0.0170  0.0261  14   DLE D CA  
636 C  CB  . DLE D 14 ? 0.1843 0.2484 0.2566 -0.0090 0.0036  0.0201  14   DLE D CB  
637 C  CG  . DLE D 14 ? 0.1820 0.2498 0.2625 -0.0106 0.0335  0.0290  14   DLE D CG  
638 C  CD1 . DLE D 14 ? 0.1662 0.4770 0.2974 0.0284  0.0020  -0.0030 14   DLE D CD1 
639 C  CD2 . DLE D 14 ? 0.3108 0.2681 0.4955 -0.0454 0.0541  0.0796  14   DLE D CD2 
640 C  C   . DLE D 14 ? 0.1577 0.2631 0.1945 -0.0062 0.0105  0.0154  14   DLE D C   
641 O  O   . DLE D 14 ? 0.1620 0.3199 0.2142 0.0109  0.0012  -0.0487 14   DLE D O   
642 N  N   . TRP D 15 ? 0.1562 0.2530 0.2157 0.0049  -0.0036 -0.0048 15   TRP D N   
643 C  CA  . TRP D 15 ? 0.1564 0.2781 0.2096 -0.0090 0.0168  0.0016  15   TRP D CA  
644 C  C   . TRP D 15 ? 0.2430 0.2722 0.2187 -0.0017 0.0111  -0.0142 15   TRP D C   
645 O  O   . TRP D 15 ? 0.2933 0.2086 0.2786 -0.0341 0.0715  -0.0351 15   TRP D O   
646 C  CB  . TRP D 15 ? 0.1859 0.2890 0.2120 -0.0191 0.0064  0.0056  15   TRP D CB  
647 C  CG  . TRP D 15 ? 0.2140 0.3018 0.2314 -0.0442 -0.0153 0.0263  15   TRP D CG  
648 C  CD1 . TRP D 15 ? 0.2327 0.3316 0.2567 -0.0597 -0.0091 0.0496  15   TRP D CD1 
649 C  CD2 . TRP D 15 ? 0.2050 0.2752 0.2420 -0.0372 -0.0475 0.0548  15   TRP D CD2 
650 N  NE1 . TRP D 15 ? 0.2561 0.3374 0.2964 -0.0683 -0.0029 0.0755  15   TRP D NE1 
651 C  CE2 . TRP D 15 ? 0.2390 0.2897 0.2849 -0.0495 -0.0405 0.0778  15   TRP D CE2 
652 C  CE3 . TRP D 15 ? 0.2228 0.2388 0.2954 -0.0221 -0.0256 0.0523  15   TRP D CE3 
653 C  CZ2 . TRP D 15 ? 0.2683 0.2823 0.3800 -0.0597 -0.0464 0.0752  15   TRP D CZ2 
654 C  CZ3 . TRP D 15 ? 0.2258 0.2383 0.3930 -0.0242 -0.0479 0.0388  15   TRP D CZ3 
655 C  CH2 . TRP D 15 ? 0.2301 0.2481 0.4264 -0.0402 -0.0755 0.0439  15   TRP D CH2 
656 C  CA  . ETA D 16 ? 0.3788 0.3024 0.3546 -0.0048 0.0588  -0.0769 16   ETA D CA  
657 N  N   . ETA D 16 ? 0.2704 0.3006 0.2799 0.0121  0.0276  -0.0311 16   ETA D N   
658 C  C   . ETA D 16 ? 0.3742 0.2840 0.4889 0.0250  0.0166  -0.0350 16   ETA D C   
659 O  O   . ETA D 16 ? 0.4511 0.3835 0.5942 0.0432  -0.0757 -0.0628 16   ETA D O   
660 NA NA  . NA  E .  ? 0.2293 0.2103 0.2057 -0.0043 0.0070  0.0503  1001 NA  A NA  
661 I  I   . IOD F .  ? 0.3713 0.2542 0.1886 0.0412  -0.0037 -0.0243 1020 IOD A I   
662 I  I   . IOD G .  ? 0.1817 0.1633 0.1729 -0.0225 -0.0192 0.0172  1021 IOD A I   
663 I  I   . IOD H .  ? 0.4742 0.2425 0.1913 0.1470  -0.0291 -0.0362 1025 IOD A I   
664 C  C   . MOH I .  ? 0.2967 0.0889 0.1896 -0.0656 -0.0341 0.0316  3001 MOH A C   
665 O  O   . MOH I .  ? 0.4064 0.1688 0.2280 -0.0384 -0.0064 0.0149  3001 MOH A O   
666 NA NA  . NA  J .  ? 0.2635 0.2122 0.1866 0.0002  0.0504  0.0148  1000 NA  B NA  
667 I  I   . IOD K .  ? 0.5902 0.1831 0.2371 0.0013  0.0919  0.0242  1026 IOD B I   
668 C  C   . MOH L .  ? 0.3738 0.3983 0.4166 -0.1635 -0.1033 0.1177  2000 MOH B C   
669 O  O   . MOH L .  ? 0.3781 0.4844 0.4660 -0.0962 -0.0917 0.1032  2000 MOH B O   
670 C  C   . MOH M .  ? 0.3165 0.2610 0.4677 0.0786  -0.0458 -0.0200 3002 MOH B C   
671 O  O   . MOH M .  ? 0.2564 0.2080 0.4525 0.1243  -0.0120 -0.0146 3002 MOH B O   
672 NA NA  . NA  N .  ? 0.1961 0.1727 0.1534 0.0177  -0.0022 -0.0065 1011 NA  C NA  
673 I  I   . IOD O .  ? 0.1627 0.2131 0.5287 -0.0437 -0.0612 0.0115  1024 IOD C I   
674 NA NA  . NA  P .  ? 0.2085 0.3053 0.1781 -0.0716 -0.0083 -0.0009 1010 NA  D NA  
675 I  I   . IOD Q .  ? 0.1001 0.2232 0.1563 -0.0194 -0.0098 0.0239  1022 IOD D I   
676 I  I   . IOD R .  ? 0.1968 0.1786 0.1974 0.0101  0.0290  0.0348  1023 IOD D I   
677 O  O   . HOH S .  ? 0.1941 0.4696 0.1610 0.1056  0.0444  0.0261  2001 HOH A O   
678 O  O   . HOH S .  ? 0.2517 0.3873 0.6942 -0.0306 -0.0801 0.2085  2002 HOH A O   
679 O  O   . HOH S .  ? 0.1200 0.4794 0.2684 0.0049  0.0191  -0.0430 2003 HOH A O   
680 O  O   . HOH S .  ? 0.2489 0.2135 0.3907 -0.0349 0.1952  -0.1003 2004 HOH A O   
681 O  O   . HOH S .  ? 0.1834 0.1689 0.1315 -0.0592 -0.0767 0.0471  2005 HOH A O   
682 O  O   . HOH T .  ? 0.5812 0.4959 0.2695 0.0565  -0.1121 0.0070  2001 HOH B O   
683 O  O   . HOH T .  ? 0.6411 0.3313 0.4660 0.0960  0.1637  -0.2085 2002 HOH B O   
684 O  O   . HOH T .  ? 0.3430 0.2774 0.4721 -0.0183 -0.0772 -0.0273 2003 HOH B O   
685 O  O   . HOH T .  ? 0.4383 0.3826 0.3571 -0.0580 0.1457  -0.1009 2004 HOH B O   
686 O  O   . HOH T .  ? 0.3044 0.2310 0.2554 -0.0122 0.0620  -0.0309 2005 HOH B O   
687 O  O   . HOH T .  ? 0.2729 0.2413 0.2745 0.0176  -0.0264 0.0123  2006 HOH B O   
688 O  O   . HOH T .  ? 0.2219 0.2321 0.1737 0.0036  -0.0535 -0.0164 2007 HOH B O   
689 O  O   . HOH T .  ? 0.2321 0.2335 0.2023 0.0134  -0.0406 -0.0136 2008 HOH B O   
690 O  O   . HOH T .  ? 0.2585 0.2199 0.2195 -0.0388 0.0376  -0.0307 2009 HOH B O   
691 O  O   . HOH T .  ? 0.2475 0.2143 0.2005 -0.0704 0.0353  -0.0208 2010 HOH B O   
692 O  O   . HOH T .  ? 0.2544 0.2362 0.1882 0.0012  -0.0307 -0.0148 2011 HOH B O   
693 O  O   . HOH T .  ? 0.2602 0.2481 0.2261 0.0283  0.0428  -0.0110 2012 HOH B O   
694 O  O   . HOH T .  ? 0.3041 0.1642 0.0968 0.0702  0.0977  -0.0010 2013 HOH B O   
695 O  O   . HOH T .  ? 0.1174 0.1721 0.1519 -0.0016 -0.0339 0.0082  2014 HOH B O   
696 O  O   . HOH U .  ? 1.0804 0.9803 0.2918 0.2365  0.0483  -0.0960 2001 HOH C O   
697 O  O   . HOH U .  ? 0.2671 0.4222 0.2869 -0.0720 0.0765  0.0192  2002 HOH C O   
698 O  O   . HOH U .  ? 0.3475 0.2012 0.1189 0.0213  -0.0067 -0.0312 2003 HOH C O   
699 O  O   . HOH U .  ? 0.3692 0.1607 0.3897 0.0741  -0.1559 -0.0398 2004 HOH C O   
700 O  O   . HOH U .  ? 0.2996 0.2399 0.1532 0.0546  -0.0200 0.0099  2005 HOH C O   
701 O  O   . HOH U .  ? 0.3084 0.2423 0.1436 -0.0069 -0.0196 -0.0232 2006 HOH C O   
702 O  O   . HOH U .  ? 0.1682 0.2832 0.1457 -0.0222 -0.0283 -0.0120 2007 HOH C O   
703 O  O   . HOH U .  ? 0.4736 0.3941 0.2815 0.0686  0.0308  -0.0137 2008 HOH C O   
704 O  O   . HOH U .  ? 0.4577 0.2435 0.2239 0.1514  -0.0628 -0.0338 2009 HOH C O   
705 O  O   . HOH V .  ? 0.1301 0.3315 0.3069 -0.0937 -0.0071 -0.0247 2001 HOH D O   
706 O  O   . HOH V .  ? 0.4069 0.3047 0.9640 -0.1570 0.0878  -0.2586 2002 HOH D O   
707 O  O   . HOH V .  ? 0.1361 0.3240 0.2592 -0.0771 -0.0503 -0.0440 2003 HOH D O   
708 O  O   . HOH V .  ? 0.2037 0.3135 0.2047 -0.0716 -0.0087 -0.0473 2004 HOH D O   
709 O  O   . HOH V .  ? 0.2601 0.3584 0.4765 -0.0928 -0.0298 0.0145  2005 HOH D O   
710 O  O   . HOH V .  ? 0.8067 0.1605 0.5905 0.0678  0.4390  -0.0754 2006 HOH D O   
711 O  O   . HOH V .  ? 0.1382 0.2826 0.1045 -0.0236 -0.0416 -0.0325 2007 HOH D O   
712 O  O   . HOH V .  ? 0.1477 0.2053 0.1347 -0.0151 -0.0342 -0.0076 2008 HOH D O   
713 O  O   . HOH V .  ? 0.2940 0.2497 0.1431 0.0541  -0.0342 -0.0250 2009 HOH D O   
714 O  O   . HOH V .  ? 0.3525 0.2178 0.1347 0.0124  -0.0212 -0.0289 2010 HOH D O   
715 O  O   . HOH V .  ? 0.2385 0.2581 0.1490 0.0699  -0.0279 0.0240  2011 HOH D O   
716 O  O   . HOH V .  ? 0.4741 0.1785 0.2739 0.0149  -0.1068 -0.0700 2012 HOH D O   
717 O  O   . HOH V .  ? 0.3191 0.2327 0.1105 0.0132  -0.0426 -0.0408 2013 HOH D O   
718 O  O   . HOH V .  ? 0.5836 0.1651 0.5991 0.2225  -0.5206 -0.2023 2014 HOH D O   
# 
